data_5Z59
# 
_entry.id   5Z59 
# 
_audit_conform.dict_name       mmcif_pdbx.dic 
_audit_conform.dict_version    5.380 
_audit_conform.dict_location   http://mmcif.pdb.org/dictionaries/ascii/mmcif_pdbx.dic 
# 
loop_
_database_2.database_id 
_database_2.database_code 
_database_2.pdbx_database_accession 
_database_2.pdbx_DOI 
PDB   5Z59         pdb_00005z59 10.2210/pdb5z59/pdb 
WWPDB D_1300006504 ?            ?                   
# 
_pdbx_database_status.status_code                     REL 
_pdbx_database_status.status_code_sf                  REL 
_pdbx_database_status.status_code_mr                  ? 
_pdbx_database_status.entry_id                        5Z59 
_pdbx_database_status.recvd_initial_deposition_date   2018-01-17 
_pdbx_database_status.SG_entry                        N 
_pdbx_database_status.deposit_site                    PDBJ 
_pdbx_database_status.process_site                    PDBJ 
_pdbx_database_status.status_code_cs                  ? 
_pdbx_database_status.methods_development_category    ? 
_pdbx_database_status.pdb_format_compatible           Y 
_pdbx_database_status.status_code_nmr_data            ? 
# 
loop_
_audit_author.name 
_audit_author.pdbx_ordinal 
_audit_author.identifier_ORCID 
'Ku, B.'    1 ? 
'Yun, H.Y.' 2 ? 
'Kim, S.J.' 3 ? 
# 
_citation.abstract                  ? 
_citation.abstract_id_CAS           ? 
_citation.book_id_ISBN              ? 
_citation.book_publisher            ? 
_citation.book_publisher_city       ? 
_citation.book_title                ? 
_citation.coordinate_linkage        ? 
_citation.country                   US 
_citation.database_id_Medline       ? 
_citation.details                   ? 
_citation.id                        primary 
_citation.journal_abbrev            'PLoS ONE' 
_citation.journal_id_ASTM           ? 
_citation.journal_id_CSD            ? 
_citation.journal_id_ISSN           1932-6203 
_citation.journal_full              ? 
_citation.journal_issue             ? 
_citation.journal_volume            13 
_citation.language                  ? 
_citation.page_first                e0197635 
_citation.page_last                 e0197635 
_citation.title                     
;Structural study reveals the temperature-dependent conformational flexibility of Tk-PTP, a protein tyrosine phosphatase from Thermococcus kodakaraensis KOD1
;
_citation.year                      2018 
_citation.database_id_CSD           ? 
_citation.pdbx_database_id_DOI      10.1371/journal.pone.0197635 
_citation.pdbx_database_id_PubMed   29791483 
_citation.unpublished_flag          ? 
# 
loop_
_citation_author.citation_id 
_citation_author.name 
_citation_author.ordinal 
_citation_author.identifier_ORCID 
primary 'Yun, H.Y.'  1 ? 
primary 'Lee, J.'    2 ? 
primary 'Kim, H.'    3 ? 
primary 'Ryu, H.'    4 ? 
primary 'Shin, H.C.' 5 ? 
primary 'Oh, B.H.'   6 ? 
primary 'Ku, B.'     7 ? 
primary 'Kim, S.J.'  8 ? 
# 
_cell.angle_alpha                  90.00 
_cell.angle_alpha_esd              ? 
_cell.angle_beta                   90.00 
_cell.angle_beta_esd               ? 
_cell.angle_gamma                  90.00 
_cell.angle_gamma_esd              ? 
_cell.entry_id                     5Z59 
_cell.details                      ? 
_cell.formula_units_Z              ? 
_cell.length_a                     29.473 
_cell.length_a_esd                 ? 
_cell.length_b                     50.638 
_cell.length_b_esd                 ? 
_cell.length_c                     78.538 
_cell.length_c_esd                 ? 
_cell.volume                       ? 
_cell.volume_esd                   ? 
_cell.Z_PDB                        4 
_cell.reciprocal_angle_alpha       ? 
_cell.reciprocal_angle_beta        ? 
_cell.reciprocal_angle_gamma       ? 
_cell.reciprocal_angle_alpha_esd   ? 
_cell.reciprocal_angle_beta_esd    ? 
_cell.reciprocal_angle_gamma_esd   ? 
_cell.reciprocal_length_a          ? 
_cell.reciprocal_length_b          ? 
_cell.reciprocal_length_c          ? 
_cell.reciprocal_length_a_esd      ? 
_cell.reciprocal_length_b_esd      ? 
_cell.reciprocal_length_c_esd      ? 
_cell.pdbx_unique_axis             ? 
# 
_symmetry.entry_id                         5Z59 
_symmetry.cell_setting                     ? 
_symmetry.Int_Tables_number                19 
_symmetry.space_group_name_Hall            ? 
_symmetry.space_group_name_H-M             'P 21 21 21' 
_symmetry.pdbx_full_space_group_name_H-M   ? 
# 
loop_
_entity.id 
_entity.type 
_entity.src_method 
_entity.pdbx_description 
_entity.formula_weight 
_entity.pdbx_number_of_molecules 
_entity.pdbx_ec 
_entity.pdbx_mutation 
_entity.pdbx_fragment 
_entity.details 
1 polymer man 'Protein-tyrosine phosphatase' 16977.559 1   ? ? ? ? 
2 water   nat water                          18.015    106 ? ? ? ? 
# 
_entity_poly.entity_id                      1 
_entity_poly.type                           'polypeptide(L)' 
_entity_poly.nstd_linkage                   no 
_entity_poly.nstd_monomer                   no 
_entity_poly.pdbx_seq_one_letter_code       
;MWPSAKFIDGRVAFSRMPAERELDEVARDFDAVVVLVEDYELPYSLDEWEKRGVEVLHGPIPDFTAPSVEQLLEILRWIE
ERVREGKKVLIHCMGGLGRSGTVGVAWLMYSRGLSLREALMEVRRKRPGAVETQEQMEVLKELEERI
;
_entity_poly.pdbx_seq_one_letter_code_can   
;MWPSAKFIDGRVAFSRMPAERELDEVARDFDAVVVLVEDYELPYSLDEWEKRGVEVLHGPIPDFTAPSVEQLLEILRWIE
ERVREGKKVLIHCMGGLGRSGTVGVAWLMYSRGLSLREALMEVRRKRPGAVETQEQMEVLKELEERI
;
_entity_poly.pdbx_strand_id                 A 
_entity_poly.pdbx_target_identifier         ? 
# 
loop_
_entity_poly_seq.entity_id 
_entity_poly_seq.num 
_entity_poly_seq.mon_id 
_entity_poly_seq.hetero 
1 1   MET n 
1 2   TRP n 
1 3   PRO n 
1 4   SER n 
1 5   ALA n 
1 6   LYS n 
1 7   PHE n 
1 8   ILE n 
1 9   ASP n 
1 10  GLY n 
1 11  ARG n 
1 12  VAL n 
1 13  ALA n 
1 14  PHE n 
1 15  SER n 
1 16  ARG n 
1 17  MET n 
1 18  PRO n 
1 19  ALA n 
1 20  GLU n 
1 21  ARG n 
1 22  GLU n 
1 23  LEU n 
1 24  ASP n 
1 25  GLU n 
1 26  VAL n 
1 27  ALA n 
1 28  ARG n 
1 29  ASP n 
1 30  PHE n 
1 31  ASP n 
1 32  ALA n 
1 33  VAL n 
1 34  VAL n 
1 35  VAL n 
1 36  LEU n 
1 37  VAL n 
1 38  GLU n 
1 39  ASP n 
1 40  TYR n 
1 41  GLU n 
1 42  LEU n 
1 43  PRO n 
1 44  TYR n 
1 45  SER n 
1 46  LEU n 
1 47  ASP n 
1 48  GLU n 
1 49  TRP n 
1 50  GLU n 
1 51  LYS n 
1 52  ARG n 
1 53  GLY n 
1 54  VAL n 
1 55  GLU n 
1 56  VAL n 
1 57  LEU n 
1 58  HIS n 
1 59  GLY n 
1 60  PRO n 
1 61  ILE n 
1 62  PRO n 
1 63  ASP n 
1 64  PHE n 
1 65  THR n 
1 66  ALA n 
1 67  PRO n 
1 68  SER n 
1 69  VAL n 
1 70  GLU n 
1 71  GLN n 
1 72  LEU n 
1 73  LEU n 
1 74  GLU n 
1 75  ILE n 
1 76  LEU n 
1 77  ARG n 
1 78  TRP n 
1 79  ILE n 
1 80  GLU n 
1 81  GLU n 
1 82  ARG n 
1 83  VAL n 
1 84  ARG n 
1 85  GLU n 
1 86  GLY n 
1 87  LYS n 
1 88  LYS n 
1 89  VAL n 
1 90  LEU n 
1 91  ILE n 
1 92  HIS n 
1 93  CYS n 
1 94  MET n 
1 95  GLY n 
1 96  GLY n 
1 97  LEU n 
1 98  GLY n 
1 99  ARG n 
1 100 SER n 
1 101 GLY n 
1 102 THR n 
1 103 VAL n 
1 104 GLY n 
1 105 VAL n 
1 106 ALA n 
1 107 TRP n 
1 108 LEU n 
1 109 MET n 
1 110 TYR n 
1 111 SER n 
1 112 ARG n 
1 113 GLY n 
1 114 LEU n 
1 115 SER n 
1 116 LEU n 
1 117 ARG n 
1 118 GLU n 
1 119 ALA n 
1 120 LEU n 
1 121 MET n 
1 122 GLU n 
1 123 VAL n 
1 124 ARG n 
1 125 ARG n 
1 126 LYS n 
1 127 ARG n 
1 128 PRO n 
1 129 GLY n 
1 130 ALA n 
1 131 VAL n 
1 132 GLU n 
1 133 THR n 
1 134 GLN n 
1 135 GLU n 
1 136 GLN n 
1 137 MET n 
1 138 GLU n 
1 139 VAL n 
1 140 LEU n 
1 141 LYS n 
1 142 GLU n 
1 143 LEU n 
1 144 GLU n 
1 145 GLU n 
1 146 ARG n 
1 147 ILE n 
# 
_entity_src_gen.entity_id                          1 
_entity_src_gen.pdbx_src_id                        1 
_entity_src_gen.pdbx_alt_source_flag               sample 
_entity_src_gen.pdbx_seq_type                      'Biological sequence' 
_entity_src_gen.pdbx_beg_seq_num                   1 
_entity_src_gen.pdbx_end_seq_num                   147 
_entity_src_gen.gene_src_common_name               'Pyrococcus kodakaraensis (strain KOD1)' 
_entity_src_gen.gene_src_genus                     ? 
_entity_src_gen.pdbx_gene_src_gene                 'Tk-ptp, TK0241' 
_entity_src_gen.gene_src_species                   ? 
_entity_src_gen.gene_src_strain                    'ATCC BAA-918 / JCM 12380 / KOD1' 
_entity_src_gen.gene_src_tissue                    ? 
_entity_src_gen.gene_src_tissue_fraction           ? 
_entity_src_gen.gene_src_details                   ? 
_entity_src_gen.pdbx_gene_src_fragment             ? 
_entity_src_gen.pdbx_gene_src_scientific_name      'Thermococcus kodakarensis (strain ATCC BAA-918 / JCM 12380 / KOD1)' 
_entity_src_gen.pdbx_gene_src_ncbi_taxonomy_id     69014 
_entity_src_gen.pdbx_gene_src_variant              ? 
_entity_src_gen.pdbx_gene_src_cell_line            ? 
_entity_src_gen.pdbx_gene_src_atcc                 ? 
_entity_src_gen.pdbx_gene_src_organ                ? 
_entity_src_gen.pdbx_gene_src_organelle            ? 
_entity_src_gen.pdbx_gene_src_cell                 ? 
_entity_src_gen.pdbx_gene_src_cellular_location    ? 
_entity_src_gen.host_org_common_name               ? 
_entity_src_gen.pdbx_host_org_scientific_name      'Escherichia coli' 
_entity_src_gen.pdbx_host_org_ncbi_taxonomy_id     562 
_entity_src_gen.host_org_genus                     ? 
_entity_src_gen.pdbx_host_org_gene                 ? 
_entity_src_gen.pdbx_host_org_organ                ? 
_entity_src_gen.host_org_species                   ? 
_entity_src_gen.pdbx_host_org_tissue               ? 
_entity_src_gen.pdbx_host_org_tissue_fraction      ? 
_entity_src_gen.pdbx_host_org_strain               ? 
_entity_src_gen.pdbx_host_org_variant              ? 
_entity_src_gen.pdbx_host_org_cell_line            ? 
_entity_src_gen.pdbx_host_org_atcc                 ? 
_entity_src_gen.pdbx_host_org_culture_collection   ? 
_entity_src_gen.pdbx_host_org_cell                 ? 
_entity_src_gen.pdbx_host_org_organelle            ? 
_entity_src_gen.pdbx_host_org_cellular_location    ? 
_entity_src_gen.pdbx_host_org_vector_type          ? 
_entity_src_gen.pdbx_host_org_vector               ? 
_entity_src_gen.host_org_details                   ? 
_entity_src_gen.expression_system_id               ? 
_entity_src_gen.plasmid_name                       ? 
_entity_src_gen.plasmid_details                    ? 
_entity_src_gen.pdbx_description                   ? 
# 
_struct_ref.id                         1 
_struct_ref.db_name                    UNP 
_struct_ref.db_code                    Q8X270_THEKO 
_struct_ref.pdbx_db_accession          Q8X270 
_struct_ref.pdbx_db_isoform            ? 
_struct_ref.entity_id                  1 
_struct_ref.pdbx_seq_one_letter_code   
;MWPSAKFIDGRVAFSRMPAERELDEVARDFDAVVVLVEDYELPYSLDEWEKRGVEVLHGPIPDFTAPSVEQLLEILRWIE
ERVREGKKVLIHCMGGLGRSGTVGVAWLMYSRGLSLREALMEVRRKRPGAVETQEQMEVLKELEERI
;
_struct_ref.pdbx_align_begin           1 
# 
_struct_ref_seq.align_id                      1 
_struct_ref_seq.ref_id                        1 
_struct_ref_seq.pdbx_PDB_id_code              5Z59 
_struct_ref_seq.pdbx_strand_id                A 
_struct_ref_seq.seq_align_beg                 1 
_struct_ref_seq.pdbx_seq_align_beg_ins_code   ? 
_struct_ref_seq.seq_align_end                 147 
_struct_ref_seq.pdbx_seq_align_end_ins_code   ? 
_struct_ref_seq.pdbx_db_accession             Q8X270 
_struct_ref_seq.db_align_beg                  1 
_struct_ref_seq.pdbx_db_align_beg_ins_code    ? 
_struct_ref_seq.db_align_end                  147 
_struct_ref_seq.pdbx_db_align_end_ins_code    ? 
_struct_ref_seq.pdbx_auth_seq_align_beg       1 
_struct_ref_seq.pdbx_auth_seq_align_end       147 
# 
loop_
_chem_comp.id 
_chem_comp.type 
_chem_comp.mon_nstd_flag 
_chem_comp.name 
_chem_comp.pdbx_synonyms 
_chem_comp.formula 
_chem_comp.formula_weight 
ALA 'L-peptide linking' y ALANINE         ? 'C3 H7 N O2'     89.093  
ARG 'L-peptide linking' y ARGININE        ? 'C6 H15 N4 O2 1' 175.209 
ASP 'L-peptide linking' y 'ASPARTIC ACID' ? 'C4 H7 N O4'     133.103 
CYS 'L-peptide linking' y CYSTEINE        ? 'C3 H7 N O2 S'   121.158 
GLN 'L-peptide linking' y GLUTAMINE       ? 'C5 H10 N2 O3'   146.144 
GLU 'L-peptide linking' y 'GLUTAMIC ACID' ? 'C5 H9 N O4'     147.129 
GLY 'peptide linking'   y GLYCINE         ? 'C2 H5 N O2'     75.067  
HIS 'L-peptide linking' y HISTIDINE       ? 'C6 H10 N3 O2 1' 156.162 
HOH non-polymer         . WATER           ? 'H2 O'           18.015  
ILE 'L-peptide linking' y ISOLEUCINE      ? 'C6 H13 N O2'    131.173 
LEU 'L-peptide linking' y LEUCINE         ? 'C6 H13 N O2'    131.173 
LYS 'L-peptide linking' y LYSINE          ? 'C6 H15 N2 O2 1' 147.195 
MET 'L-peptide linking' y METHIONINE      ? 'C5 H11 N O2 S'  149.211 
PHE 'L-peptide linking' y PHENYLALANINE   ? 'C9 H11 N O2'    165.189 
PRO 'L-peptide linking' y PROLINE         ? 'C5 H9 N O2'     115.130 
SER 'L-peptide linking' y SERINE          ? 'C3 H7 N O3'     105.093 
THR 'L-peptide linking' y THREONINE       ? 'C4 H9 N O3'     119.119 
TRP 'L-peptide linking' y TRYPTOPHAN      ? 'C11 H12 N2 O2'  204.225 
TYR 'L-peptide linking' y TYROSINE        ? 'C9 H11 N O3'    181.189 
VAL 'L-peptide linking' y VALINE          ? 'C5 H11 N O2'    117.146 
# 
_exptl.absorpt_coefficient_mu     ? 
_exptl.absorpt_correction_T_max   ? 
_exptl.absorpt_correction_T_min   ? 
_exptl.absorpt_correction_type    ? 
_exptl.absorpt_process_details    ? 
_exptl.entry_id                   5Z59 
_exptl.crystals_number            1 
_exptl.details                    ? 
_exptl.method                     'X-RAY DIFFRACTION' 
_exptl.method_details             ? 
# 
_exptl_crystal.colour                      ? 
_exptl_crystal.density_diffrn              ? 
_exptl_crystal.density_Matthews            1.73 
_exptl_crystal.density_method              ? 
_exptl_crystal.density_percent_sol         28.74 
_exptl_crystal.description                 ? 
_exptl_crystal.F_000                       ? 
_exptl_crystal.id                          1 
_exptl_crystal.preparation                 ? 
_exptl_crystal.size_max                    ? 
_exptl_crystal.size_mid                    ? 
_exptl_crystal.size_min                    ? 
_exptl_crystal.size_rad                    ? 
_exptl_crystal.colour_lustre               ? 
_exptl_crystal.colour_modifier             ? 
_exptl_crystal.colour_primary              ? 
_exptl_crystal.density_meas                ? 
_exptl_crystal.density_meas_esd            ? 
_exptl_crystal.density_meas_gt             ? 
_exptl_crystal.density_meas_lt             ? 
_exptl_crystal.density_meas_temp           ? 
_exptl_crystal.density_meas_temp_esd       ? 
_exptl_crystal.density_meas_temp_gt        ? 
_exptl_crystal.density_meas_temp_lt        ? 
_exptl_crystal.pdbx_crystal_image_url      ? 
_exptl_crystal.pdbx_crystal_image_format   ? 
_exptl_crystal.pdbx_mosaicity              ? 
_exptl_crystal.pdbx_mosaicity_esd          ? 
# 
_exptl_crystal_grow.apparatus       ? 
_exptl_crystal_grow.atmosphere      ? 
_exptl_crystal_grow.crystal_id      1 
_exptl_crystal_grow.details         ? 
_exptl_crystal_grow.method          'VAPOR DIFFUSION, SITTING DROP' 
_exptl_crystal_grow.method_ref      ? 
_exptl_crystal_grow.pH              ? 
_exptl_crystal_grow.pressure        ? 
_exptl_crystal_grow.pressure_esd    ? 
_exptl_crystal_grow.seeding         ? 
_exptl_crystal_grow.seeding_ref     ? 
_exptl_crystal_grow.temp            293 
_exptl_crystal_grow.temp_details    ? 
_exptl_crystal_grow.temp_esd        ? 
_exptl_crystal_grow.time            ? 
_exptl_crystal_grow.pdbx_details    '0.1M sodium citrate (pH 5.4), 8%(w/v) polyethylene glycol 10000, 14%(v/v) dioxane' 
_exptl_crystal_grow.pdbx_pH_range   ? 
# 
_diffrn.ambient_environment    ? 
_diffrn.ambient_temp           93 
_diffrn.ambient_temp_details   ? 
_diffrn.ambient_temp_esd       ? 
_diffrn.crystal_id             1 
_diffrn.crystal_support        ? 
_diffrn.crystal_treatment      ? 
_diffrn.details                ? 
_diffrn.id                     1 
_diffrn.ambient_pressure       ? 
_diffrn.ambient_pressure_esd   ? 
_diffrn.ambient_pressure_gt    ? 
_diffrn.ambient_pressure_lt    ? 
_diffrn.ambient_temp_gt        ? 
_diffrn.ambient_temp_lt        ? 
# 
_diffrn_detector.details                      ? 
_diffrn_detector.detector                     CCD 
_diffrn_detector.diffrn_id                    1 
_diffrn_detector.type                         'ADSC QUANTUM 270' 
_diffrn_detector.area_resol_mean              ? 
_diffrn_detector.dtime                        ? 
_diffrn_detector.pdbx_frames_total            ? 
_diffrn_detector.pdbx_collection_time_total   ? 
_diffrn_detector.pdbx_collection_date         2017-03-17 
# 
_diffrn_radiation.collimation                      ? 
_diffrn_radiation.diffrn_id                        1 
_diffrn_radiation.filter_edge                      ? 
_diffrn_radiation.inhomogeneity                    ? 
_diffrn_radiation.monochromator                    ? 
_diffrn_radiation.polarisn_norm                    ? 
_diffrn_radiation.polarisn_ratio                   ? 
_diffrn_radiation.probe                            ? 
_diffrn_radiation.type                             ? 
_diffrn_radiation.xray_symbol                      ? 
_diffrn_radiation.wavelength_id                    1 
_diffrn_radiation.pdbx_monochromatic_or_laue_m_l   M 
_diffrn_radiation.pdbx_wavelength_list             ? 
_diffrn_radiation.pdbx_wavelength                  ? 
_diffrn_radiation.pdbx_diffrn_protocol             'SINGLE WAVELENGTH' 
_diffrn_radiation.pdbx_analyzer                    ? 
_diffrn_radiation.pdbx_scattering_type             x-ray 
# 
_diffrn_radiation_wavelength.id           1 
_diffrn_radiation_wavelength.wavelength   0.987 
_diffrn_radiation_wavelength.wt           1.0 
# 
_diffrn_source.current                     ? 
_diffrn_source.details                     ? 
_diffrn_source.diffrn_id                   1 
_diffrn_source.power                       ? 
_diffrn_source.size                        ? 
_diffrn_source.source                      SYNCHROTRON 
_diffrn_source.target                      ? 
_diffrn_source.type                        'PAL/PLS BEAMLINE 5C (4A)' 
_diffrn_source.voltage                     ? 
_diffrn_source.take-off_angle              ? 
_diffrn_source.pdbx_wavelength_list        0.987 
_diffrn_source.pdbx_wavelength             ? 
_diffrn_source.pdbx_synchrotron_beamline   '5C (4A)' 
_diffrn_source.pdbx_synchrotron_site       PAL/PLS 
# 
_reflns.B_iso_Wilson_estimate            ? 
_reflns.entry_id                         5Z59 
_reflns.data_reduction_details           ? 
_reflns.data_reduction_method            ? 
_reflns.d_resolution_high                1.70 
_reflns.d_resolution_low                 50.0 
_reflns.details                          ? 
_reflns.limit_h_max                      ? 
_reflns.limit_h_min                      ? 
_reflns.limit_k_max                      ? 
_reflns.limit_k_min                      ? 
_reflns.limit_l_max                      ? 
_reflns.limit_l_min                      ? 
_reflns.number_all                       ? 
_reflns.number_obs                       13111 
_reflns.observed_criterion               ? 
_reflns.observed_criterion_F_max         ? 
_reflns.observed_criterion_F_min         ? 
_reflns.observed_criterion_I_max         ? 
_reflns.observed_criterion_I_min         ? 
_reflns.observed_criterion_sigma_F       ? 
_reflns.observed_criterion_sigma_I       ? 
_reflns.percent_possible_obs             97.2 
_reflns.R_free_details                   ? 
_reflns.Rmerge_F_all                     ? 
_reflns.Rmerge_F_obs                     ? 
_reflns.Friedel_coverage                 ? 
_reflns.number_gt                        ? 
_reflns.threshold_expression             ? 
_reflns.pdbx_redundancy                  5.4 
_reflns.pdbx_Rmerge_I_obs                ? 
_reflns.pdbx_Rmerge_I_all                ? 
_reflns.pdbx_Rsym_value                  ? 
_reflns.pdbx_netI_over_av_sigmaI         ? 
_reflns.pdbx_netI_over_sigmaI            46.0 
_reflns.pdbx_res_netI_over_av_sigmaI_2   ? 
_reflns.pdbx_res_netI_over_sigmaI_2      ? 
_reflns.pdbx_chi_squared                 ? 
_reflns.pdbx_scaling_rejects             ? 
_reflns.pdbx_d_res_high_opt              ? 
_reflns.pdbx_d_res_low_opt               ? 
_reflns.pdbx_d_res_opt_method            ? 
_reflns.phase_calculation_details        ? 
_reflns.pdbx_Rrim_I_all                  ? 
_reflns.pdbx_Rpim_I_all                  ? 
_reflns.pdbx_d_opt                       ? 
_reflns.pdbx_number_measured_all         ? 
_reflns.pdbx_diffrn_id                   1 
_reflns.pdbx_ordinal                     1 
_reflns.pdbx_CC_half                     ? 
_reflns.pdbx_R_split                     ? 
# 
_reflns_shell.d_res_high                  1.70 
_reflns_shell.d_res_low                   1.73 
_reflns_shell.meanI_over_sigI_all         ? 
_reflns_shell.meanI_over_sigI_obs         ? 
_reflns_shell.number_measured_all         ? 
_reflns_shell.number_measured_obs         ? 
_reflns_shell.number_possible             ? 
_reflns_shell.number_unique_all           ? 
_reflns_shell.number_unique_obs           ? 
_reflns_shell.percent_possible_all        ? 
_reflns_shell.percent_possible_obs        ? 
_reflns_shell.Rmerge_F_all                ? 
_reflns_shell.Rmerge_F_obs                ? 
_reflns_shell.Rmerge_I_all                ? 
_reflns_shell.Rmerge_I_obs                ? 
_reflns_shell.meanI_over_sigI_gt          ? 
_reflns_shell.meanI_over_uI_all           ? 
_reflns_shell.meanI_over_uI_gt            ? 
_reflns_shell.number_measured_gt          ? 
_reflns_shell.number_unique_gt            ? 
_reflns_shell.percent_possible_gt         ? 
_reflns_shell.Rmerge_F_gt                 ? 
_reflns_shell.Rmerge_I_gt                 ? 
_reflns_shell.pdbx_redundancy             ? 
_reflns_shell.pdbx_Rsym_value             ? 
_reflns_shell.pdbx_chi_squared            ? 
_reflns_shell.pdbx_netI_over_sigmaI_all   ? 
_reflns_shell.pdbx_netI_over_sigmaI_obs   ? 
_reflns_shell.pdbx_Rrim_I_all             ? 
_reflns_shell.pdbx_Rpim_I_all             ? 
_reflns_shell.pdbx_rejects                ? 
_reflns_shell.pdbx_ordinal                1 
_reflns_shell.pdbx_diffrn_id              1 
_reflns_shell.pdbx_CC_half                ? 
_reflns_shell.pdbx_R_split                ? 
# 
_refine.aniso_B[1][1]                            ? 
_refine.aniso_B[1][2]                            ? 
_refine.aniso_B[1][3]                            ? 
_refine.aniso_B[2][2]                            ? 
_refine.aniso_B[2][3]                            ? 
_refine.aniso_B[3][3]                            ? 
_refine.B_iso_max                                ? 
_refine.B_iso_mean                               ? 
_refine.B_iso_min                                ? 
_refine.correlation_coeff_Fo_to_Fc               ? 
_refine.correlation_coeff_Fo_to_Fc_free          ? 
_refine.details                                  ? 
_refine.diff_density_max                         ? 
_refine.diff_density_max_esd                     ? 
_refine.diff_density_min                         ? 
_refine.diff_density_min_esd                     ? 
_refine.diff_density_rms                         ? 
_refine.diff_density_rms_esd                     ? 
_refine.entry_id                                 5Z59 
_refine.pdbx_refine_id                           'X-RAY DIFFRACTION' 
_refine.ls_abs_structure_details                 ? 
_refine.ls_abs_structure_Flack                   ? 
_refine.ls_abs_structure_Flack_esd               ? 
_refine.ls_abs_structure_Rogers                  ? 
_refine.ls_abs_structure_Rogers_esd              ? 
_refine.ls_d_res_high                            1.703 
_refine.ls_d_res_low                             31.032 
_refine.ls_extinction_coef                       ? 
_refine.ls_extinction_coef_esd                   ? 
_refine.ls_extinction_expression                 ? 
_refine.ls_extinction_method                     ? 
_refine.ls_goodness_of_fit_all                   ? 
_refine.ls_goodness_of_fit_all_esd               ? 
_refine.ls_goodness_of_fit_obs                   ? 
_refine.ls_goodness_of_fit_obs_esd               ? 
_refine.ls_hydrogen_treatment                    ? 
_refine.ls_matrix_type                           ? 
_refine.ls_number_constraints                    ? 
_refine.ls_number_parameters                     ? 
_refine.ls_number_reflns_all                     ? 
_refine.ls_number_reflns_obs                     13084 
_refine.ls_number_reflns_R_free                  1308 
_refine.ls_number_reflns_R_work                  ? 
_refine.ls_number_restraints                     ? 
_refine.ls_percent_reflns_obs                    97.18 
_refine.ls_percent_reflns_R_free                 10.00 
_refine.ls_R_factor_all                          ? 
_refine.ls_R_factor_obs                          0.1899 
_refine.ls_R_factor_R_free                       0.2272 
_refine.ls_R_factor_R_free_error                 ? 
_refine.ls_R_factor_R_free_error_details         ? 
_refine.ls_R_factor_R_work                       0.1856 
_refine.ls_R_Fsqd_factor_obs                     ? 
_refine.ls_R_I_factor_obs                        ? 
_refine.ls_redundancy_reflns_all                 ? 
_refine.ls_redundancy_reflns_obs                 ? 
_refine.ls_restrained_S_all                      ? 
_refine.ls_restrained_S_obs                      ? 
_refine.ls_shift_over_esd_max                    ? 
_refine.ls_shift_over_esd_mean                   ? 
_refine.ls_structure_factor_coef                 ? 
_refine.ls_weighting_details                     ? 
_refine.ls_weighting_scheme                      ? 
_refine.ls_wR_factor_all                         ? 
_refine.ls_wR_factor_obs                         ? 
_refine.ls_wR_factor_R_free                      ? 
_refine.ls_wR_factor_R_work                      ? 
_refine.occupancy_max                            ? 
_refine.occupancy_min                            ? 
_refine.solvent_model_details                    ? 
_refine.solvent_model_param_bsol                 ? 
_refine.solvent_model_param_ksol                 ? 
_refine.ls_R_factor_gt                           ? 
_refine.ls_goodness_of_fit_gt                    ? 
_refine.ls_goodness_of_fit_ref                   ? 
_refine.ls_shift_over_su_max                     ? 
_refine.ls_shift_over_su_max_lt                  ? 
_refine.ls_shift_over_su_mean                    ? 
_refine.ls_shift_over_su_mean_lt                 ? 
_refine.pdbx_ls_sigma_I                          ? 
_refine.pdbx_ls_sigma_F                          1.56 
_refine.pdbx_ls_sigma_Fsqd                       ? 
_refine.pdbx_data_cutoff_high_absF               ? 
_refine.pdbx_data_cutoff_high_rms_absF           ? 
_refine.pdbx_data_cutoff_low_absF                ? 
_refine.pdbx_isotropic_thermal_model             ? 
_refine.pdbx_ls_cross_valid_method               'FREE R-VALUE' 
_refine.pdbx_method_to_determine_struct          'MOLECULAR REPLACEMENT' 
_refine.pdbx_starting_model                      2I6I 
_refine.pdbx_stereochemistry_target_values       ? 
_refine.pdbx_R_Free_selection_details            ? 
_refine.pdbx_stereochem_target_val_spec_case     ? 
_refine.pdbx_overall_ESU_R                       ? 
_refine.pdbx_overall_ESU_R_Free                  ? 
_refine.pdbx_solvent_vdw_probe_radii             1.11 
_refine.pdbx_solvent_ion_probe_radii             ? 
_refine.pdbx_solvent_shrinkage_radii             0.90 
_refine.pdbx_real_space_R                        ? 
_refine.pdbx_density_correlation                 ? 
_refine.pdbx_pd_number_of_powder_patterns        ? 
_refine.pdbx_pd_number_of_points                 ? 
_refine.pdbx_pd_meas_number_of_points            ? 
_refine.pdbx_pd_proc_ls_prof_R_factor            ? 
_refine.pdbx_pd_proc_ls_prof_wR_factor           ? 
_refine.pdbx_pd_Marquardt_correlation_coeff      ? 
_refine.pdbx_pd_Fsqrd_R_factor                   ? 
_refine.pdbx_pd_ls_matrix_band_width             ? 
_refine.pdbx_overall_phase_error                 24.00 
_refine.pdbx_overall_SU_R_free_Cruickshank_DPI   ? 
_refine.pdbx_overall_SU_R_free_Blow_DPI          ? 
_refine.pdbx_overall_SU_R_Blow_DPI               ? 
_refine.pdbx_TLS_residual_ADP_flag               ? 
_refine.pdbx_diffrn_id                           1 
_refine.overall_SU_B                             ? 
_refine.overall_SU_ML                            0.21 
_refine.overall_SU_R_Cruickshank_DPI             ? 
_refine.overall_SU_R_free                        ? 
_refine.overall_FOM_free_R_set                   ? 
_refine.overall_FOM_work_R_set                   ? 
_refine.pdbx_average_fsc_overall                 ? 
_refine.pdbx_average_fsc_work                    ? 
_refine.pdbx_average_fsc_free                    ? 
# 
_refine_hist.pdbx_refine_id                   'X-RAY DIFFRACTION' 
_refine_hist.cycle_id                         LAST 
_refine_hist.pdbx_number_atoms_protein        1183 
_refine_hist.pdbx_number_atoms_nucleic_acid   0 
_refine_hist.pdbx_number_atoms_ligand         0 
_refine_hist.number_atoms_solvent             106 
_refine_hist.number_atoms_total               1289 
_refine_hist.d_res_high                       1.703 
_refine_hist.d_res_low                        31.032 
# 
loop_
_refine_ls_restr.pdbx_refine_id 
_refine_ls_restr.criterion 
_refine_ls_restr.dev_ideal 
_refine_ls_restr.dev_ideal_target 
_refine_ls_restr.number 
_refine_ls_restr.rejects 
_refine_ls_restr.type 
_refine_ls_restr.weight 
_refine_ls_restr.pdbx_restraint_function 
'X-RAY DIFFRACTION' ? 0.007  ? 1206 ? f_bond_d           ? ? 
'X-RAY DIFFRACTION' ? 0.905  ? 1628 ? f_angle_d          ? ? 
'X-RAY DIFFRACTION' ? 18.005 ? 737  ? f_dihedral_angle_d ? ? 
'X-RAY DIFFRACTION' ? 0.056  ? 176  ? f_chiral_restr     ? ? 
'X-RAY DIFFRACTION' ? 0.006  ? 212  ? f_plane_restr      ? ? 
# 
loop_
_refine_ls_shell.pdbx_refine_id 
_refine_ls_shell.d_res_high 
_refine_ls_shell.d_res_low 
_refine_ls_shell.number_reflns_all 
_refine_ls_shell.number_reflns_obs 
_refine_ls_shell.number_reflns_R_free 
_refine_ls_shell.number_reflns_R_work 
_refine_ls_shell.percent_reflns_obs 
_refine_ls_shell.percent_reflns_R_free 
_refine_ls_shell.R_factor_all 
_refine_ls_shell.R_factor_obs 
_refine_ls_shell.R_factor_R_free 
_refine_ls_shell.R_factor_R_free_error 
_refine_ls_shell.R_factor_R_work 
_refine_ls_shell.redundancy_reflns_all 
_refine_ls_shell.redundancy_reflns_obs 
_refine_ls_shell.wR_factor_all 
_refine_ls_shell.wR_factor_obs 
_refine_ls_shell.wR_factor_R_free 
_refine_ls_shell.wR_factor_R_work 
_refine_ls_shell.pdbx_total_number_of_bins_used 
_refine_ls_shell.pdbx_phase_error 
_refine_ls_shell.pdbx_fsc_work 
_refine_ls_shell.pdbx_fsc_free 
'X-RAY DIFFRACTION' 1.7031 1.7713  . . 136 1220 93.00 . . . 0.3240 . 0.2559 . . . . . . . . . . 
'X-RAY DIFFRACTION' 1.7713 1.8519  . . 140 1266 95.00 . . . 0.2770 . 0.2405 . . . . . . . . . . 
'X-RAY DIFFRACTION' 1.8519 1.9495  . . 143 1283 97.00 . . . 0.2834 . 0.2199 . . . . . . . . . . 
'X-RAY DIFFRACTION' 1.9495 2.0716  . . 140 1272 97.00 . . . 0.2939 . 0.1990 . . . . . . . . . . 
'X-RAY DIFFRACTION' 2.0716 2.2315  . . 145 1308 98.00 . . . 0.2234 . 0.1852 . . . . . . . . . . 
'X-RAY DIFFRACTION' 2.2315 2.4560  . . 148 1332 99.00 . . . 0.2716 . 0.1952 . . . . . . . . . . 
'X-RAY DIFFRACTION' 2.4560 2.8112  . . 148 1323 99.00 . . . 0.2323 . 0.2020 . . . . . . . . . . 
'X-RAY DIFFRACTION' 2.8112 3.5410  . . 150 1353 99.00 . . . 0.2360 . 0.1736 . . . . . . . . . . 
'X-RAY DIFFRACTION' 3.5410 31.0367 . . 158 1419 97.00 . . . 0.1705 . 0.1590 . . . . . . . . . . 
# 
_struct.entry_id                     5Z59 
_struct.title                        'Crystal structure of Tk-PTP in the inactive form' 
_struct.pdbx_model_details           ? 
_struct.pdbx_formula_weight          ? 
_struct.pdbx_formula_weight_method   ? 
_struct.pdbx_model_type_details      ? 
_struct.pdbx_CASP_flag               N 
# 
_struct_keywords.entry_id        5Z59 
_struct_keywords.text            'tyrosine phosphatase, HYDROLASE' 
_struct_keywords.pdbx_keywords   HYDROLASE 
# 
loop_
_struct_asym.id 
_struct_asym.pdbx_blank_PDB_chainid_flag 
_struct_asym.pdbx_modified 
_struct_asym.entity_id 
_struct_asym.details 
A N N 1 ? 
B N N 2 ? 
# 
loop_
_struct_conf.conf_type_id 
_struct_conf.id 
_struct_conf.pdbx_PDB_helix_id 
_struct_conf.beg_label_comp_id 
_struct_conf.beg_label_asym_id 
_struct_conf.beg_label_seq_id 
_struct_conf.pdbx_beg_PDB_ins_code 
_struct_conf.end_label_comp_id 
_struct_conf.end_label_asym_id 
_struct_conf.end_label_seq_id 
_struct_conf.pdbx_end_PDB_ins_code 
_struct_conf.beg_auth_comp_id 
_struct_conf.beg_auth_asym_id 
_struct_conf.beg_auth_seq_id 
_struct_conf.end_auth_comp_id 
_struct_conf.end_auth_asym_id 
_struct_conf.end_auth_seq_id 
_struct_conf.pdbx_PDB_helix_class 
_struct_conf.details 
_struct_conf.pdbx_PDB_helix_length 
HELX_P HELX_P1 AA1 ALA A 19  ? ARG A 21  ? ALA A 19  ARG A 21  5 ? 3  
HELX_P HELX_P2 AA2 GLU A 22  ? ARG A 28  ? GLU A 22  ARG A 28  1 ? 7  
HELX_P HELX_P3 AA3 GLU A 38  ? LEU A 42  ? GLU A 38  LEU A 42  5 ? 5  
HELX_P HELX_P4 AA4 LEU A 46  ? LYS A 51  ? LEU A 46  LYS A 51  1 ? 6  
HELX_P HELX_P5 AA5 SER A 68  ? GLU A 85  ? SER A 68  GLU A 85  1 ? 18 
HELX_P HELX_P6 AA6 LEU A 97  ? GLY A 113 ? LEU A 97  GLY A 113 1 ? 17 
HELX_P HELX_P7 AA7 SER A 115 ? ARG A 127 ? SER A 115 ARG A 127 1 ? 13 
HELX_P HELX_P8 AA8 THR A 133 ? ILE A 147 ? THR A 133 ILE A 147 1 ? 15 
# 
_struct_conf_type.id          HELX_P 
_struct_conf_type.criteria    ? 
_struct_conf_type.reference   ? 
# 
_struct_sheet.id               AA1 
_struct_sheet.type             ? 
_struct_sheet.number_strands   5 
_struct_sheet.details          ? 
# 
loop_
_struct_sheet_order.sheet_id 
_struct_sheet_order.range_id_1 
_struct_sheet_order.range_id_2 
_struct_sheet_order.offset 
_struct_sheet_order.sense 
AA1 1 2 ? anti-parallel 
AA1 2 3 ? parallel      
AA1 3 4 ? parallel      
AA1 4 5 ? parallel      
# 
loop_
_struct_sheet_range.sheet_id 
_struct_sheet_range.id 
_struct_sheet_range.beg_label_comp_id 
_struct_sheet_range.beg_label_asym_id 
_struct_sheet_range.beg_label_seq_id 
_struct_sheet_range.pdbx_beg_PDB_ins_code 
_struct_sheet_range.end_label_comp_id 
_struct_sheet_range.end_label_asym_id 
_struct_sheet_range.end_label_seq_id 
_struct_sheet_range.pdbx_end_PDB_ins_code 
_struct_sheet_range.beg_auth_comp_id 
_struct_sheet_range.beg_auth_asym_id 
_struct_sheet_range.beg_auth_seq_id 
_struct_sheet_range.end_auth_comp_id 
_struct_sheet_range.end_auth_asym_id 
_struct_sheet_range.end_auth_seq_id 
AA1 1 LYS A 6  ? PHE A 7  ? LYS A 6  PHE A 7  
AA1 2 VAL A 12 ? SER A 15 ? VAL A 12 SER A 15 
AA1 3 VAL A 89 ? HIS A 92 ? VAL A 89 HIS A 92 
AA1 4 ALA A 32 ? VAL A 35 ? ALA A 32 VAL A 35 
AA1 5 GLU A 55 ? HIS A 58 ? GLU A 55 HIS A 58 
# 
loop_
_pdbx_struct_sheet_hbond.sheet_id 
_pdbx_struct_sheet_hbond.range_id_1 
_pdbx_struct_sheet_hbond.range_id_2 
_pdbx_struct_sheet_hbond.range_1_label_atom_id 
_pdbx_struct_sheet_hbond.range_1_label_comp_id 
_pdbx_struct_sheet_hbond.range_1_label_asym_id 
_pdbx_struct_sheet_hbond.range_1_label_seq_id 
_pdbx_struct_sheet_hbond.range_1_PDB_ins_code 
_pdbx_struct_sheet_hbond.range_1_auth_atom_id 
_pdbx_struct_sheet_hbond.range_1_auth_comp_id 
_pdbx_struct_sheet_hbond.range_1_auth_asym_id 
_pdbx_struct_sheet_hbond.range_1_auth_seq_id 
_pdbx_struct_sheet_hbond.range_2_label_atom_id 
_pdbx_struct_sheet_hbond.range_2_label_comp_id 
_pdbx_struct_sheet_hbond.range_2_label_asym_id 
_pdbx_struct_sheet_hbond.range_2_label_seq_id 
_pdbx_struct_sheet_hbond.range_2_PDB_ins_code 
_pdbx_struct_sheet_hbond.range_2_auth_atom_id 
_pdbx_struct_sheet_hbond.range_2_auth_comp_id 
_pdbx_struct_sheet_hbond.range_2_auth_asym_id 
_pdbx_struct_sheet_hbond.range_2_auth_seq_id 
AA1 1 2 N LYS A 6  ? N LYS A 6  O PHE A 14 ? O PHE A 14 
AA1 2 3 N ALA A 13 ? N ALA A 13 O ILE A 91 ? O ILE A 91 
AA1 3 4 O LEU A 90 ? O LEU A 90 N VAL A 34 ? N VAL A 34 
AA1 4 5 N VAL A 35 ? N VAL A 35 O LEU A 57 ? O LEU A 57 
# 
_atom_sites.entry_id                    5Z59 
_atom_sites.fract_transf_matrix[1][1]   -0.00124375 
_atom_sites.fract_transf_matrix[1][2]   -0.02719557 
_atom_sites.fract_transf_matrix[1][3]   -0.02024923 
_atom_sites.fract_transf_matrix[2][1]   0.00905672 
_atom_sites.fract_transf_matrix[2][2]   0.01021201 
_atom_sites.fract_transf_matrix[2][3]   -0.01427145 
_atom_sites.fract_transf_matrix[3][1]   0.01130536 
_atom_sites.fract_transf_matrix[3][2]   -0.00382242 
_atom_sites.fract_transf_matrix[3][3]   0.00443927 
_atom_sites.fract_transf_vector[1]      -0.315995 
_atom_sites.fract_transf_vector[2]      -0.065313 
_atom_sites.fract_transf_vector[3]      0.111022 
# 
loop_
_atom_type.symbol 
C 
N 
O 
S 
# 
loop_
_atom_site.group_PDB 
_atom_site.id 
_atom_site.type_symbol 
_atom_site.label_atom_id 
_atom_site.label_alt_id 
_atom_site.label_comp_id 
_atom_site.label_asym_id 
_atom_site.label_entity_id 
_atom_site.label_seq_id 
_atom_site.pdbx_PDB_ins_code 
_atom_site.Cartn_x 
_atom_site.Cartn_y 
_atom_site.Cartn_z 
_atom_site.occupancy 
_atom_site.B_iso_or_equiv 
_atom_site.pdbx_formal_charge 
_atom_site.auth_seq_id 
_atom_site.auth_comp_id 
_atom_site.auth_asym_id 
_atom_site.auth_atom_id 
_atom_site.pdbx_PDB_model_num 
ATOM   1    N N   . TRP A 1 2   ? 9.372   -12.751 1.398   1.00 31.57 ? 2   TRP A N   1 
ATOM   2    C CA  . TRP A 1 2   ? 8.049   -13.166 0.942   1.00 36.55 ? 2   TRP A CA  1 
ATOM   3    C C   . TRP A 1 2   ? 7.862   -12.734 -0.512  1.00 31.57 ? 2   TRP A C   1 
ATOM   4    O O   . TRP A 1 2   ? 7.745   -11.552 -0.793  1.00 30.01 ? 2   TRP A O   1 
ATOM   5    C CB  . TRP A 1 2   ? 6.958   -12.567 1.844   1.00 30.03 ? 2   TRP A CB  1 
ATOM   6    C CG  . TRP A 1 2   ? 5.578   -13.073 1.549   1.00 29.82 ? 2   TRP A CG  1 
ATOM   7    C CD1 . TRP A 1 2   ? 5.176   -14.374 1.510   1.00 26.41 ? 2   TRP A CD1 1 
ATOM   8    C CD2 . TRP A 1 2   ? 4.410   -12.283 1.276   1.00 29.21 ? 2   TRP A CD2 1 
ATOM   9    N NE1 . TRP A 1 2   ? 3.838   -14.447 1.218   1.00 29.80 ? 2   TRP A NE1 1 
ATOM   10   C CE2 . TRP A 1 2   ? 3.341   -13.180 1.072   1.00 25.28 ? 2   TRP A CE2 1 
ATOM   11   C CE3 . TRP A 1 2   ? 4.165   -10.907 1.190   1.00 25.23 ? 2   TRP A CE3 1 
ATOM   12   C CZ2 . TRP A 1 2   ? 2.043   -12.748 0.782   1.00 27.16 ? 2   TRP A CZ2 1 
ATOM   13   C CZ3 . TRP A 1 2   ? 2.874   -10.475 0.904   1.00 25.13 ? 2   TRP A CZ3 1 
ATOM   14   C CH2 . TRP A 1 2   ? 1.829   -11.397 0.695   1.00 23.84 ? 2   TRP A CH2 1 
ATOM   15   N N   . PRO A 1 3   ? 7.822   -13.699 -1.438  1.00 33.57 ? 3   PRO A N   1 
ATOM   16   C CA  . PRO A 1 3   ? 7.944   -13.351 -2.870  1.00 32.45 ? 3   PRO A CA  1 
ATOM   17   C C   . PRO A 1 3   ? 6.785   -12.545 -3.421  1.00 30.48 ? 3   PRO A C   1 
ATOM   18   O O   . PRO A 1 3   ? 6.948   -11.912 -4.470  1.00 32.39 ? 3   PRO A O   1 
ATOM   19   C CB  . PRO A 1 3   ? 8.030   -14.718 -3.564  1.00 29.81 ? 3   PRO A CB  1 
ATOM   20   C CG  . PRO A 1 3   ? 7.375   -15.661 -2.605  1.00 32.54 ? 3   PRO A CG  1 
ATOM   21   C CD  . PRO A 1 3   ? 7.664   -15.150 -1.226  1.00 32.99 ? 3   PRO A CD  1 
ATOM   22   N N   . SER A 1 4   ? 5.615   -12.562 -2.773  1.00 29.32 ? 4   SER A N   1 
ATOM   23   C CA  . SER A 1 4   ? 4.510   -11.726 -3.231  1.00 29.30 ? 4   SER A CA  1 
ATOM   24   C C   . SER A 1 4   ? 4.807   -10.256 -3.047  1.00 26.34 ? 4   SER A C   1 
ATOM   25   O O   . SER A 1 4   ? 4.197   -9.418  -3.723  1.00 26.25 ? 4   SER A O   1 
ATOM   26   C CB  . SER A 1 4   ? 3.223   -12.058 -2.477  1.00 27.87 ? 4   SER A CB  1 
ATOM   27   O OG  . SER A 1 4   ? 2.777   -13.360 -2.792  1.00 29.42 ? 4   SER A OG  1 
ATOM   28   N N   . ALA A 1 5   ? 5.703   -9.926  -2.124  1.00 24.47 ? 5   ALA A N   1 
ATOM   29   C CA  . ALA A 1 5   ? 6.006   -8.536  -1.842  1.00 24.82 ? 5   ALA A CA  1 
ATOM   30   C C   . ALA A 1 5   ? 7.002   -8.023  -2.869  1.00 26.47 ? 5   ALA A C   1 
ATOM   31   O O   . ALA A 1 5   ? 8.042   -8.645  -3.109  1.00 27.81 ? 5   ALA A O   1 
ATOM   32   C CB  . ALA A 1 5   ? 6.558   -8.380  -0.422  1.00 23.98 ? 5   ALA A CB  1 
ATOM   33   N N   . LYS A 1 6   ? 6.663   -6.911  -3.500  1.00 23.38 ? 6   LYS A N   1 
ATOM   34   C CA  . LYS A 1 6   ? 7.564   -6.220  -4.406  1.00 24.25 ? 6   LYS A CA  1 
ATOM   35   C C   . LYS A 1 6   ? 7.937   -4.908  -3.732  1.00 21.42 ? 6   LYS A C   1 
ATOM   36   O O   . LYS A 1 6   ? 7.056   -4.113  -3.389  1.00 20.20 ? 6   LYS A O   1 
ATOM   37   C CB  . LYS A 1 6   ? 6.911   -5.984  -5.771  1.00 24.37 ? 6   LYS A CB  1 
ATOM   38   C CG  . LYS A 1 6   ? 6.456   -7.270  -6.509  1.00 30.33 ? 6   LYS A CG  1 
ATOM   39   C CD  . LYS A 1 6   ? 7.615   -7.950  -7.245  1.00 34.36 ? 6   LYS A CD  1 
ATOM   40   C CE  . LYS A 1 6   ? 7.166   -9.018  -8.268  1.00 31.86 ? 6   LYS A CE  1 
ATOM   41   N NZ  . LYS A 1 6   ? 6.162   -8.579  -9.303  1.00 30.73 ? 6   LYS A NZ  1 
ATOM   42   N N   . PHE A 1 7   ? 9.230   -4.683  -3.538  1.00 23.40 ? 7   PHE A N   1 
ATOM   43   C CA  . PHE A 1 7   ? 9.680   -3.474  -2.868  1.00 22.56 ? 7   PHE A CA  1 
ATOM   44   C C   . PHE A 1 7   ? 9.711   -2.297  -3.835  1.00 24.94 ? 7   PHE A C   1 
ATOM   45   O O   . PHE A 1 7   ? 10.141  -2.425  -4.985  1.00 28.00 ? 7   PHE A O   1 
ATOM   46   C CB  . PHE A 1 7   ? 11.054  -3.702  -2.242  1.00 23.99 ? 7   PHE A CB  1 
ATOM   47   C CG  . PHE A 1 7   ? 10.984  -4.278  -0.854  1.00 23.81 ? 7   PHE A CG  1 
ATOM   48   C CD1 . PHE A 1 7   ? 10.998  -3.441  0.256   1.00 21.31 ? 7   PHE A CD1 1 
ATOM   49   C CD2 . PHE A 1 7   ? 10.878  -5.639  -0.661  1.00 24.77 ? 7   PHE A CD2 1 
ATOM   50   C CE1 . PHE A 1 7   ? 10.919  -3.967  1.541   1.00 22.06 ? 7   PHE A CE1 1 
ATOM   51   C CE2 . PHE A 1 7   ? 10.794  -6.173  0.625   1.00 23.21 ? 7   PHE A CE2 1 
ATOM   52   C CZ  . PHE A 1 7   ? 10.814  -5.333  1.722   1.00 24.54 ? 7   PHE A CZ  1 
ATOM   53   N N   . ILE A 1 8   ? 9.232   -1.143  -3.376  1.00 23.32 ? 8   ILE A N   1 
ATOM   54   C CA  . ILE A 1 8   ? 9.290   0.059   -4.199  1.00 25.62 ? 8   ILE A CA  1 
ATOM   55   C C   . ILE A 1 8   ? 10.351  1.038   -3.735  1.00 22.03 ? 8   ILE A C   1 
ATOM   56   O O   . ILE A 1 8   ? 10.684  1.960   -4.490  1.00 24.83 ? 8   ILE A O   1 
ATOM   57   C CB  . ILE A 1 8   ? 7.917   0.751   -4.302  1.00 30.87 ? 8   ILE A CB  1 
ATOM   58   C CG1 . ILE A 1 8   ? 7.309   0.979   -2.928  1.00 23.75 ? 8   ILE A CG1 1 
ATOM   59   C CG2 . ILE A 1 8   ? 6.980   -0.092  -5.152  1.00 27.40 ? 8   ILE A CG2 1 
ATOM   60   C CD1 . ILE A 1 8   ? 5.872   1.462   -3.013  1.00 25.76 ? 8   ILE A CD1 1 
ATOM   61   N N   . ASP A 1 9   ? 10.897  0.866   -2.538  1.00 23.59 ? 9   ASP A N   1 
ATOM   62   C CA  . ASP A 1 9   ? 12.180  1.451   -2.151  1.00 23.93 ? 9   ASP A CA  1 
ATOM   63   C C   . ASP A 1 9   ? 12.839  0.472   -1.185  1.00 25.84 ? 9   ASP A C   1 
ATOM   64   O O   . ASP A 1 9   ? 12.495  -0.715  -1.162  1.00 23.88 ? 9   ASP A O   1 
ATOM   65   C CB  . ASP A 1 9   ? 12.002  2.874   -1.582  1.00 22.22 ? 9   ASP A CB  1 
ATOM   66   C CG  . ASP A 1 9   ? 11.120  2.926   -0.347  1.00 23.88 ? 9   ASP A CG  1 
ATOM   67   O OD1 . ASP A 1 9   ? 10.966  1.895   0.350   1.00 23.73 ? 9   ASP A OD1 1 
ATOM   68   O OD2 . ASP A 1 9   ? 10.603  4.030   -0.054  1.00 25.05 ? 9   ASP A OD2 1 
ATOM   69   N N   . GLY A 1 10  ? 13.752  0.965   -0.348  1.00 23.92 ? 10  GLY A N   1 
ATOM   70   C CA  . GLY A 1 10  ? 14.477  0.077   0.544   1.00 23.01 ? 10  GLY A CA  1 
ATOM   71   C C   . GLY A 1 10  ? 13.658  -0.491  1.689   1.00 25.03 ? 10  GLY A C   1 
ATOM   72   O O   . GLY A 1 10  ? 14.023  -1.537  2.238   1.00 26.53 ? 10  GLY A O   1 
ATOM   73   N N   . ARG A 1 11  ? 12.555  0.169   2.063   1.00 25.60 ? 11  ARG A N   1 
ATOM   74   C CA  . ARG A 1 11  ? 11.816  -0.196  3.267   1.00 22.69 ? 11  ARG A CA  1 
ATOM   75   C C   . ARG A 1 11  ? 10.325  -0.452  3.064   1.00 22.43 ? 11  ARG A C   1 
ATOM   76   O O   . ARG A 1 11  ? 9.677   -0.925  4.007   1.00 23.12 ? 11  ARG A O   1 
ATOM   77   C CB  . ARG A 1 11  ? 11.966  0.901   4.337   1.00 21.57 ? 11  ARG A CB  1 
ATOM   78   C CG  . ARG A 1 11  ? 13.401  1.327   4.602   1.00 25.10 ? 11  ARG A CG  1 
ATOM   79   C CD  . ARG A 1 11  ? 14.140  0.286   5.417   1.00 28.92 ? 11  ARG A CD  1 
ATOM   80   N NE  . ARG A 1 11  ? 15.512  0.703   5.705   1.00 35.60 ? 11  ARG A NE  1 
ATOM   81   C CZ  . ARG A 1 11  ? 15.920  1.241   6.853   1.00 35.79 ? 11  ARG A CZ  1 
ATOM   82   N NH1 . ARG A 1 11  ? 15.067  1.429   7.858   1.00 29.18 ? 11  ARG A NH1 1 
ATOM   83   N NH2 . ARG A 1 11  ? 17.194  1.585   7.003   1.00 38.77 ? 11  ARG A NH2 1 
ATOM   84   N N   . VAL A 1 12  ? 9.757   -0.147  1.898   1.00 20.10 ? 12  VAL A N   1 
ATOM   85   C CA  . VAL A 1 12  ? 8.316   -0.216  1.667   1.00 17.05 ? 12  VAL A CA  1 
ATOM   86   C C   . VAL A 1 12  ? 8.050   -1.118  0.472   1.00 20.77 ? 12  VAL A C   1 
ATOM   87   O O   . VAL A 1 12  ? 8.693   -0.972  -0.573  1.00 19.90 ? 12  VAL A O   1 
ATOM   88   C CB  . VAL A 1 12  ? 7.701   1.174   1.421   1.00 18.07 ? 12  VAL A CB  1 
ATOM   89   C CG1 . VAL A 1 12  ? 6.204   1.040   1.162   1.00 16.55 ? 12  VAL A CG1 1 
ATOM   90   C CG2 . VAL A 1 12  ? 7.992   2.123   2.602   1.00 16.78 ? 12  VAL A CG2 1 
ATOM   91   N N   . ALA A 1 13  ? 7.087   -2.034  0.623   1.00 17.96 ? 13  ALA A N   1 
ATOM   92   C CA  . ALA A 1 13  ? 6.719   -2.969  -0.434  1.00 17.41 ? 13  ALA A CA  1 
ATOM   93   C C   . ALA A 1 13  ? 5.205   -2.977  -0.610  1.00 18.36 ? 13  ALA A C   1 
ATOM   94   O O   . ALA A 1 13  ? 4.461   -2.534  0.270   1.00 16.58 ? 13  ALA A O   1 
ATOM   95   C CB  . ALA A 1 13  ? 7.219   -4.380  -0.121  1.00 18.19 ? 13  ALA A CB  1 
ATOM   96   N N   . PHE A 1 14  ? 4.739   -3.467  -1.764  1.00 18.21 ? 14  PHE A N   1 
ATOM   97   C CA  . PHE A 1 14  ? 3.312   -3.743  -1.918  1.00 18.26 ? 14  PHE A CA  1 
ATOM   98   C C   . PHE A 1 14  ? 3.080   -5.153  -2.461  1.00 19.87 ? 14  PHE A C   1 
ATOM   99   O O   . PHE A 1 14  ? 3.972   -5.769  -3.047  1.00 20.14 ? 14  PHE A O   1 
ATOM   100  C CB  . PHE A 1 14  ? 2.569   -2.667  -2.767  1.00 16.44 ? 14  PHE A CB  1 
ATOM   101  C CG  . PHE A 1 14  ? 3.181   -2.328  -4.115  1.00 18.20 ? 14  PHE A CG  1 
ATOM   102  C CD1 . PHE A 1 14  ? 4.220   -3.047  -4.671  1.00 19.54 ? 14  PHE A CD1 1 
ATOM   103  C CD2 . PHE A 1 14  ? 2.674   -1.254  -4.827  1.00 18.82 ? 14  PHE A CD2 1 
ATOM   104  C CE1 . PHE A 1 14  ? 4.739   -2.693  -5.911  1.00 22.58 ? 14  PHE A CE1 1 
ATOM   105  C CE2 . PHE A 1 14  ? 3.183   -0.904  -6.057  1.00 23.92 ? 14  PHE A CE2 1 
ATOM   106  C CZ  . PHE A 1 14  ? 4.212   -1.627  -6.601  1.00 18.82 ? 14  PHE A CZ  1 
ATOM   107  N N   . SER A 1 15  ? 1.871   -5.674  -2.225  1.00 16.52 ? 15  SER A N   1 
ATOM   108  C CA  . SER A 1 15  ? 1.585   -7.079  -2.520  1.00 18.99 ? 15  SER A CA  1 
ATOM   109  C C   . SER A 1 15  ? 0.081   -7.331  -2.546  1.00 17.77 ? 15  SER A C   1 
ATOM   110  O O   . SER A 1 15  ? -0.728  -6.462  -2.215  1.00 16.90 ? 15  SER A O   1 
ATOM   111  C CB  . SER A 1 15  ? 2.225   -7.999  -1.482  1.00 21.76 ? 15  SER A CB  1 
ATOM   112  O OG  . SER A 1 15  ? 1.499   -7.879  -0.265  1.00 23.01 ? 15  SER A OG  1 
ATOM   113  N N   . ARG A 1 16  ? -0.279  -8.559  -2.929  1.00 20.65 ? 16  ARG A N   1 
ATOM   114  C CA  . ARG A 1 16  ? -1.625  -9.070  -2.728  1.00 17.92 ? 16  ARG A CA  1 
ATOM   115  C C   . ARG A 1 16  ? -1.866  -9.334  -1.238  1.00 19.70 ? 16  ARG A C   1 
ATOM   116  O O   . ARG A 1 16  ? -0.986  -9.155  -0.391  1.00 18.99 ? 16  ARG A O   1 
ATOM   117  C CB  . ARG A 1 16  ? -1.834  -10.351 -3.541  1.00 23.36 ? 16  ARG A CB  1 
ATOM   118  C CG  . ARG A 1 16  ? -0.833  -11.438 -3.198  1.00 19.32 ? 16  ARG A CG  1 
ATOM   119  C CD  . ARG A 1 16  ? -1.425  -12.826 -3.293  1.00 25.92 ? 16  ARG A CD  1 
ATOM   120  N NE  . ARG A 1 16  ? -0.390  -13.834 -3.071  1.00 26.28 ? 16  ARG A NE  1 
ATOM   121  C CZ  . ARG A 1 16  ? -0.230  -14.505 -1.934  1.00 29.39 ? 16  ARG A CZ  1 
ATOM   122  N NH1 . ARG A 1 16  ? -1.051  -14.293 -0.912  1.00 23.46 ? 16  ARG A NH1 1 
ATOM   123  N NH2 . ARG A 1 16  ? 0.756   -15.388 -1.820  1.00 26.61 ? 16  ARG A NH2 1 
ATOM   124  N N   . MET A 1 17  ? -3.063  -9.796  -0.919  1.00 19.99 ? 17  MET A N   1 
ATOM   125  C CA  . MET A 1 17  ? -3.405  -10.073 0.472   1.00 22.33 ? 17  MET A CA  1 
ATOM   126  C C   . MET A 1 17  ? -2.769  -11.384 0.926   1.00 21.48 ? 17  MET A C   1 
ATOM   127  O O   . MET A 1 17  ? -2.920  -12.407 0.247   1.00 21.59 ? 17  MET A O   1 
ATOM   128  C CB  . MET A 1 17  ? -4.916  -10.151 0.647   1.00 21.62 ? 17  MET A CB  1 
ATOM   129  C CG  . MET A 1 17  ? -5.340  -10.426 2.082   1.00 18.69 ? 17  MET A CG  1 
ATOM   130  S SD  . MET A 1 17  ? -7.090  -10.145 2.321   1.00 21.45 ? 17  MET A SD  1 
ATOM   131  C CE  . MET A 1 17  ? -7.764  -11.328 1.133   1.00 17.73 ? 17  MET A CE  1 
ATOM   132  N N   . PRO A 1 18  ? -2.067  -11.400 2.056   1.00 20.54 ? 18  PRO A N   1 
ATOM   133  C CA  . PRO A 1 18  ? -1.617  -12.680 2.615   1.00 22.15 ? 18  PRO A CA  1 
ATOM   134  C C   . PRO A 1 18  ? -2.797  -13.498 3.105   1.00 21.25 ? 18  PRO A C   1 
ATOM   135  O O   . PRO A 1 18  ? -3.728  -12.964 3.709   1.00 21.13 ? 18  PRO A O   1 
ATOM   136  C CB  . PRO A 1 18  ? -0.710  -12.273 3.783   1.00 20.56 ? 18  PRO A CB  1 
ATOM   137  C CG  . PRO A 1 18  ? -0.422  -10.813 3.581   1.00 20.52 ? 18  PRO A CG  1 
ATOM   138  C CD  . PRO A 1 18  ? -1.605  -10.252 2.856   1.00 23.08 ? 18  PRO A CD  1 
ATOM   139  N N   . ALA A 1 19  ? -2.758  -14.797 2.817   1.00 24.58 ? 19  ALA A N   1 
ATOM   140  C CA  . ALA A 1 19  ? -3.698  -15.733 3.420   1.00 25.05 ? 19  ALA A CA  1 
ATOM   141  C C   . ALA A 1 19  ? -3.335  -15.941 4.891   1.00 25.04 ? 19  ALA A C   1 
ATOM   142  O O   . ALA A 1 19  ? -2.243  -15.587 5.332   1.00 24.28 ? 19  ALA A O   1 
ATOM   143  C CB  . ALA A 1 19  ? -3.687  -17.056 2.655   1.00 25.75 ? 19  ALA A CB  1 
ATOM   144  N N   . GLU A 1 20  ? -4.255  -16.525 5.672   1.00 24.60 ? 20  GLU A N   1 
ATOM   145  C CA  . GLU A 1 20  ? -3.967  -16.667 7.103   1.00 27.08 ? 20  GLU A CA  1 
ATOM   146  C C   . GLU A 1 20  ? -2.749  -17.561 7.341   1.00 22.92 ? 20  GLU A C   1 
ATOM   147  O O   . GLU A 1 20  ? -1.940  -17.290 8.236   1.00 24.72 ? 20  GLU A O   1 
ATOM   148  C CB  . GLU A 1 20  ? -5.183  -17.200 7.874   1.00 23.24 ? 20  GLU A CB  1 
ATOM   149  C CG  . GLU A 1 20  ? -4.944  -17.232 9.393   1.00 24.41 ? 20  GLU A CG  1 
ATOM   150  C CD  . GLU A 1 20  ? -6.194  -17.521 10.228  1.00 31.37 ? 20  GLU A CD  1 
ATOM   151  O OE1 . GLU A 1 20  ? -7.256  -17.837 9.647   1.00 32.70 ? 20  GLU A OE1 1 
ATOM   152  O OE2 . GLU A 1 20  ? -6.105  -17.443 11.478  1.00 32.78 ? 20  GLU A OE2 1 
ATOM   153  N N   . ARG A 1 21  ? -2.587  -18.612 6.534   1.00 26.22 ? 21  ARG A N   1 
ATOM   154  C CA  . ARG A 1 21  ? -1.431  -19.491 6.684   1.00 24.80 ? 21  ARG A CA  1 
ATOM   155  C C   . ARG A 1 21  ? -0.119  -18.775 6.380   1.00 28.88 ? 21  ARG A C   1 
ATOM   156  O O   . ARG A 1 21  ? 0.942   -19.211 6.847   1.00 30.45 ? 21  ARG A O   1 
ATOM   157  C CB  . ARG A 1 21  ? -1.582  -20.709 5.768   1.00 30.59 ? 21  ARG A CB  1 
ATOM   158  C CG  . ARG A 1 21  ? -1.491  -20.349 4.297   1.00 29.69 ? 21  ARG A CG  1 
ATOM   159  C CD  . ARG A 1 21  ? -1.744  -21.529 3.379   1.00 38.65 ? 21  ARG A CD  1 
ATOM   160  N NE  . ARG A 1 21  ? -1.712  -21.100 1.982   1.00 40.85 ? 21  ARG A NE  1 
ATOM   161  C CZ  . ARG A 1 21  ? -2.772  -20.644 1.324   1.00 41.12 ? 21  ARG A CZ  1 
ATOM   162  N NH1 . ARG A 1 21  ? -3.950  -20.566 1.935   1.00 45.16 ? 21  ARG A NH1 1 
ATOM   163  N NH2 . ARG A 1 21  ? -2.656  -20.270 0.057   1.00 49.77 ? 21  ARG A NH2 1 
ATOM   164  N N   . GLU A 1 22  ? -0.166  -17.689 5.610   1.00 25.86 ? 22  GLU A N   1 
ATOM   165  C CA  . GLU A 1 22  ? 1.032   -16.953 5.233   1.00 25.71 ? 22  GLU A CA  1 
ATOM   166  C C   . GLU A 1 22  ? 1.429   -15.910 6.264   1.00 26.93 ? 22  GLU A C   1 
ATOM   167  O O   . GLU A 1 22  ? 2.492   -15.297 6.121   1.00 25.88 ? 22  GLU A O   1 
ATOM   168  C CB  . GLU A 1 22  ? 0.827   -16.265 3.878   1.00 26.35 ? 22  GLU A CB  1 
ATOM   169  C CG  . GLU A 1 22  ? 0.499   -17.194 2.721   1.00 25.63 ? 22  GLU A CG  1 
ATOM   170  C CD  . GLU A 1 22  ? 0.314   -16.442 1.414   1.00 25.37 ? 22  GLU A CD  1 
ATOM   171  O OE1 . GLU A 1 22  ? -0.739  -15.788 1.246   1.00 26.51 ? 22  GLU A OE1 1 
ATOM   172  O OE2 . GLU A 1 22  ? 1.229   -16.490 0.554   1.00 28.00 ? 22  GLU A OE2 1 
ATOM   173  N N   . LEU A 1 23  ? 0.606   -15.700 7.293   1.00 26.12 ? 23  LEU A N   1 
ATOM   174  C CA  . LEU A 1 23  ? 0.825   -14.589 8.207   1.00 26.09 ? 23  LEU A CA  1 
ATOM   175  C C   . LEU A 1 23  ? 2.104   -14.763 9.010   1.00 28.53 ? 23  LEU A C   1 
ATOM   176  O O   . LEU A 1 23  ? 2.854   -13.800 9.186   1.00 27.45 ? 23  LEU A O   1 
ATOM   177  C CB  . LEU A 1 23  ? -0.381  -14.428 9.126   1.00 25.21 ? 23  LEU A CB  1 
ATOM   178  C CG  . LEU A 1 23  ? -1.642  -13.961 8.401   1.00 26.12 ? 23  LEU A CG  1 
ATOM   179  C CD1 . LEU A 1 23  ? -2.821  -13.897 9.365   1.00 25.35 ? 23  LEU A CD1 1 
ATOM   180  C CD2 . LEU A 1 23  ? -1.403  -12.603 7.725   1.00 23.25 ? 23  LEU A CD2 1 
ATOM   181  N N   . ASP A 1 24  ? 2.372   -15.978 9.503   1.00 27.75 ? 24  ASP A N   1 
ATOM   182  C CA  . ASP A 1 24  ? 3.607   -16.207 10.246  1.00 25.71 ? 24  ASP A CA  1 
ATOM   183  C C   . ASP A 1 24  ? 4.819   -15.796 9.417   1.00 31.23 ? 24  ASP A C   1 
ATOM   184  O O   . ASP A 1 24  ? 5.735   -15.136 9.920   1.00 31.88 ? 24  ASP A O   1 
ATOM   185  C CB  . ASP A 1 24  ? 3.721   -17.674 10.667  1.00 29.50 ? 24  ASP A CB  1 
ATOM   186  C CG  . ASP A 1 24  ? 2.790   -18.047 11.818  1.00 31.22 ? 24  ASP A CG  1 
ATOM   187  O OD1 . ASP A 1 24  ? 2.259   -17.154 12.516  1.00 32.60 ? 24  ASP A OD1 1 
ATOM   188  O OD2 . ASP A 1 24  ? 2.600   -19.260 12.034  1.00 31.88 ? 24  ASP A OD2 1 
ATOM   189  N N   . GLU A 1 25  ? 4.818   -16.150 8.132   1.00 29.64 ? 25  GLU A N   1 
ATOM   190  C CA  . GLU A 1 25  ? 5.939   -15.820 7.261   1.00 30.28 ? 25  GLU A CA  1 
ATOM   191  C C   . GLU A 1 25  ? 6.045   -14.312 7.053   1.00 28.75 ? 25  GLU A C   1 
ATOM   192  O O   . GLU A 1 25  ? 7.093   -13.707 7.314   1.00 33.16 ? 25  GLU A O   1 
ATOM   193  C CB  . GLU A 1 25  ? 5.782   -16.559 5.924   1.00 32.39 ? 25  GLU A CB  1 
ATOM   194  C CG  . GLU A 1 25  ? 6.785   -16.128 4.842   1.00 37.22 ? 25  GLU A CG  1 
ATOM   195  C CD  . GLU A 1 25  ? 7.046   -17.216 3.816   1.00 47.36 ? 25  GLU A CD  1 
ATOM   196  O OE1 . GLU A 1 25  ? 7.947   -17.028 2.974   1.00 49.74 ? 25  GLU A OE1 1 
ATOM   197  O OE2 . GLU A 1 25  ? 6.354   -18.252 3.866   1.00 50.07 ? 25  GLU A OE2 1 
ATOM   198  N N   . VAL A 1 26  ? 4.964   -13.684 6.580   1.00 24.34 ? 26  VAL A N   1 
ATOM   199  C CA  . VAL A 1 26  ? 4.978   -12.244 6.319   1.00 26.49 ? 26  VAL A CA  1 
ATOM   200  C C   . VAL A 1 26  ? 5.322   -11.454 7.575   1.00 25.14 ? 26  VAL A C   1 
ATOM   201  O O   . VAL A 1 26  ? 6.028   -10.435 7.510   1.00 23.53 ? 26  VAL A O   1 
ATOM   202  C CB  . VAL A 1 26  ? 3.624   -11.797 5.741   1.00 27.55 ? 26  VAL A CB  1 
ATOM   203  C CG1 . VAL A 1 26  ? 3.619   -10.294 5.499   1.00 24.89 ? 26  VAL A CG1 1 
ATOM   204  C CG2 . VAL A 1 26  ? 3.329   -12.560 4.457   1.00 23.62 ? 26  VAL A CG2 1 
ATOM   205  N N   . ALA A 1 27  ? 4.798   -11.881 8.733   1.00 27.95 ? 27  ALA A N   1 
ATOM   206  C CA  . ALA A 1 27  ? 5.022   -11.141 9.974   1.00 23.20 ? 27  ALA A CA  1 
ATOM   207  C C   . ALA A 1 27  ? 6.482   -11.148 10.396  1.00 24.62 ? 27  ALA A C   1 
ATOM   208  O O   . ALA A 1 27  ? 6.898   -10.262 11.144  1.00 26.42 ? 27  ALA A O   1 
ATOM   209  C CB  . ALA A 1 27  ? 4.163   -11.707 11.109  1.00 24.55 ? 27  ALA A CB  1 
ATOM   210  N N   . ARG A 1 28  ? 7.272   -12.114 9.938   1.00 28.50 ? 28  ARG A N   1 
ATOM   211  C CA  . ARG A 1 28  ? 8.696   -12.086 10.235  1.00 30.24 ? 28  ARG A CA  1 
ATOM   212  C C   . ARG A 1 28  ? 9.481   -11.221 9.262   1.00 29.17 ? 28  ARG A C   1 
ATOM   213  O O   . ARG A 1 28  ? 10.669  -10.976 9.488   1.00 32.27 ? 28  ARG A O   1 
ATOM   214  C CB  . ARG A 1 28  ? 9.255   -13.510 10.242  1.00 37.77 ? 28  ARG A CB  1 
ATOM   215  C CG  . ARG A 1 28  ? 8.495   -14.451 11.178  1.00 37.10 ? 28  ARG A CG  1 
ATOM   216  C CD  . ARG A 1 28  ? 9.425   -15.256 12.073  1.00 42.12 ? 28  ARG A CD  1 
ATOM   217  N NE  . ARG A 1 28  ? 9.682   -14.587 13.346  1.00 38.60 ? 28  ARG A NE  1 
ATOM   218  C CZ  . ARG A 1 28  ? 10.894  -14.362 13.843  1.00 41.76 ? 28  ARG A CZ  1 
ATOM   219  N NH1 . ARG A 1 28  ? 11.972  -14.761 13.174  1.00 40.02 ? 28  ARG A NH1 1 
ATOM   220  N NH2 . ARG A 1 28  ? 11.029  -13.742 15.012  1.00 34.39 ? 28  ARG A NH2 1 
ATOM   221  N N   . ASP A 1 29  ? 8.847   -10.745 8.194   1.00 29.33 ? 29  ASP A N   1 
ATOM   222  C CA  . ASP A 1 29  ? 9.520   -9.923  7.200   1.00 24.95 ? 29  ASP A CA  1 
ATOM   223  C C   . ASP A 1 29  ? 9.152   -8.455  7.287   1.00 24.94 ? 29  ASP A C   1 
ATOM   224  O O   . ASP A 1 29  ? 9.907   -7.614  6.788   1.00 22.22 ? 29  ASP A O   1 
ATOM   225  C CB  . ASP A 1 29  ? 9.192   -10.416 5.787   1.00 28.55 ? 29  ASP A CB  1 
ATOM   226  C CG  . ASP A 1 29  ? 9.608   -11.844 5.562   1.00 32.15 ? 29  ASP A CG  1 
ATOM   227  O OD1 . ASP A 1 29  ? 10.662  -12.241 6.097   1.00 34.27 ? 29  ASP A OD1 1 
ATOM   228  O OD2 . ASP A 1 29  ? 8.872   -12.564 4.855   1.00 35.12 ? 29  ASP A OD2 1 
ATOM   229  N N   . PHE A 1 30  ? 8.022   -8.128  7.898   1.00 22.26 ? 30  PHE A N   1 
ATOM   230  C CA  . PHE A 1 30  ? 7.577   -6.750  7.986   1.00 21.47 ? 30  PHE A CA  1 
ATOM   231  C C   . PHE A 1 30  ? 7.192   -6.409  9.415   1.00 19.21 ? 30  PHE A C   1 
ATOM   232  O O   . PHE A 1 30  ? 6.758   -7.263  10.195  1.00 20.97 ? 30  PHE A O   1 
ATOM   233  C CB  . PHE A 1 30  ? 6.401   -6.495  7.043   1.00 21.92 ? 30  PHE A CB  1 
ATOM   234  C CG  . PHE A 1 30  ? 6.751   -6.640  5.594   1.00 18.12 ? 30  PHE A CG  1 
ATOM   235  C CD1 . PHE A 1 30  ? 7.303   -5.583  4.901   1.00 17.50 ? 30  PHE A CD1 1 
ATOM   236  C CD2 . PHE A 1 30  ? 6.516   -7.832  4.920   1.00 19.09 ? 30  PHE A CD2 1 
ATOM   237  C CE1 . PHE A 1 30  ? 7.630   -5.702  3.549   1.00 16.60 ? 30  PHE A CE1 1 
ATOM   238  C CE2 . PHE A 1 30  ? 6.841   -7.952  3.569   1.00 19.64 ? 30  PHE A CE2 1 
ATOM   239  C CZ  . PHE A 1 30  ? 7.400   -6.895  2.890   1.00 21.06 ? 30  PHE A CZ  1 
ATOM   240  N N   . ASP A 1 31  ? 7.361   -5.135  9.740   1.00 15.27 ? 31  ASP A N   1 
ATOM   241  C CA  . ASP A 1 31  ? 7.034   -4.597  11.046  1.00 18.22 ? 31  ASP A CA  1 
ATOM   242  C C   . ASP A 1 31  ? 5.673   -3.935  11.091  1.00 20.46 ? 31  ASP A C   1 
ATOM   243  O O   . ASP A 1 31  ? 5.069   -3.862  12.160  1.00 21.14 ? 31  ASP A O   1 
ATOM   244  C CB  . ASP A 1 31  ? 8.099   -3.576  11.448  1.00 20.92 ? 31  ASP A CB  1 
ATOM   245  C CG  . ASP A 1 31  ? 9.482   -4.153  11.381  1.00 23.92 ? 31  ASP A CG  1 
ATOM   246  O OD1 . ASP A 1 31  ? 10.243  -3.800  10.453  1.00 21.90 ? 31  ASP A OD1 1 
ATOM   247  O OD2 . ASP A 1 31  ? 9.791   -4.998  12.245  1.00 27.63 ? 31  ASP A OD2 1 
ATOM   248  N N   . ALA A 1 32  ? 5.185   -3.435  9.963   1.00 17.35 ? 32  ALA A N   1 
ATOM   249  C CA  . ALA A 1 32  ? 3.911   -2.752  9.911   1.00 15.97 ? 32  ALA A CA  1 
ATOM   250  C C   . ALA A 1 32  ? 3.254   -3.071  8.579   1.00 16.72 ? 32  ALA A C   1 
ATOM   251  O O   . ALA A 1 32  ? 3.939   -3.313  7.584   1.00 16.56 ? 32  ALA A O   1 
ATOM   252  C CB  . ALA A 1 32  ? 4.094   -1.237  10.075  1.00 16.90 ? 32  ALA A CB  1 
ATOM   253  N N   . VAL A 1 33  ? 1.923   -3.035  8.554   1.00 17.57 ? 33  VAL A N   1 
ATOM   254  C CA  . VAL A 1 33  ? 1.178   -3.361  7.340   1.00 15.38 ? 33  VAL A CA  1 
ATOM   255  C C   . VAL A 1 33  ? 0.048   -2.352  7.167   1.00 15.05 ? 33  VAL A C   1 
ATOM   256  O O   . VAL A 1 33  ? -0.648  -2.016  8.129   1.00 15.80 ? 33  VAL A O   1 
ATOM   257  C CB  . VAL A 1 33  ? 0.640   -4.813  7.376   1.00 16.16 ? 33  VAL A CB  1 
ATOM   258  C CG1 . VAL A 1 33  ? -0.256  -5.045  8.573   1.00 19.95 ? 33  VAL A CG1 1 
ATOM   259  C CG2 . VAL A 1 33  ? -0.089  -5.162  6.067   1.00 19.38 ? 33  VAL A CG2 1 
ATOM   260  N N   . VAL A 1 34  ? -0.109  -1.849  5.946   1.00 16.15 ? 34  VAL A N   1 
ATOM   261  C CA  . VAL A 1 34  ? -1.239  -1.010  5.561   1.00 15.98 ? 34  VAL A CA  1 
ATOM   262  C C   . VAL A 1 34  ? -2.233  -1.905  4.833   1.00 15.92 ? 34  VAL A C   1 
ATOM   263  O O   . VAL A 1 34  ? -1.940  -2.414  3.747   1.00 12.56 ? 34  VAL A O   1 
ATOM   264  C CB  . VAL A 1 34  ? -0.800  0.157   4.662   1.00 14.63 ? 34  VAL A CB  1 
ATOM   265  C CG1 . VAL A 1 34  ? -2.009  0.914   4.150   1.00 13.91 ? 34  VAL A CG1 1 
ATOM   266  C CG2 . VAL A 1 34  ? 0.166   1.069   5.390   1.00 15.74 ? 34  VAL A CG2 1 
ATOM   267  N N   . VAL A 1 35  ? -3.411  -2.082  5.420   1.00 17.16 ? 35  VAL A N   1 
ATOM   268  C CA  . VAL A 1 35  ? -4.453  -2.953  4.890   1.00 15.31 ? 35  VAL A CA  1 
ATOM   269  C C   . VAL A 1 35  ? -5.496  -2.080  4.203   1.00 13.99 ? 35  VAL A C   1 
ATOM   270  O O   . VAL A 1 35  ? -6.232  -1.348  4.866   1.00 14.06 ? 35  VAL A O   1 
ATOM   271  C CB  . VAL A 1 35  ? -5.087  -3.796  6.003   1.00 14.94 ? 35  VAL A CB  1 
ATOM   272  C CG1 . VAL A 1 35  ? -6.261  -4.609  5.455   1.00 14.14 ? 35  VAL A CG1 1 
ATOM   273  C CG2 . VAL A 1 35  ? -4.039  -4.701  6.682   1.00 14.84 ? 35  VAL A CG2 1 
ATOM   274  N N   . LEU A 1 36  ? -5.606  -2.196  2.882   1.00 14.18 ? 36  LEU A N   1 
ATOM   275  C CA  . LEU A 1 36  ? -6.512  -1.370  2.088   1.00 11.77 ? 36  LEU A CA  1 
ATOM   276  C C   . LEU A 1 36  ? -7.802  -2.088  1.704   1.00 17.51 ? 36  LEU A C   1 
ATOM   277  O O   . LEU A 1 36  ? -8.677  -1.472  1.082   1.00 16.57 ? 36  LEU A O   1 
ATOM   278  C CB  . LEU A 1 36  ? -5.799  -0.904  0.815   1.00 12.46 ? 36  LEU A CB  1 
ATOM   279  C CG  . LEU A 1 36  ? -4.517  -0.111  1.054   1.00 15.28 ? 36  LEU A CG  1 
ATOM   280  C CD1 . LEU A 1 36  ? -3.817  0.160   -0.264  1.00 15.17 ? 36  LEU A CD1 1 
ATOM   281  C CD2 . LEU A 1 36  ? -4.846  1.197   1.783   1.00 13.65 ? 36  LEU A CD2 1 
ATOM   282  N N   . VAL A 1 37  ? -7.940  -3.372  2.039   1.00 16.01 ? 37  VAL A N   1 
ATOM   283  C CA  . VAL A 1 37  ? -9.154  -4.094  1.680   1.00 16.15 ? 37  VAL A CA  1 
ATOM   284  C C   . VAL A 1 37  ? -10.277 -3.754  2.656   1.00 16.60 ? 37  VAL A C   1 
ATOM   285  O O   . VAL A 1 37  ? -10.067 -3.260  3.781   1.00 16.49 ? 37  VAL A O   1 
ATOM   286  C CB  . VAL A 1 37  ? -8.922  -5.616  1.625   1.00 18.77 ? 37  VAL A CB  1 
ATOM   287  C CG1 . VAL A 1 37  ? -7.807  -5.986  0.636   1.00 20.74 ? 37  VAL A CG1 1 
ATOM   288  C CG2 . VAL A 1 37  ? -8.627  -6.159  3.022   1.00 16.60 ? 37  VAL A CG2 1 
ATOM   289  N N   . GLU A 1 38  ? -11.498 -4.004  2.209   1.00 14.61 ? 38  GLU A N   1 
ATOM   290  C CA  . GLU A 1 38  ? -12.670 -3.861  3.056   1.00 15.04 ? 38  GLU A CA  1 
ATOM   291  C C   . GLU A 1 38  ? -12.904 -5.122  3.894   1.00 17.27 ? 38  GLU A C   1 
ATOM   292  O O   . GLU A 1 38  ? -12.426 -6.223  3.577   1.00 18.72 ? 38  GLU A O   1 
ATOM   293  C CB  . GLU A 1 38  ? -13.914 -3.561  2.214   1.00 17.50 ? 38  GLU A CB  1 
ATOM   294  C CG  . GLU A 1 38  ? -13.830 -2.307  1.334   1.00 17.61 ? 38  GLU A CG  1 
ATOM   295  C CD  . GLU A 1 38  ? -14.226 -1.020  2.056   1.00 19.28 ? 38  GLU A CD  1 
ATOM   296  O OE1 . GLU A 1 38  ? -14.641 -1.072  3.229   1.00 19.92 ? 38  GLU A OE1 1 
ATOM   297  O OE2 . GLU A 1 38  ? -14.131 0.058   1.438   1.00 17.43 ? 38  GLU A OE2 1 
ATOM   298  N N   . ASP A 1 39  ? -13.689 -4.940  4.961   1.00 17.94 ? 39  ASP A N   1 
ATOM   299  C CA  . ASP A 1 39  ? -13.994 -6.031  5.878   1.00 20.46 ? 39  ASP A CA  1 
ATOM   300  C C   . ASP A 1 39  ? -14.680 -7.188  5.163   1.00 16.54 ? 39  ASP A C   1 
ATOM   301  O O   . ASP A 1 39  ? -14.504 -8.348  5.558   1.00 18.62 ? 39  ASP A O   1 
ATOM   302  C CB  . ASP A 1 39  ? -14.884 -5.537  7.026   1.00 15.56 ? 39  ASP A CB  1 
ATOM   303  C CG  . ASP A 1 39  ? -14.094 -4.966  8.196   1.00 27.19 ? 39  ASP A CG  1 
ATOM   304  O OD1 . ASP A 1 39  ? -12.853 -5.079  8.229   1.00 23.99 ? 39  ASP A OD1 1 
ATOM   305  O OD2 . ASP A 1 39  ? -14.733 -4.408  9.107   1.00 28.56 ? 39  ASP A OD2 1 
ATOM   306  N N   . TYR A 1 40  ? -15.466 -6.904  4.122   1.00 13.56 ? 40  TYR A N   1 
ATOM   307  C CA  . TYR A 1 40  ? -16.076 -7.998  3.375   1.00 15.79 ? 40  TYR A CA  1 
ATOM   308  C C   . TYR A 1 40  ? -15.105 -8.691  2.430   1.00 15.70 ? 40  TYR A C   1 
ATOM   309  O O   . TYR A 1 40  ? -15.516 -9.595  1.698   1.00 15.32 ? 40  TYR A O   1 
ATOM   310  C CB  . TYR A 1 40  ? -17.305 -7.519  2.593   1.00 15.65 ? 40  TYR A CB  1 
ATOM   311  C CG  . TYR A 1 40  ? -17.093 -6.315  1.709   1.00 16.43 ? 40  TYR A CG  1 
ATOM   312  C CD1 . TYR A 1 40  ? -17.414 -5.033  2.161   1.00 20.82 ? 40  TYR A CD1 1 
ATOM   313  C CD2 . TYR A 1 40  ? -16.597 -6.450  0.421   1.00 16.46 ? 40  TYR A CD2 1 
ATOM   314  C CE1 . TYR A 1 40  ? -17.237 -3.932  1.364   1.00 20.33 ? 40  TYR A CE1 1 
ATOM   315  C CE2 . TYR A 1 40  ? -16.410 -5.336  -0.391  1.00 19.12 ? 40  TYR A CE2 1 
ATOM   316  C CZ  . TYR A 1 40  ? -16.731 -4.084  0.095   1.00 23.39 ? 40  TYR A CZ  1 
ATOM   317  O OH  . TYR A 1 40  ? -16.557 -2.979  -0.710  1.00 24.92 ? 40  TYR A OH  1 
ATOM   318  N N   . GLU A 1 41  ? -13.833 -8.307  2.434   1.00 14.92 ? 41  GLU A N   1 
ATOM   319  C CA  . GLU A 1 41  ? -12.813 -9.017  1.678   1.00 15.07 ? 41  GLU A CA  1 
ATOM   320  C C   . GLU A 1 41  ? -11.833 -9.753  2.576   1.00 17.84 ? 41  GLU A C   1 
ATOM   321  O O   . GLU A 1 41  ? -10.916 -10.394 2.066   1.00 16.87 ? 41  GLU A O   1 
ATOM   322  C CB  . GLU A 1 41  ? -12.027 -8.042  0.777   1.00 14.97 ? 41  GLU A CB  1 
ATOM   323  C CG  . GLU A 1 41  ? -12.858 -7.255  -0.235  1.00 14.16 ? 41  GLU A CG  1 
ATOM   324  C CD  . GLU A 1 41  ? -12.028 -6.144  -0.870  1.00 15.15 ? 41  GLU A CD  1 
ATOM   325  O OE1 . GLU A 1 41  ? -11.905 -5.045  -0.274  1.00 18.36 ? 41  GLU A OE1 1 
ATOM   326  O OE2 . GLU A 1 41  ? -11.448 -6.388  -1.937  1.00 20.08 ? 41  GLU A OE2 1 
ATOM   327  N N   . LEU A 1 42  ? -11.979 -9.650  3.902   1.00 16.32 ? 42  LEU A N   1 
ATOM   328  C CA  . LEU A 1 42  ? -10.952 -10.133 4.819   1.00 17.32 ? 42  LEU A CA  1 
ATOM   329  C C   . LEU A 1 42  ? -11.266 -11.550 5.266   1.00 19.97 ? 42  LEU A C   1 
ATOM   330  O O   . LEU A 1 42  ? -12.332 -11.775 5.852   1.00 20.19 ? 42  LEU A O   1 
ATOM   331  C CB  . LEU A 1 42  ? -10.863 -9.233  6.035   1.00 20.01 ? 42  LEU A CB  1 
ATOM   332  C CG  . LEU A 1 42  ? -9.941  -8.043  5.940   1.00 21.09 ? 42  LEU A CG  1 
ATOM   333  C CD1 . LEU A 1 42  ? -10.047 -7.225  7.220   1.00 22.54 ? 42  LEU A CD1 1 
ATOM   334  C CD2 . LEU A 1 42  ? -8.509  -8.506  5.697   1.00 19.41 ? 42  LEU A CD2 1 
ATOM   335  N N   . PRO A 1 43  ? -10.383 -12.519 5.033   1.00 18.60 ? 43  PRO A N   1 
ATOM   336  C CA  . PRO A 1 43  ? -10.648 -13.895 5.477   1.00 23.83 ? 43  PRO A CA  1 
ATOM   337  C C   . PRO A 1 43  ? -10.238 -14.181 6.912   1.00 22.96 ? 43  PRO A C   1 
ATOM   338  O O   . PRO A 1 43  ? -10.387 -15.323 7.369   1.00 23.54 ? 43  PRO A O   1 
ATOM   339  C CB  . PRO A 1 43  ? -9.815  -14.736 4.490   1.00 25.01 ? 43  PRO A CB  1 
ATOM   340  C CG  . PRO A 1 43  ? -8.766  -13.799 3.932   1.00 23.53 ? 43  PRO A CG  1 
ATOM   341  C CD  . PRO A 1 43  ? -9.085  -12.392 4.346   1.00 22.73 ? 43  PRO A CD  1 
ATOM   342  N N   . TYR A 1 44  ? -9.751  -13.171 7.630   1.00 17.76 ? 44  TYR A N   1 
ATOM   343  C CA  . TYR A 1 44  ? -9.358  -13.319 9.023   1.00 18.82 ? 44  TYR A CA  1 
ATOM   344  C C   . TYR A 1 44  ? -9.468  -11.962 9.703   1.00 16.87 ? 44  TYR A C   1 
ATOM   345  O O   . TYR A 1 44  ? -9.628  -10.929 9.053   1.00 19.46 ? 44  TYR A O   1 
ATOM   346  C CB  . TYR A 1 44  ? -7.931  -13.872 9.151   1.00 18.61 ? 44  TYR A CB  1 
ATOM   347  C CG  . TYR A 1 44  ? -6.943  -13.167 8.252   1.00 21.69 ? 44  TYR A CG  1 
ATOM   348  C CD1 . TYR A 1 44  ? -6.573  -13.720 7.026   1.00 18.30 ? 44  TYR A CD1 1 
ATOM   349  C CD2 . TYR A 1 44  ? -6.394  -11.935 8.614   1.00 18.61 ? 44  TYR A CD2 1 
ATOM   350  C CE1 . TYR A 1 44  ? -5.679  -13.075 6.198   1.00 17.52 ? 44  TYR A CE1 1 
ATOM   351  C CE2 . TYR A 1 44  ? -5.501  -11.286 7.780   1.00 19.75 ? 44  TYR A CE2 1 
ATOM   352  C CZ  . TYR A 1 44  ? -5.150  -11.857 6.583   1.00 22.99 ? 44  TYR A CZ  1 
ATOM   353  O OH  . TYR A 1 44  ? -4.262  -11.194 5.768   1.00 20.62 ? 44  TYR A OH  1 
ATOM   354  N N   . SER A 1 45  ? -9.372  -11.969 11.025  1.00 16.68 ? 45  SER A N   1 
ATOM   355  C CA  . SER A 1 45  ? -9.392  -10.729 11.790  1.00 19.36 ? 45  SER A CA  1 
ATOM   356  C C   . SER A 1 45  ? -8.019  -10.071 11.758  1.00 23.23 ? 45  SER A C   1 
ATOM   357  O O   . SER A 1 45  ? -6.990  -10.752 11.788  1.00 19.77 ? 45  SER A O   1 
ATOM   358  C CB  . SER A 1 45  ? -9.804  -11.006 13.240  1.00 24.46 ? 45  SER A CB  1 
ATOM   359  O OG  . SER A 1 45  ? -9.419  -9.935  14.092  1.00 30.93 ? 45  SER A OG  1 
ATOM   360  N N   . LEU A 1 46  ? -8.000  -8.731  11.708  1.00 19.97 ? 46  LEU A N   1 
ATOM   361  C CA  . LEU A 1 46  ? -6.710  -8.051  11.704  1.00 19.89 ? 46  LEU A CA  1 
ATOM   362  C C   . LEU A 1 46  ? -5.991  -8.183  13.041  1.00 22.31 ? 46  LEU A C   1 
ATOM   363  O O   . LEU A 1 46  ? -4.803  -7.851  13.125  1.00 20.98 ? 46  LEU A O   1 
ATOM   364  C CB  . LEU A 1 46  ? -6.893  -6.593  11.293  1.00 23.57 ? 46  LEU A CB  1 
ATOM   365  C CG  . LEU A 1 46  ? -7.395  -6.406  9.853   1.00 17.56 ? 46  LEU A CG  1 
ATOM   366  C CD1 . LEU A 1 46  ? -7.521  -4.914  9.530   1.00 20.76 ? 46  LEU A CD1 1 
ATOM   367  C CD2 . LEU A 1 46  ? -6.494  -7.111  8.837   1.00 18.75 ? 46  LEU A CD2 1 
ATOM   368  N N   . ASP A 1 47  ? -6.683  -8.698  14.059  1.00 23.27 ? 47  ASP A N   1 
ATOM   369  C CA  . ASP A 1 47  ? -6.049  -9.199  15.277  1.00 25.95 ? 47  ASP A CA  1 
ATOM   370  C C   . ASP A 1 47  ? -4.855  -10.095 14.995  1.00 24.69 ? 47  ASP A C   1 
ATOM   371  O O   . ASP A 1 47  ? -3.889  -10.117 15.769  1.00 26.92 ? 47  ASP A O   1 
ATOM   372  C CB  . ASP A 1 47  ? -7.065  -10.001 16.083  1.00 31.80 ? 47  ASP A CB  1 
ATOM   373  C CG  . ASP A 1 47  ? -7.592  -9.248  17.254  1.00 34.77 ? 47  ASP A CG  1 
ATOM   374  O OD1 . ASP A 1 47  ? -6.890  -8.330  17.718  1.00 45.83 ? 47  ASP A OD1 1 
ATOM   375  O OD2 . ASP A 1 47  ? -8.703  -9.587  17.714  1.00 40.69 ? 47  ASP A OD2 1 
ATOM   376  N N   . GLU A 1 48  ? -4.931  -10.893 13.930  1.00 22.39 ? 48  GLU A N   1 
ATOM   377  C CA  . GLU A 1 48  ? -3.898  -11.896 13.689  1.00 21.30 ? 48  GLU A CA  1 
ATOM   378  C C   . GLU A 1 48  ? -2.546  -11.255 13.422  1.00 23.63 ? 48  GLU A C   1 
ATOM   379  O O   . GLU A 1 48  ? -1.507  -11.852 13.724  1.00 23.57 ? 48  GLU A O   1 
ATOM   380  C CB  . GLU A 1 48  ? -4.309  -12.805 12.534  1.00 23.40 ? 48  GLU A CB  1 
ATOM   381  C CG  . GLU A 1 48  ? -5.572  -13.614 12.844  1.00 21.96 ? 48  GLU A CG  1 
ATOM   382  C CD  . GLU A 1 48  ? -5.385  -14.592 14.012  1.00 29.42 ? 48  GLU A CD  1 
ATOM   383  O OE1 . GLU A 1 48  ? -4.268  -15.131 14.171  1.00 24.34 ? 48  GLU A OE1 1 
ATOM   384  O OE2 . GLU A 1 48  ? -6.357  -14.811 14.776  1.00 33.08 ? 48  GLU A OE2 1 
ATOM   385  N N   . TRP A 1 49  ? -2.534  -10.046 12.860  1.00 21.41 ? 49  TRP A N   1 
ATOM   386  C CA  . TRP A 1 49  ? -1.289  -9.289  12.758  1.00 22.03 ? 49  TRP A CA  1 
ATOM   387  C C   . TRP A 1 49  ? -0.757  -8.909  14.136  1.00 24.66 ? 49  TRP A C   1 
ATOM   388  O O   . TRP A 1 49  ? 0.428   -9.108  14.424  1.00 26.11 ? 49  TRP A O   1 
ATOM   389  C CB  . TRP A 1 49  ? -1.498  -8.028  11.922  1.00 22.52 ? 49  TRP A CB  1 
ATOM   390  C CG  . TRP A 1 49  ? -1.738  -8.250  10.455  1.00 18.09 ? 49  TRP A CG  1 
ATOM   391  C CD1 . TRP A 1 49  ? -2.909  -8.057  9.778   1.00 20.66 ? 49  TRP A CD1 1 
ATOM   392  C CD2 . TRP A 1 49  ? -0.777  -8.686  9.479   1.00 18.92 ? 49  TRP A CD2 1 
ATOM   393  N NE1 . TRP A 1 49  ? -2.737  -8.356  8.440   1.00 18.31 ? 49  TRP A NE1 1 
ATOM   394  C CE2 . TRP A 1 49  ? -1.436  -8.731  8.232   1.00 17.10 ? 49  TRP A CE2 1 
ATOM   395  C CE3 . TRP A 1 49  ? 0.575   -9.027  9.537   1.00 18.57 ? 49  TRP A CE3 1 
ATOM   396  C CZ2 . TRP A 1 49  ? -0.788  -9.110  7.058   1.00 24.08 ? 49  TRP A CZ2 1 
ATOM   397  C CZ3 . TRP A 1 49  ? 1.217   -9.410  8.370   1.00 24.16 ? 49  TRP A CZ3 1 
ATOM   398  C CH2 . TRP A 1 49  ? 0.532   -9.447  7.143   1.00 23.65 ? 49  TRP A CH2 1 
ATOM   399  N N   . GLU A 1 50  ? -1.617  -8.326  14.980  1.00 23.34 ? 50  GLU A N   1 
ATOM   400  C CA  . GLU A 1 50  ? -1.214  -7.941  16.333  1.00 30.77 ? 50  GLU A CA  1 
ATOM   401  C C   . GLU A 1 50  ? -0.617  -9.118  17.083  1.00 29.92 ? 50  GLU A C   1 
ATOM   402  O O   . GLU A 1 50  ? 0.460   -9.005  17.681  1.00 31.74 ? 50  GLU A O   1 
ATOM   403  C CB  . GLU A 1 50  ? -2.410  -7.395  17.119  1.00 33.51 ? 50  GLU A CB  1 
ATOM   404  C CG  . GLU A 1 50  ? -3.303  -6.356  16.424  1.00 37.86 ? 50  GLU A CG  1 
ATOM   405  C CD  . GLU A 1 50  ? -2.522  -5.312  15.665  1.00 35.77 ? 50  GLU A CD  1 
ATOM   406  O OE1 . GLU A 1 50  ? -2.141  -5.580  14.513  1.00 36.18 ? 50  GLU A OE1 1 
ATOM   407  O OE2 . GLU A 1 50  ? -2.295  -4.222  16.227  1.00 46.96 ? 50  GLU A OE2 1 
ATOM   408  N N   . LYS A 1 51  ? -1.300  -10.261 17.057  1.00 31.53 ? 51  LYS A N   1 
ATOM   409  C CA  . LYS A 1 51  ? -0.815  -11.472 17.702  1.00 32.76 ? 51  LYS A CA  1 
ATOM   410  C C   . LYS A 1 51  ? 0.536   -11.929 17.176  1.00 30.63 ? 51  LYS A C   1 
ATOM   411  O O   . LYS A 1 51  ? 1.122   -12.854 17.751  1.00 30.74 ? 51  LYS A O   1 
ATOM   412  C CB  . LYS A 1 51  ? -1.820  -12.601 17.500  1.00 30.63 ? 51  LYS A CB  1 
ATOM   413  C CG  . LYS A 1 51  ? -3.186  -12.365 18.093  1.00 30.99 ? 51  LYS A CG  1 
ATOM   414  C CD  . LYS A 1 51  ? -4.059  -13.545 17.711  1.00 29.52 ? 51  LYS A CD  1 
ATOM   415  C CE  . LYS A 1 51  ? -5.397  -13.504 18.397  1.00 30.99 ? 51  LYS A CE  1 
ATOM   416  N NZ  . LYS A 1 51  ? -6.176  -14.708 18.010  1.00 28.38 ? 51  LYS A NZ  1 
ATOM   417  N N   . ARG A 1 52  ? 1.035   -11.330 16.095  1.00 28.33 ? 52  ARG A N   1 
ATOM   418  C CA  . ARG A 1 52  ? 2.307   -11.730 15.510  1.00 28.22 ? 52  ARG A CA  1 
ATOM   419  C C   . ARG A 1 52  ? 3.334   -10.607 15.547  1.00 30.99 ? 52  ARG A C   1 
ATOM   420  O O   . ARG A 1 52  ? 4.377   -10.706 14.885  1.00 30.70 ? 52  ARG A O   1 
ATOM   421  C CB  . ARG A 1 52  ? 2.089   -12.216 14.082  1.00 28.12 ? 52  ARG A CB  1 
ATOM   422  C CG  . ARG A 1 52  ? 1.249   -13.482 14.008  1.00 28.96 ? 52  ARG A CG  1 
ATOM   423  C CD  . ARG A 1 52  ? 0.955   -13.837 12.573  1.00 25.03 ? 52  ARG A CD  1 
ATOM   424  N NE  . ARG A 1 52  ? 0.472   -15.206 12.441  1.00 25.85 ? 52  ARG A NE  1 
ATOM   425  C CZ  . ARG A 1 52  ? -0.760  -15.597 12.748  1.00 26.22 ? 52  ARG A CZ  1 
ATOM   426  N NH1 . ARG A 1 52  ? -1.632  -14.719 13.226  1.00 26.14 ? 52  ARG A NH1 1 
ATOM   427  N NH2 . ARG A 1 52  ? -1.119  -16.867 12.586  1.00 28.98 ? 52  ARG A NH2 1 
ATOM   428  N N   . GLY A 1 53  ? 3.071   -9.554  16.315  1.00 26.86 ? 53  GLY A N   1 
ATOM   429  C CA  . GLY A 1 53  ? 4.031   -8.487  16.487  1.00 32.37 ? 53  GLY A CA  1 
ATOM   430  C C   . GLY A 1 53  ? 4.083   -7.478  15.364  1.00 31.41 ? 53  GLY A C   1 
ATOM   431  O O   . GLY A 1 53  ? 5.146   -6.902  15.122  1.00 30.62 ? 53  GLY A O   1 
ATOM   432  N N   . VAL A 1 54  ? 2.966   -7.236  14.676  1.00 28.23 ? 54  VAL A N   1 
ATOM   433  C CA  . VAL A 1 54  ? 2.922   -6.335  13.527  1.00 24.20 ? 54  VAL A CA  1 
ATOM   434  C C   . VAL A 1 54  ? 1.860   -5.272  13.778  1.00 25.50 ? 54  VAL A C   1 
ATOM   435  O O   . VAL A 1 54  ? 0.723   -5.595  14.128  1.00 28.06 ? 54  VAL A O   1 
ATOM   436  C CB  . VAL A 1 54  ? 2.622   -7.094  12.225  1.00 24.04 ? 54  VAL A CB  1 
ATOM   437  C CG1 . VAL A 1 54  ? 2.329   -6.105  11.085  1.00 20.84 ? 54  VAL A CG1 1 
ATOM   438  C CG2 . VAL A 1 54  ? 3.774   -8.038  11.885  1.00 24.27 ? 54  VAL A CG2 1 
ATOM   439  N N   . GLU A 1 55  ? 2.217   -4.006  13.588  1.00 21.83 ? 55  GLU A N   1 
ATOM   440  C CA  . GLU A 1 55  ? 1.228   -2.957  13.784  1.00 24.89 ? 55  GLU A CA  1 
ATOM   441  C C   . GLU A 1 55  ? 0.506   -2.679  12.469  1.00 22.87 ? 55  GLU A C   1 
ATOM   442  O O   . GLU A 1 55  ? 1.081   -2.806  11.387  1.00 21.50 ? 55  GLU A O   1 
ATOM   443  C CB  . GLU A 1 55  ? 1.871   -1.687  14.345  1.00 23.80 ? 55  GLU A CB  1 
ATOM   444  C CG  . GLU A 1 55  ? 2.917   -1.063  13.488  1.00 28.09 ? 55  GLU A CG  1 
ATOM   445  C CD  . GLU A 1 55  ? 3.844   -0.168  14.290  1.00 29.25 ? 55  GLU A CD  1 
ATOM   446  O OE1 . GLU A 1 55  ? 5.059   -0.441  14.300  1.00 28.87 ? 55  GLU A OE1 1 
ATOM   447  O OE2 . GLU A 1 55  ? 3.354   0.788   14.924  1.00 29.06 ? 55  GLU A OE2 1 
ATOM   448  N N   . VAL A 1 56  ? -0.774  -2.319  12.573  1.00 22.39 ? 56  VAL A N   1 
ATOM   449  C CA  . VAL A 1 56  ? -1.684  -2.290  11.434  1.00 18.91 ? 56  VAL A CA  1 
ATOM   450  C C   . VAL A 1 56  ? -2.283  -0.904  11.288  1.00 21.14 ? 56  VAL A C   1 
ATOM   451  O O   . VAL A 1 56  ? -2.687  -0.280  12.277  1.00 18.67 ? 56  VAL A O   1 
ATOM   452  C CB  . VAL A 1 56  ? -2.824  -3.321  11.578  1.00 22.46 ? 56  VAL A CB  1 
ATOM   453  C CG1 . VAL A 1 56  ? -3.847  -3.125  10.467  1.00 23.68 ? 56  VAL A CG1 1 
ATOM   454  C CG2 . VAL A 1 56  ? -2.283  -4.715  11.519  1.00 21.47 ? 56  VAL A CG2 1 
ATOM   455  N N   . LEU A 1 57  ? -2.359  -0.429  10.053  1.00 17.35 ? 57  LEU A N   1 
ATOM   456  C CA  . LEU A 1 57  ? -3.228  0.696   9.722   1.00 17.48 ? 57  LEU A CA  1 
ATOM   457  C C   . LEU A 1 57  ? -4.260  0.163   8.740   1.00 17.30 ? 57  LEU A C   1 
ATOM   458  O O   . LEU A 1 57  ? -3.914  -0.212  7.618   1.00 20.17 ? 57  LEU A O   1 
ATOM   459  C CB  . LEU A 1 57  ? -2.456  1.869   9.124   1.00 15.20 ? 57  LEU A CB  1 
ATOM   460  C CG  . LEU A 1 57  ? -3.351  3.040   8.756   1.00 15.91 ? 57  LEU A CG  1 
ATOM   461  C CD1 . LEU A 1 57  ? -3.675  3.829   10.025  1.00 17.12 ? 57  LEU A CD1 1 
ATOM   462  C CD2 . LEU A 1 57  ? -2.726  3.944   7.693   1.00 18.22 ? 57  LEU A CD2 1 
ATOM   463  N N   . HIS A 1 58  ? -5.521  0.126   9.156   1.00 18.36 ? 58  HIS A N   1 
ATOM   464  C CA  . HIS A 1 58  ? -6.601  -0.313  8.288   1.00 16.90 ? 58  HIS A CA  1 
ATOM   465  C C   . HIS A 1 58  ? -7.216  0.914   7.627   1.00 17.18 ? 58  HIS A C   1 
ATOM   466  O O   . HIS A 1 58  ? -7.941  1.680   8.276   1.00 16.33 ? 58  HIS A O   1 
ATOM   467  C CB  . HIS A 1 58  ? -7.655  -1.105  9.059   1.00 18.82 ? 58  HIS A CB  1 
ATOM   468  C CG  . HIS A 1 58  ? -8.647  -1.785  8.164   1.00 14.42 ? 58  HIS A CG  1 
ATOM   469  N ND1 . HIS A 1 58  ? -9.878  -2.222  8.600   1.00 14.79 ? 58  HIS A ND1 1 
ATOM   470  C CD2 . HIS A 1 58  ? -8.588  -2.084  6.844   1.00 18.66 ? 58  HIS A CD2 1 
ATOM   471  C CE1 . HIS A 1 58  ? -10.534 -2.765  7.590   1.00 18.13 ? 58  HIS A CE1 1 
ATOM   472  N NE2 . HIS A 1 58  ? -9.769  -2.700  6.515   1.00 16.99 ? 58  HIS A NE2 1 
ATOM   473  N N   . GLY A 1 59  ? -6.925  1.097   6.334   1.00 17.43 ? 59  GLY A N   1 
ATOM   474  C CA  . GLY A 1 59  ? -7.490  2.171   5.550   1.00 17.45 ? 59  GLY A CA  1 
ATOM   475  C C   . GLY A 1 59  ? -8.299  1.639   4.381   1.00 14.53 ? 59  GLY A C   1 
ATOM   476  O O   . GLY A 1 59  ? -7.811  1.538   3.250   1.00 15.67 ? 59  GLY A O   1 
ATOM   477  N N   . PRO A 1 60  ? -9.552  1.273   4.635   1.00 14.73 ? 60  PRO A N   1 
ATOM   478  C CA  . PRO A 1 60  ? -10.338 0.599   3.596   1.00 16.92 ? 60  PRO A CA  1 
ATOM   479  C C   . PRO A 1 60  ? -10.680 1.508   2.429   1.00 20.24 ? 60  PRO A C   1 
ATOM   480  O O   . PRO A 1 60  ? -11.034 2.678   2.599   1.00 16.28 ? 60  PRO A O   1 
ATOM   481  C CB  . PRO A 1 60  ? -11.603 0.154   4.339   1.00 16.32 ? 60  PRO A CB  1 
ATOM   482  C CG  . PRO A 1 60  ? -11.592 0.909   5.624   1.00 17.13 ? 60  PRO A CG  1 
ATOM   483  C CD  . PRO A 1 60  ? -10.183 1.162   5.955   1.00 17.03 ? 60  PRO A CD  1 
ATOM   484  N N   . ILE A 1 61  ? -10.555 0.944   1.232   1.00 15.49 ? 61  ILE A N   1 
ATOM   485  C CA  . ILE A 1 61  ? -10.953 1.570   -0.029  1.00 17.35 ? 61  ILE A CA  1 
ATOM   486  C C   . ILE A 1 61  ? -11.696 0.489   -0.810  1.00 18.82 ? 61  ILE A C   1 
ATOM   487  O O   . ILE A 1 61  ? -11.180 -0.630  -0.930  1.00 19.13 ? 61  ILE A O   1 
ATOM   488  C CB  . ILE A 1 61  ? -9.748  2.068   -0.845  1.00 14.55 ? 61  ILE A CB  1 
ATOM   489  C CG1 . ILE A 1 61  ? -8.713  2.805   0.010   1.00 15.03 ? 61  ILE A CG1 1 
ATOM   490  C CG2 . ILE A 1 61  ? -10.217 2.905   -2.015  1.00 19.44 ? 61  ILE A CG2 1 
ATOM   491  C CD1 . ILE A 1 61  ? -7.362  2.997   -0.711  1.00 14.31 ? 61  ILE A CD1 1 
ATOM   492  N N   . PRO A 1 62  ? -12.887 0.749   -1.346  1.00 17.78 ? 62  PRO A N   1 
ATOM   493  C CA  . PRO A 1 62  ? -13.553 -0.288  -2.149  1.00 20.43 ? 62  PRO A CA  1 
ATOM   494  C C   . PRO A 1 62  ? -12.747 -0.610  -3.400  1.00 20.58 ? 62  PRO A C   1 
ATOM   495  O O   . PRO A 1 62  ? -12.062 0.242   -3.962  1.00 20.46 ? 62  PRO A O   1 
ATOM   496  C CB  . PRO A 1 62  ? -14.908 0.343   -2.492  1.00 18.66 ? 62  PRO A CB  1 
ATOM   497  C CG  . PRO A 1 62  ? -15.131 1.374   -1.387  1.00 23.60 ? 62  PRO A CG  1 
ATOM   498  C CD  . PRO A 1 62  ? -13.748 1.925   -1.142  1.00 19.51 ? 62  PRO A CD  1 
ATOM   499  N N   . ASP A 1 63  ? -12.815 -1.870  -3.824  1.00 21.15 ? 63  ASP A N   1 
ATOM   500  C CA  . ASP A 1 63  ? -12.064 -2.296  -5.000  1.00 20.36 ? 63  ASP A CA  1 
ATOM   501  C C   . ASP A 1 63  ? -12.446 -1.446  -6.209  1.00 21.09 ? 63  ASP A C   1 
ATOM   502  O O   . ASP A 1 63  ? -13.603 -1.054  -6.369  1.00 20.98 ? 63  ASP A O   1 
ATOM   503  C CB  . ASP A 1 63  ? -12.327 -3.775  -5.271  1.00 21.27 ? 63  ASP A CB  1 
ATOM   504  C CG  . ASP A 1 63  ? -11.249 -4.428  -6.115  1.00 22.32 ? 63  ASP A CG  1 
ATOM   505  O OD1 . ASP A 1 63  ? -10.203 -3.802  -6.383  1.00 22.49 ? 63  ASP A OD1 1 
ATOM   506  O OD2 . ASP A 1 63  ? -11.443 -5.593  -6.507  1.00 22.09 ? 63  ASP A OD2 1 
ATOM   507  N N   . PHE A 1 64  ? -11.442 -1.119  -7.024  1.00 18.72 ? 64  PHE A N   1 
ATOM   508  C CA  . PHE A 1 64  ? -11.513 -0.330  -8.254  1.00 21.82 ? 64  PHE A CA  1 
ATOM   509  C C   . PHE A 1 64  ? -11.772 1.154   -8.021  1.00 23.45 ? 64  PHE A C   1 
ATOM   510  O O   . PHE A 1 64  ? -11.814 1.917   -8.998  1.00 26.51 ? 64  PHE A O   1 
ATOM   511  C CB  . PHE A 1 64  ? -12.562 -0.865  -9.243  1.00 21.69 ? 64  PHE A CB  1 
ATOM   512  C CG  . PHE A 1 64  ? -12.334 -2.301  -9.653  1.00 21.57 ? 64  PHE A CG  1 
ATOM   513  C CD1 . PHE A 1 64  ? -11.265 -2.642  -10.455 1.00 23.88 ? 64  PHE A CD1 1 
ATOM   514  C CD2 . PHE A 1 64  ? -13.183 -3.310  -9.211  1.00 26.16 ? 64  PHE A CD2 1 
ATOM   515  C CE1 . PHE A 1 64  ? -11.047 -3.964  -10.836 1.00 27.65 ? 64  PHE A CE1 1 
ATOM   516  C CE2 . PHE A 1 64  ? -12.971 -4.631  -9.574  1.00 22.65 ? 64  PHE A CE2 1 
ATOM   517  C CZ  . PHE A 1 64  ? -11.901 -4.959  -10.381 1.00 24.52 ? 64  PHE A CZ  1 
ATOM   518  N N   . THR A 1 65  ? -11.896 1.608   -6.777  1.00 17.63 ? 65  THR A N   1 
ATOM   519  C CA  . THR A 1 65  ? -12.219 2.995   -6.489  1.00 23.07 ? 65  THR A CA  1 
ATOM   520  C C   . THR A 1 65  ? -11.019 3.692   -5.869  1.00 21.06 ? 65  THR A C   1 
ATOM   521  O O   . THR A 1 65  ? -10.037 3.065   -5.463  1.00 20.48 ? 65  THR A O   1 
ATOM   522  C CB  . THR A 1 65  ? -13.420 3.116   -5.542  1.00 23.88 ? 65  THR A CB  1 
ATOM   523  O OG1 . THR A 1 65  ? -13.013 2.770   -4.216  1.00 24.70 ? 65  THR A OG1 1 
ATOM   524  C CG2 . THR A 1 65  ? -14.545 2.212   -5.972  1.00 19.52 ? 65  THR A CG2 1 
ATOM   525  N N   . ALA A 1 66  ? -11.132 4.948   -5.771  1.00 24.70 ? 66  ALA A N   1 
ATOM   526  C CA  . ALA A 1 66  ? -10.027 5.750   -5.291  1.00 22.87 ? 66  ALA A CA  1 
ATOM   527  C C   . ALA A 1 66  ? -10.208 6.116   -3.823  1.00 18.53 ? 66  ALA A C   1 
ATOM   528  O O   . ALA A 1 66  ? -11.334 6.377   -3.373  1.00 20.24 ? 66  ALA A O   1 
ATOM   529  C CB  . ALA A 1 66  ? -9.904  7.030   -6.119  1.00 24.70 ? 66  ALA A CB  1 
ATOM   530  N N   . PRO A 1 67  ? -9.132  6.177   -3.047  1.00 19.91 ? 67  PRO A N   1 
ATOM   531  C CA  . PRO A 1 67  ? -9.220  6.842   -1.743  1.00 18.61 ? 67  PRO A CA  1 
ATOM   532  C C   . PRO A 1 67  ? -9.482  8.327   -1.948  1.00 18.85 ? 67  PRO A C   1 
ATOM   533  O O   . PRO A 1 67  ? -9.274  8.866   -3.036  1.00 19.04 ? 67  PRO A O   1 
ATOM   534  C CB  . PRO A 1 67  ? -7.840  6.603   -1.127  1.00 18.98 ? 67  PRO A CB  1 
ATOM   535  C CG  . PRO A 1 67  ? -6.919  6.520   -2.296  1.00 17.33 ? 67  PRO A CG  1 
ATOM   536  C CD  . PRO A 1 67  ? -7.736  5.913   -3.446  1.00 15.58 ? 67  PRO A CD  1 
ATOM   537  N N   . SER A 1 68  ? -9.960  8.995   -0.900  1.00 23.40 ? 68  SER A N   1 
ATOM   538  C CA  . SER A 1 68  ? -9.927  10.446  -0.965  1.00 21.11 ? 68  SER A CA  1 
ATOM   539  C C   . SER A 1 68  ? -8.478  10.905  -0.849  1.00 20.37 ? 68  SER A C   1 
ATOM   540  O O   . SER A 1 68  ? -7.605  10.161  -0.392  1.00 19.94 ? 68  SER A O   1 
ATOM   541  C CB  . SER A 1 68  ? -10.793 11.085  0.130   1.00 20.27 ? 68  SER A CB  1 
ATOM   542  O OG  . SER A 1 68  ? -10.229 10.931  1.419   1.00 19.67 ? 68  SER A OG  1 
ATOM   543  N N   . VAL A 1 69  ? -8.209  12.129  -1.315  1.00 20.46 ? 69  VAL A N   1 
ATOM   544  C CA  . VAL A 1 69  ? -6.841  12.632  -1.234  1.00 22.89 ? 69  VAL A CA  1 
ATOM   545  C C   . VAL A 1 69  ? -6.419  12.818  0.222   1.00 20.54 ? 69  VAL A C   1 
ATOM   546  O O   . VAL A 1 69  ? -5.250  12.603  0.569   1.00 18.80 ? 69  VAL A O   1 
ATOM   547  C CB  . VAL A 1 69  ? -6.688  13.937  -2.048  1.00 25.40 ? 69  VAL A CB  1 
ATOM   548  C CG1 . VAL A 1 69  ? -7.566  15.053  -1.481  1.00 25.01 ? 69  VAL A CG1 1 
ATOM   549  C CG2 . VAL A 1 69  ? -5.223  14.358  -2.115  1.00 24.10 ? 69  VAL A CG2 1 
ATOM   550  N N   . GLU A 1 70  ? -7.358  13.172  1.105   1.00 20.85 ? 70  GLU A N   1 
ATOM   551  C CA  . GLU A 1 70  ? -7.002  13.303  2.514   1.00 21.26 ? 70  GLU A CA  1 
ATOM   552  C C   . GLU A 1 70  ? -6.743  11.936  3.146   1.00 19.74 ? 70  GLU A C   1 
ATOM   553  O O   . GLU A 1 70  ? -5.814  11.783  3.947   1.00 23.86 ? 70  GLU A O   1 
ATOM   554  C CB  . GLU A 1 70  ? -8.094  14.066  3.267   1.00 25.00 ? 70  GLU A CB  1 
ATOM   555  C CG  . GLU A 1 70  ? -8.396  15.476  2.686   1.00 28.37 ? 70  GLU A CG  1 
ATOM   556  C CD  . GLU A 1 70  ? -9.505  15.485  1.623   1.00 29.91 ? 70  GLU A CD  1 
ATOM   557  O OE1 . GLU A 1 70  ? -9.915  14.403  1.148   1.00 29.82 ? 70  GLU A OE1 1 
ATOM   558  O OE2 . GLU A 1 70  ? -9.976  16.584  1.259   1.00 36.99 ? 70  GLU A OE2 1 
ATOM   559  N N   . GLN A 1 71  ? -7.559  10.936  2.806   1.00 21.62 ? 71  GLN A N   1 
ATOM   560  C CA  . GLN A 1 71  ? -7.284  9.563   3.234   1.00 19.55 ? 71  GLN A CA  1 
ATOM   561  C C   . GLN A 1 71  ? -5.899  9.119   2.773   1.00 18.21 ? 71  GLN A C   1 
ATOM   562  O O   . GLN A 1 71  ? -5.134  8.517   3.542   1.00 17.51 ? 71  GLN A O   1 
ATOM   563  C CB  . GLN A 1 71  ? -8.371  8.628   2.694   1.00 17.66 ? 71  GLN A CB  1 
ATOM   564  C CG  . GLN A 1 71  ? -8.137  7.138   2.979   1.00 16.04 ? 71  GLN A CG  1 
ATOM   565  C CD  . GLN A 1 71  ? -9.211  6.255   2.342   1.00 20.22 ? 71  GLN A CD  1 
ATOM   566  O OE1 . GLN A 1 71  ? -9.789  6.612   1.314   1.00 17.76 ? 71  GLN A OE1 1 
ATOM   567  N NE2 . GLN A 1 71  ? -9.499  5.113   2.965   1.00 17.30 ? 71  GLN A NE2 1 
ATOM   568  N N   . LEU A 1 72  ? -5.544  9.452   1.531   1.00 15.12 ? 72  LEU A N   1 
ATOM   569  C CA  . LEU A 1 72  ? -4.232  9.119   0.994   1.00 18.11 ? 72  LEU A CA  1 
ATOM   570  C C   . LEU A 1 72  ? -3.116  9.750   1.814   1.00 19.05 ? 72  LEU A C   1 
ATOM   571  O O   . LEU A 1 72  ? -2.145  9.080   2.190   1.00 16.59 ? 72  LEU A O   1 
ATOM   572  C CB  . LEU A 1 72  ? -4.145  9.596   -0.450  1.00 20.02 ? 72  LEU A CB  1 
ATOM   573  C CG  . LEU A 1 72  ? -3.738  8.591   -1.516  1.00 23.52 ? 72  LEU A CG  1 
ATOM   574  C CD1 . LEU A 1 72  ? -3.400  9.310   -2.836  1.00 15.30 ? 72  LEU A CD1 1 
ATOM   575  C CD2 . LEU A 1 72  ? -2.605  7.673   -1.058  1.00 17.25 ? 72  LEU A CD2 1 
ATOM   576  N N   . LEU A 1 73  ? -3.241  11.049  2.098   1.00 17.77 ? 73  LEU A N   1 
ATOM   577  C CA  . LEU A 1 73  ? -2.182  11.745  2.817   1.00 18.43 ? 73  LEU A CA  1 
ATOM   578  C C   . LEU A 1 73  ? -2.004  11.189  4.222   1.00 18.01 ? 73  LEU A C   1 
ATOM   579  O O   . LEU A 1 73  ? -0.875  11.107  4.725   1.00 16.93 ? 73  LEU A O   1 
ATOM   580  C CB  . LEU A 1 73  ? -2.484  13.248  2.854   1.00 20.75 ? 73  LEU A CB  1 
ATOM   581  C CG  . LEU A 1 73  ? -2.056  14.041  1.616   1.00 25.10 ? 73  LEU A CG  1 
ATOM   582  C CD1 . LEU A 1 73  ? -2.601  15.462  1.707   1.00 26.73 ? 73  LEU A CD1 1 
ATOM   583  C CD2 . LEU A 1 73  ? -0.537  14.049  1.508   1.00 19.36 ? 73  LEU A CD2 1 
ATOM   584  N N   . GLU A 1 74  ? -3.099  10.780  4.864   1.00 17.43 ? 74  GLU A N   1 
ATOM   585  C CA  . GLU A 1 74  ? -2.986  10.215  6.204   1.00 20.46 ? 74  GLU A CA  1 
ATOM   586  C C   . GLU A 1 74  ? -2.261  8.876   6.172   1.00 18.12 ? 74  GLU A C   1 
ATOM   587  O O   . GLU A 1 74  ? -1.428  8.593   7.041   1.00 17.57 ? 74  GLU A O   1 
ATOM   588  C CB  . GLU A 1 74  ? -4.371  10.071  6.817   1.00 20.56 ? 74  GLU A CB  1 
ATOM   589  C CG  . GLU A 1 74  ? -4.925  11.376  7.342   1.00 27.26 ? 74  GLU A CG  1 
ATOM   590  C CD  . GLU A 1 74  ? -4.607  11.568  8.805   1.00 31.60 ? 74  GLU A CD  1 
ATOM   591  O OE1 . GLU A 1 74  ? -3.837  10.752  9.363   1.00 37.37 ? 74  GLU A OE1 1 
ATOM   592  O OE2 . GLU A 1 74  ? -5.131  12.527  9.406   1.00 39.64 ? 74  GLU A OE2 1 
ATOM   593  N N   . ILE A 1 75  ? -2.547  8.052   5.161   1.00 16.51 ? 75  ILE A N   1 
ATOM   594  C CA  . ILE A 1 75  ? -1.846  6.778   5.021   1.00 14.45 ? 75  ILE A CA  1 
ATOM   595  C C   . ILE A 1 75  ? -0.358  7.014   4.769   1.00 16.43 ? 75  ILE A C   1 
ATOM   596  O O   . ILE A 1 75  ? 0.504   6.359   5.370   1.00 13.88 ? 75  ILE A O   1 
ATOM   597  C CB  . ILE A 1 75  ? -2.496  5.946   3.896   1.00 14.21 ? 75  ILE A CB  1 
ATOM   598  C CG1 . ILE A 1 75  ? -3.896  5.475   4.312   1.00 15.78 ? 75  ILE A CG1 1 
ATOM   599  C CG2 . ILE A 1 75  ? -1.598  4.796   3.508   1.00 13.16 ? 75  ILE A CG2 1 
ATOM   600  C CD1 . ILE A 1 75  ? -4.783  4.993   3.136   1.00 14.11 ? 75  ILE A CD1 1 
ATOM   601  N N   . LEU A 1 76  ? -0.036  7.976   3.896   1.00 14.73 ? 76  LEU A N   1 
ATOM   602  C CA  . LEU A 1 76  ? 1.356   8.306   3.594   1.00 13.80 ? 76  LEU A CA  1 
ATOM   603  C C   . LEU A 1 76  ? 2.106   8.777   4.839   1.00 14.63 ? 76  LEU A C   1 
ATOM   604  O O   . LEU A 1 76  ? 3.246   8.366   5.085   1.00 13.55 ? 76  LEU A O   1 
ATOM   605  C CB  . LEU A 1 76  ? 1.415   9.385   2.503   1.00 14.54 ? 76  LEU A CB  1 
ATOM   606  C CG  . LEU A 1 76  ? 0.773   9.024   1.168   1.00 15.63 ? 76  LEU A CG  1 
ATOM   607  C CD1 . LEU A 1 76  ? 0.769   10.168  0.170   1.00 18.18 ? 76  LEU A CD1 1 
ATOM   608  C CD2 . LEU A 1 76  ? 1.450   7.799   0.573   1.00 15.95 ? 76  LEU A CD2 1 
ATOM   609  N N   . ARG A 1 77  ? 1.492   9.667   5.621   1.00 17.61 ? 77  ARG A N   1 
ATOM   610  C CA  . ARG A 1 77  ? 2.146   10.140  6.843   1.00 16.75 ? 77  ARG A CA  1 
ATOM   611  C C   . ARG A 1 77  ? 2.414   8.988   7.806   1.00 16.84 ? 77  ARG A C   1 
ATOM   612  O O   . ARG A 1 77  ? 3.464   8.947   8.460   1.00 18.73 ? 77  ARG A O   1 
ATOM   613  C CB  . ARG A 1 77  ? 1.291   11.216  7.520   1.00 18.72 ? 77  ARG A CB  1 
ATOM   614  C CG  . ARG A 1 77  ? 1.522   12.616  6.960   1.00 22.46 ? 77  ARG A CG  1 
ATOM   615  C CD  . ARG A 1 77  ? 0.388   13.519  7.351   1.00 23.94 ? 77  ARG A CD  1 
ATOM   616  N NE  . ARG A 1 77  ? 0.099   14.486  6.299   1.00 29.33 ? 77  ARG A NE  1 
ATOM   617  C CZ  . ARG A 1 77  ? -1.122  14.928  6.038   1.00 23.99 ? 77  ARG A CZ  1 
ATOM   618  N NH1 . ARG A 1 77  ? -2.147  14.469  6.750   1.00 30.57 ? 77  ARG A NH1 1 
ATOM   619  N NH2 . ARG A 1 77  ? -1.317  15.807  5.068   1.00 29.24 ? 77  ARG A NH2 1 
ATOM   620  N N   . TRP A 1 78  ? 1.482   8.033   7.892   1.00 15.35 ? 78  TRP A N   1 
ATOM   621  C CA  . TRP A 1 78  ? 1.655   6.877   8.768   1.00 17.64 ? 78  TRP A CA  1 
ATOM   622  C C   . TRP A 1 78  ? 2.823   6.014   8.309   1.00 16.78 ? 78  TRP A C   1 
ATOM   623  O O   . TRP A 1 78  ? 3.679   5.630   9.112   1.00 14.18 ? 78  TRP A O   1 
ATOM   624  C CB  . TRP A 1 78  ? 0.355   6.066   8.805   1.00 15.15 ? 78  TRP A CB  1 
ATOM   625  C CG  . TRP A 1 78  ? 0.299   4.997   9.852   1.00 17.36 ? 78  TRP A CG  1 
ATOM   626  C CD1 . TRP A 1 78  ? -0.124  5.137   11.149  1.00 19.35 ? 78  TRP A CD1 1 
ATOM   627  C CD2 . TRP A 1 78  ? 0.661   3.620   9.697   1.00 19.39 ? 78  TRP A CD2 1 
ATOM   628  N NE1 . TRP A 1 78  ? -0.045  3.927   11.803  1.00 20.88 ? 78  TRP A NE1 1 
ATOM   629  C CE2 . TRP A 1 78  ? 0.428   2.981   10.931  1.00 18.19 ? 78  TRP A CE2 1 
ATOM   630  C CE3 . TRP A 1 78  ? 1.151   2.864   8.632   1.00 18.18 ? 78  TRP A CE3 1 
ATOM   631  C CZ2 . TRP A 1 78  ? 0.686   1.627   11.125  1.00 17.00 ? 78  TRP A CZ2 1 
ATOM   632  C CZ3 . TRP A 1 78  ? 1.404   1.533   8.826   1.00 17.77 ? 78  TRP A CZ3 1 
ATOM   633  C CH2 . TRP A 1 78  ? 1.170   0.923   10.058  1.00 19.22 ? 78  TRP A CH2 1 
ATOM   634  N N   . ILE A 1 79  ? 2.876   5.690   7.008   1.00 13.52 ? 79  ILE A N   1 
ATOM   635  C CA  . ILE A 1 79  ? 4.012   4.943   6.475   1.00 12.95 ? 79  ILE A CA  1 
ATOM   636  C C   . ILE A 1 79  ? 5.324   5.650   6.807   1.00 13.81 ? 79  ILE A C   1 
ATOM   637  O O   . ILE A 1 79  ? 6.307   5.028   7.229   1.00 12.77 ? 79  ILE A O   1 
ATOM   638  C CB  . ILE A 1 79  ? 3.857   4.747   4.953   1.00 15.44 ? 79  ILE A CB  1 
ATOM   639  C CG1 . ILE A 1 79  ? 2.612   3.906   4.640   1.00 15.39 ? 79  ILE A CG1 1 
ATOM   640  C CG2 . ILE A 1 79  ? 5.124   4.117   4.371   1.00 15.08 ? 79  ILE A CG2 1 
ATOM   641  C CD1 . ILE A 1 79  ? 2.237   3.881   3.145   1.00 13.96 ? 79  ILE A CD1 1 
ATOM   642  N N   . GLU A 1 80  ? 5.355   6.970   6.606   1.00 14.85 ? 80  GLU A N   1 
ATOM   643  C CA  . GLU A 1 80  ? 6.581   7.725   6.858   1.00 17.47 ? 80  GLU A CA  1 
ATOM   644  C C   . GLU A 1 80  ? 7.023   7.580   8.308   1.00 17.61 ? 80  GLU A C   1 
ATOM   645  O O   . GLU A 1 80  ? 8.204   7.341   8.583   1.00 16.21 ? 80  GLU A O   1 
ATOM   646  C CB  . GLU A 1 80  ? 6.356   9.194   6.510   1.00 17.85 ? 80  GLU A CB  1 
ATOM   647  C CG  . GLU A 1 80  ? 7.605   10.058  6.645   1.00 23.89 ? 80  GLU A CG  1 
ATOM   648  C CD  . GLU A 1 80  ? 7.292   11.513  6.456   1.00 28.45 ? 80  GLU A CD  1 
ATOM   649  O OE1 . GLU A 1 80  ? 6.146   11.920  6.767   1.00 28.39 ? 80  GLU A OE1 1 
ATOM   650  O OE2 . GLU A 1 80  ? 8.188   12.249  5.991   1.00 37.96 ? 80  GLU A OE2 1 
ATOM   651  N N   . GLU A 1 81  ? 6.082   7.727   9.248   1.00 16.68 ? 81  GLU A N   1 
ATOM   652  C CA  . GLU A 1 81  ? 6.369   7.485   10.664  1.00 17.47 ? 81  GLU A CA  1 
ATOM   653  C C   . GLU A 1 81  ? 7.077   6.149   10.877  1.00 19.12 ? 81  GLU A C   1 
ATOM   654  O O   . GLU A 1 81  ? 8.126   6.079   11.532  1.00 17.22 ? 81  GLU A O   1 
ATOM   655  C CB  . GLU A 1 81  ? 5.071   7.520   11.476  1.00 18.87 ? 81  GLU A CB  1 
ATOM   656  C CG  . GLU A 1 81  ? 4.515   8.894   11.746  1.00 21.69 ? 81  GLU A CG  1 
ATOM   657  C CD  . GLU A 1 81  ? 3.117   8.832   12.360  1.00 23.57 ? 81  GLU A CD  1 
ATOM   658  O OE1 . GLU A 1 81  ? 2.465   9.889   12.461  1.00 25.64 ? 81  GLU A OE1 1 
ATOM   659  O OE2 . GLU A 1 81  ? 2.661   7.724   12.726  1.00 24.05 ? 81  GLU A OE2 1 
ATOM   660  N N   . ARG A 1 82  ? 6.510   5.066   10.339  1.00 15.10 ? 82  ARG A N   1 
ATOM   661  C CA  . ARG A 1 82  ? 7.107   3.752   10.552  1.00 16.70 ? 82  ARG A CA  1 
ATOM   662  C C   . ARG A 1 82  ? 8.487   3.672   9.923   1.00 18.59 ? 82  ARG A C   1 
ATOM   663  O O   . ARG A 1 82  ? 9.420   3.112   10.511  1.00 19.33 ? 82  ARG A O   1 
ATOM   664  C CB  . ARG A 1 82  ? 6.207   2.655   9.977   1.00 17.16 ? 82  ARG A CB  1 
ATOM   665  C CG  . ARG A 1 82  ? 4.735   2.773   10.356  1.00 15.72 ? 82  ARG A CG  1 
ATOM   666  C CD  . ARG A 1 82  ? 4.451   2.321   11.783  1.00 19.37 ? 82  ARG A CD  1 
ATOM   667  N NE  . ARG A 1 82  ? 4.775   3.320   12.804  1.00 18.45 ? 82  ARG A NE  1 
ATOM   668  C CZ  . ARG A 1 82  ? 4.088   4.442   12.997  1.00 21.31 ? 82  ARG A CZ  1 
ATOM   669  N NH1 . ARG A 1 82  ? 4.443   5.277   13.965  1.00 18.17 ? 82  ARG A NH1 1 
ATOM   670  N NH2 . ARG A 1 82  ? 3.057   4.746   12.210  1.00 20.23 ? 82  ARG A NH2 1 
ATOM   671  N N   . VAL A 1 83  ? 8.628   4.213   8.714   1.00 15.11 ? 83  VAL A N   1 
ATOM   672  C CA  . VAL A 1 83  ? 9.921   4.221   8.040   1.00 16.91 ? 83  VAL A CA  1 
ATOM   673  C C   . VAL A 1 83  ? 10.955  4.953   8.876   1.00 19.84 ? 83  VAL A C   1 
ATOM   674  O O   . VAL A 1 83  ? 12.106  4.514   8.995   1.00 18.97 ? 83  VAL A O   1 
ATOM   675  C CB  . VAL A 1 83  ? 9.782   4.844   6.640   1.00 17.17 ? 83  VAL A CB  1 
ATOM   676  C CG1 . VAL A 1 83  ? 11.147  5.243   6.105   1.00 17.54 ? 83  VAL A CG1 1 
ATOM   677  C CG2 . VAL A 1 83  ? 9.114   3.853   5.722   1.00 17.27 ? 83  VAL A CG2 1 
ATOM   678  N N   . ARG A 1 84  ? 10.554  6.068   9.484   1.00 17.91 ? 84  ARG A N   1 
ATOM   679  C CA  . ARG A 1 84  ? 11.500  6.838   10.284  1.00 22.56 ? 84  ARG A CA  1 
ATOM   680  C C   . ARG A 1 84  ? 11.921  6.077   11.531  1.00 25.62 ? 84  ARG A C   1 
ATOM   681  O O   . ARG A 1 84  ? 13.030  6.290   12.039  1.00 27.73 ? 84  ARG A O   1 
ATOM   682  C CB  . ARG A 1 84  ? 10.884  8.186   10.642  1.00 23.40 ? 84  ARG A CB  1 
ATOM   683  C CG  . ARG A 1 84  ? 10.744  9.112   9.442   1.00 23.74 ? 84  ARG A CG  1 
ATOM   684  C CD  . ARG A 1 84  ? 12.069  9.802   9.119   1.00 31.48 ? 84  ARG A CD  1 
ATOM   685  N NE  . ARG A 1 84  ? 11.923  10.816  8.075   1.00 33.62 ? 84  ARG A NE  1 
ATOM   686  C CZ  . ARG A 1 84  ? 11.880  12.126  8.306   1.00 34.76 ? 84  ARG A CZ  1 
ATOM   687  N NH1 . ARG A 1 84  ? 11.974  12.591  9.546   1.00 33.51 ? 84  ARG A NH1 1 
ATOM   688  N NH2 . ARG A 1 84  ? 11.737  12.974  7.293   1.00 32.23 ? 84  ARG A NH2 1 
ATOM   689  N N   . GLU A 1 85  ? 11.063  5.173   12.021  1.00 24.29 ? 85  GLU A N   1 
ATOM   690  C CA  . GLU A 1 85  ? 11.364  4.288   13.141  1.00 24.79 ? 85  GLU A CA  1 
ATOM   691  C C   . GLU A 1 85  ? 12.319  3.159   12.771  1.00 24.93 ? 85  GLU A C   1 
ATOM   692  O O   . GLU A 1 85  ? 12.704  2.385   13.653  1.00 27.41 ? 85  GLU A O   1 
ATOM   693  C CB  . GLU A 1 85  ? 10.066  3.677   13.688  1.00 22.75 ? 85  GLU A CB  1 
ATOM   694  C CG  . GLU A 1 85  ? 9.253   4.590   14.571  1.00 22.74 ? 85  GLU A CG  1 
ATOM   695  C CD  . GLU A 1 85  ? 7.797   4.172   14.702  1.00 25.71 ? 85  GLU A CD  1 
ATOM   696  O OE1 . GLU A 1 85  ? 7.403   3.127   14.139  1.00 22.76 ? 85  GLU A OE1 1 
ATOM   697  O OE2 . GLU A 1 85  ? 7.033   4.890   15.384  1.00 31.04 ? 85  GLU A OE2 1 
ATOM   698  N N   . GLY A 1 86  ? 12.690  3.023   11.502  1.00 25.79 ? 86  GLY A N   1 
ATOM   699  C CA  . GLY A 1 86  ? 13.500  1.898   11.068  1.00 21.38 ? 86  GLY A CA  1 
ATOM   700  C C   . GLY A 1 86  ? 12.719  0.671   10.662  1.00 22.58 ? 86  GLY A C   1 
ATOM   701  O O   . GLY A 1 86  ? 13.320  -0.396  10.472  1.00 26.56 ? 86  GLY A O   1 
ATOM   702  N N   . LYS A 1 87  ? 11.410  0.790   10.494  1.00 23.07 ? 87  LYS A N   1 
ATOM   703  C CA  . LYS A 1 87  ? 10.562  -0.359  10.227  1.00 21.04 ? 87  LYS A CA  1 
ATOM   704  C C   . LYS A 1 87  ? 10.364  -0.591  8.729   1.00 21.21 ? 87  LYS A C   1 
ATOM   705  O O   . LYS A 1 87  ? 10.475  0.319   7.904   1.00 21.76 ? 87  LYS A O   1 
ATOM   706  C CB  . LYS A 1 87  ? 9.209   -0.179  10.921  1.00 20.45 ? 87  LYS A CB  1 
ATOM   707  C CG  . LYS A 1 87  ? 9.297   -0.261  12.431  1.00 21.85 ? 87  LYS A CG  1 
ATOM   708  C CD  . LYS A 1 87  ? 7.988   0.058   13.121  1.00 21.13 ? 87  LYS A CD  1 
ATOM   709  C CE  . LYS A 1 87  ? 8.166   -0.021  14.640  1.00 27.31 ? 87  LYS A CE  1 
ATOM   710  N NZ  . LYS A 1 87  ? 7.238   0.891   15.369  1.00 23.79 ? 87  LYS A NZ  1 
ATOM   711  N N   . LYS A 1 88  ? 10.069  -1.844  8.390   1.00 18.96 ? 88  LYS A N   1 
ATOM   712  C CA  . LYS A 1 88  ? 9.680   -2.242  7.045   1.00 19.91 ? 88  LYS A CA  1 
ATOM   713  C C   . LYS A 1 88  ? 8.162   -2.365  6.964   1.00 17.44 ? 88  LYS A C   1 
ATOM   714  O O   . LYS A 1 88  ? 7.533   -2.992  7.824   1.00 15.52 ? 88  LYS A O   1 
ATOM   715  C CB  . LYS A 1 88  ? 10.351  -3.555  6.662   1.00 19.12 ? 88  LYS A CB  1 
ATOM   716  C CG  . LYS A 1 88  ? 11.841  -3.390  6.409   1.00 25.66 ? 88  LYS A CG  1 
ATOM   717  C CD  . LYS A 1 88  ? 12.490  -4.709  6.054   1.00 32.35 ? 88  LYS A CD  1 
ATOM   718  C CE  . LYS A 1 88  ? 13.983  -4.520  5.827   1.00 36.29 ? 88  LYS A CE  1 
ATOM   719  N NZ  . LYS A 1 88  ? 14.601  -5.638  5.058   1.00 46.23 ? 88  LYS A NZ  1 
ATOM   720  N N   . VAL A 1 89  ? 7.584   -1.769  5.925   1.00 17.08 ? 89  VAL A N   1 
ATOM   721  C CA  . VAL A 1 89  ? 6.145   -1.582  5.818   1.00 14.94 ? 89  VAL A CA  1 
ATOM   722  C C   . VAL A 1 89  ? 5.645   -2.299  4.578   1.00 15.09 ? 89  VAL A C   1 
ATOM   723  O O   . VAL A 1 89  ? 6.260   -2.214  3.508   1.00 16.77 ? 89  VAL A O   1 
ATOM   724  C CB  . VAL A 1 89  ? 5.772   -0.089  5.735   1.00 13.11 ? 89  VAL A CB  1 
ATOM   725  C CG1 . VAL A 1 89  ? 4.257   0.055   5.683   1.00 16.72 ? 89  VAL A CG1 1 
ATOM   726  C CG2 . VAL A 1 89  ? 6.380   0.702   6.890   1.00 14.45 ? 89  VAL A CG2 1 
ATOM   727  N N   . LEU A 1 90  ? 4.521   -2.981  4.718   1.00 14.52 ? 90  LEU A N   1 
ATOM   728  C CA  . LEU A 1 90  ? 3.876   -3.659  3.603   1.00 15.37 ? 90  LEU A CA  1 
ATOM   729  C C   . LEU A 1 90  ? 2.538   -2.991  3.329   1.00 16.99 ? 90  LEU A C   1 
ATOM   730  O O   . LEU A 1 90  ? 1.741   -2.820  4.252   1.00 16.31 ? 90  LEU A O   1 
ATOM   731  C CB  . LEU A 1 90  ? 3.659   -5.137  3.924   1.00 16.53 ? 90  LEU A CB  1 
ATOM   732  C CG  . LEU A 1 90  ? 2.905   -5.912  2.848   1.00 22.38 ? 90  LEU A CG  1 
ATOM   733  C CD1 . LEU A 1 90  ? 3.784   -6.058  1.600   1.00 17.30 ? 90  LEU A CD1 1 
ATOM   734  C CD2 . LEU A 1 90  ? 2.488   -7.260  3.389   1.00 18.05 ? 90  LEU A CD2 1 
ATOM   735  N N   . ILE A 1 91  ? 2.304   -2.612  2.072   1.00 13.28 ? 91  ILE A N   1 
ATOM   736  C CA  . ILE A 1 91  ? 1.016   -2.100  1.604   1.00 14.55 ? 91  ILE A CA  1 
ATOM   737  C C   . ILE A 1 91  ? 0.342   -3.229  0.849   1.00 13.98 ? 91  ILE A C   1 
ATOM   738  O O   . ILE A 1 91  ? 0.892   -3.705  -0.145  1.00 16.19 ? 91  ILE A O   1 
ATOM   739  C CB  . ILE A 1 91  ? 1.201   -0.894  0.669   1.00 14.42 ? 91  ILE A CB  1 
ATOM   740  C CG1 . ILE A 1 91  ? 1.936   0.236   1.382   1.00 15.58 ? 91  ILE A CG1 1 
ATOM   741  C CG2 . ILE A 1 91  ? -0.133  -0.407  0.125   1.00 16.08 ? 91  ILE A CG2 1 
ATOM   742  C CD1 . ILE A 1 91  ? 2.585   1.186   0.363   1.00 18.53 ? 91  ILE A CD1 1 
ATOM   743  N N   . HIS A 1 92  ? -0.850  -3.659  1.273   1.00 14.79 ? 92  HIS A N   1 
ATOM   744  C CA  . HIS A 1 92  ? -1.518  -4.703  0.507   1.00 16.05 ? 92  HIS A CA  1 
ATOM   745  C C   . HIS A 1 92  ? -2.976  -4.364  0.226   1.00 16.88 ? 92  HIS A C   1 
ATOM   746  O O   . HIS A 1 92  ? -3.640  -3.662  0.993   1.00 15.57 ? 92  HIS A O   1 
ATOM   747  C CB  . HIS A 1 92  ? -1.385  -6.078  1.207   1.00 14.97 ? 92  HIS A CB  1 
ATOM   748  C CG  . HIS A 1 92  ? -2.501  -6.431  2.150   1.00 18.11 ? 92  HIS A CG  1 
ATOM   749  N ND1 . HIS A 1 92  ? -3.759  -6.805  1.724   1.00 14.95 ? 92  HIS A ND1 1 
ATOM   750  C CD2 . HIS A 1 92  ? -2.523  -6.533  3.501   1.00 20.15 ? 92  HIS A CD2 1 
ATOM   751  C CE1 . HIS A 1 92  ? -4.513  -7.101  2.766   1.00 16.01 ? 92  HIS A CE1 1 
ATOM   752  N NE2 . HIS A 1 92  ? -3.791  -6.935  3.859   1.00 21.35 ? 92  HIS A NE2 1 
ATOM   753  N N   . CYS A 1 93  ? -3.454  -4.858  -0.917  1.00 17.37 ? 93  CYS A N   1 
ATOM   754  C CA  . CYS A 1 93  ? -4.882  -4.891  -1.207  1.00 17.21 ? 93  CYS A CA  1 
ATOM   755  C C   . CYS A 1 93  ? -5.215  -6.297  -1.684  1.00 16.91 ? 93  CYS A C   1 
ATOM   756  O O   . CYS A 1 93  ? -4.795  -7.264  -1.043  1.00 20.20 ? 93  CYS A O   1 
ATOM   757  C CB  . CYS A 1 93  ? -5.284  -3.819  -2.227  1.00 19.91 ? 93  CYS A CB  1 
ATOM   758  S SG  . CYS A 1 93  ? -4.544  -3.890  -3.888  1.00 19.11 ? 93  CYS A SG  1 
ATOM   759  N N   . MET A 1 94  ? -5.940  -6.437  -2.791  1.00 21.11 ? 94  MET A N   1 
ATOM   760  C CA  . MET A 1 94  ? -6.158  -7.752  -3.404  1.00 20.87 ? 94  MET A CA  1 
ATOM   761  C C   . MET A 1 94  ? -6.656  -7.541  -4.832  1.00 23.98 ? 94  MET A C   1 
ATOM   762  O O   . MET A 1 94  ? -6.712  -6.409  -5.323  1.00 21.74 ? 94  MET A O   1 
ATOM   763  C CB  . MET A 1 94  ? -7.123  -8.600  -2.564  1.00 22.19 ? 94  MET A CB  1 
ATOM   764  C CG  . MET A 1 94  ? -8.593  -8.221  -2.645  1.00 21.04 ? 94  MET A CG  1 
ATOM   765  S SD  . MET A 1 94  ? -9.591  -9.338  -1.605  1.00 29.60 ? 94  MET A SD  1 
ATOM   766  C CE  . MET A 1 94  ? -9.153  -10.930 -2.325  1.00 23.22 ? 94  MET A CE  1 
ATOM   767  N N   . GLY A 1 95  ? -7.006  -8.635  -5.507  1.00 26.41 ? 95  GLY A N   1 
ATOM   768  C CA  . GLY A 1 95  ? -7.564  -8.515  -6.848  1.00 26.04 ? 95  GLY A CA  1 
ATOM   769  C C   . GLY A 1 95  ? -6.550  -7.952  -7.831  1.00 23.08 ? 95  GLY A C   1 
ATOM   770  O O   . GLY A 1 95  ? -5.382  -8.356  -7.852  1.00 23.98 ? 95  GLY A O   1 
ATOM   771  N N   . GLY A 1 96  ? -6.997  -6.987  -8.638  1.00 25.03 ? 96  GLY A N   1 
ATOM   772  C CA  . GLY A 1 96  ? -6.174  -6.368  -9.671  1.00 23.21 ? 96  GLY A CA  1 
ATOM   773  C C   . GLY A 1 96  ? -5.055  -5.492  -9.154  1.00 25.34 ? 96  GLY A C   1 
ATOM   774  O O   . GLY A 1 96  ? -4.222  -5.050  -9.956  1.00 23.43 ? 96  GLY A O   1 
ATOM   775  N N   . LEU A 1 97  ? -5.037  -5.210  -7.848  1.00 19.28 ? 97  LEU A N   1 
ATOM   776  C CA  . LEU A 1 97  ? -3.954  -4.523  -7.143  1.00 22.45 ? 97  LEU A CA  1 
ATOM   777  C C   . LEU A 1 97  ? -3.937  -3.016  -7.369  1.00 20.98 ? 97  LEU A C   1 
ATOM   778  O O   . LEU A 1 97  ? -2.941  -2.355  -7.033  1.00 19.39 ? 97  LEU A O   1 
ATOM   779  C CB  . LEU A 1 97  ? -2.579  -5.106  -7.498  1.00 22.34 ? 97  LEU A CB  1 
ATOM   780  C CG  . LEU A 1 97  ? -2.368  -6.606  -7.279  1.00 22.15 ? 97  LEU A CG  1 
ATOM   781  C CD1 . LEU A 1 97  ? -0.923  -6.967  -7.565  1.00 25.11 ? 97  LEU A CD1 1 
ATOM   782  C CD2 . LEU A 1 97  ? -2.787  -7.072  -5.859  1.00 22.30 ? 97  LEU A CD2 1 
ATOM   783  N N   . GLY A 1 98  ? -5.023  -2.436  -7.891  1.00 19.43 ? 98  GLY A N   1 
ATOM   784  C CA  . GLY A 1 98  ? -5.043  -1.004  -8.135  1.00 20.76 ? 98  GLY A CA  1 
ATOM   785  C C   . GLY A 1 98  ? -4.965  -0.148  -6.879  1.00 19.40 ? 98  GLY A C   1 
ATOM   786  O O   . GLY A 1 98  ? -4.411  0.950   -6.909  1.00 17.76 ? 98  GLY A O   1 
ATOM   787  N N   . ARG A 1 99  ? -5.514  -0.633  -5.767  1.00 19.26 ? 99  ARG A N   1 
ATOM   788  C CA  . ARG A 1 99  ? -5.529  0.155   -4.536  1.00 15.84 ? 99  ARG A CA  1 
ATOM   789  C C   . ARG A 1 99  ? -4.129  0.293   -3.953  1.00 16.31 ? 99  ARG A C   1 
ATOM   790  O O   . ARG A 1 99  ? -3.697  1.404   -3.596  1.00 17.62 ? 99  ARG A O   1 
ATOM   791  C CB  . ARG A 1 99  ? -6.489  -0.484  -3.526  1.00 14.75 ? 99  ARG A CB  1 
ATOM   792  C CG  . ARG A 1 99  ? -7.959  -0.262  -3.882  1.00 13.92 ? 99  ARG A CG  1 
ATOM   793  C CD  . ARG A 1 99  ? -8.881  -1.077  -2.975  1.00 16.78 ? 99  ARG A CD  1 
ATOM   794  N NE  . ARG A 1 99  ? -8.856  -2.503  -3.329  1.00 17.72 ? 99  ARG A NE  1 
ATOM   795  C CZ  . ARG A 1 99  ? -9.548  -3.445  -2.699  1.00 19.51 ? 99  ARG A CZ  1 
ATOM   796  N NH1 . ARG A 1 99  ? -10.327 -3.135  -1.665  1.00 19.61 ? 99  ARG A NH1 1 
ATOM   797  N NH2 . ARG A 1 99  ? -9.450  -4.706  -3.103  1.00 18.21 ? 99  ARG A NH2 1 
ATOM   798  N N   . SER A 1 100 ? -3.410  -0.823  -3.819  1.00 15.19 ? 100 SER A N   1 
ATOM   799  C CA  . SER A 1 100 ? -2.037  -0.741  -3.333  1.00 13.97 ? 100 SER A CA  1 
ATOM   800  C C   . SER A 1 100 ? -1.149  -0.070  -4.366  1.00 17.10 ? 100 SER A C   1 
ATOM   801  O O   . SER A 1 100 ? -0.189  0.632   -4.003  1.00 16.12 ? 100 SER A O   1 
ATOM   802  C CB  . SER A 1 100 ? -1.501  -2.128  -2.962  1.00 16.13 ? 100 SER A CB  1 
ATOM   803  O OG  . SER A 1 100 ? -1.571  -3.046  -4.057  1.00 15.53 ? 100 SER A OG  1 
ATOM   804  N N   . GLY A 1 101 ? -1.481  -0.241  -5.645  1.00 14.96 ? 101 GLY A N   1 
ATOM   805  C CA  . GLY A 1 101 ? -0.759  0.472   -6.692  1.00 16.75 ? 101 GLY A CA  1 
ATOM   806  C C   . GLY A 1 101 ? -0.883  1.974   -6.537  1.00 19.44 ? 101 GLY A C   1 
ATOM   807  O O   . GLY A 1 101 ? 0.107   2.710   -6.632  1.00 19.38 ? 101 GLY A O   1 
ATOM   808  N N   . THR A 1 102 ? -2.101  2.452   -6.283  1.00 16.69 ? 102 THR A N   1 
ATOM   809  C CA  . THR A 1 102 ? -2.313  3.879   -6.064  1.00 18.20 ? 102 THR A CA  1 
ATOM   810  C C   . THR A 1 102 ? -1.500  4.374   -4.872  1.00 16.53 ? 102 THR A C   1 
ATOM   811  O O   . THR A 1 102 ? -0.826  5.410   -4.945  1.00 19.72 ? 102 THR A O   1 
ATOM   812  C CB  . THR A 1 102 ? -3.801  4.152   -5.854  1.00 19.01 ? 102 THR A CB  1 
ATOM   813  O OG1 . THR A 1 102 ? -4.519  3.765   -7.025  1.00 19.76 ? 102 THR A OG1 1 
ATOM   814  C CG2 . THR A 1 102 ? -4.058  5.645   -5.575  1.00 15.43 ? 102 THR A CG2 1 
ATOM   815  N N   . VAL A 1 103 ? -1.541  3.633   -3.763  1.00 14.63 ? 103 VAL A N   1 
ATOM   816  C CA  . VAL A 1 103 ? -0.815  4.069   -2.574  1.00 15.63 ? 103 VAL A CA  1 
ATOM   817  C C   . VAL A 1 103 ? 0.690   3.984   -2.800  1.00 14.19 ? 103 VAL A C   1 
ATOM   818  O O   . VAL A 1 103 ? 1.451   4.826   -2.309  1.00 15.23 ? 103 VAL A O   1 
ATOM   819  C CB  . VAL A 1 103 ? -1.275  3.230   -1.361  1.00 16.58 ? 103 VAL A CB  1 
ATOM   820  C CG1 . VAL A 1 103 ? -0.482  3.572   -0.119  1.00 15.00 ? 103 VAL A CG1 1 
ATOM   821  C CG2 . VAL A 1 103 ? -2.773  3.448   -1.104  1.00 16.06 ? 103 VAL A CG2 1 
ATOM   822  N N   . GLY A 1 104 ? 1.152   2.987   -3.555  1.00 14.21 ? 104 GLY A N   1 
ATOM   823  C CA  . GLY A 1 104 ? 2.578   2.881   -3.817  1.00 15.31 ? 104 GLY A CA  1 
ATOM   824  C C   . GLY A 1 104 ? 3.101   3.997   -4.706  1.00 16.21 ? 104 GLY A C   1 
ATOM   825  O O   . GLY A 1 104 ? 4.183   4.547   -4.458  1.00 17.74 ? 104 GLY A O   1 
ATOM   826  N N   . VAL A 1 105 ? 2.347   4.350   -5.751  1.00 15.43 ? 105 VAL A N   1 
ATOM   827  C CA  . VAL A 1 105 ? 2.702   5.505   -6.573  1.00 17.17 ? 105 VAL A CA  1 
ATOM   828  C C   . VAL A 1 105 ? 2.729   6.758   -5.706  1.00 18.30 ? 105 VAL A C   1 
ATOM   829  O O   . VAL A 1 105 ? 3.674   7.556   -5.755  1.00 17.41 ? 105 VAL A O   1 
ATOM   830  C CB  . VAL A 1 105 ? 1.721   5.650   -7.758  1.00 19.29 ? 105 VAL A CB  1 
ATOM   831  C CG1 . VAL A 1 105 ? 2.053   6.838   -8.611  1.00 20.25 ? 105 VAL A CG1 1 
ATOM   832  C CG2 . VAL A 1 105 ? 1.756   4.416   -8.664  1.00 17.21 ? 105 VAL A CG2 1 
ATOM   833  N N   . ALA A 1 106 ? 1.696   6.926   -4.876  1.00 15.74 ? 106 ALA A N   1 
ATOM   834  C CA  . ALA A 1 106 ? 1.625   8.081   -3.983  1.00 15.43 ? 106 ALA A CA  1 
ATOM   835  C C   . ALA A 1 106 ? 2.821   8.142   -3.049  1.00 17.67 ? 106 ALA A C   1 
ATOM   836  O O   . ALA A 1 106 ? 3.331   9.226   -2.749  1.00 20.61 ? 106 ALA A O   1 
ATOM   837  C CB  . ALA A 1 106 ? 0.328   8.036   -3.183  1.00 13.62 ? 106 ALA A CB  1 
ATOM   838  N N   . TRP A 1 107 ? 3.254   6.987   -2.544  1.00 17.26 ? 107 TRP A N   1 
ATOM   839  C CA  . TRP A 1 107 ? 4.393   6.949   -1.637  1.00 16.08 ? 107 TRP A CA  1 
ATOM   840  C C   . TRP A 1 107 ? 5.661   7.428   -2.327  1.00 17.36 ? 107 TRP A C   1 
ATOM   841  O O   . TRP A 1 107 ? 6.487   8.119   -1.720  1.00 17.17 ? 107 TRP A O   1 
ATOM   842  C CB  . TRP A 1 107 ? 4.581   5.525   -1.096  1.00 18.10 ? 107 TRP A CB  1 
ATOM   843  C CG  . TRP A 1 107 ? 5.826   5.405   -0.298  1.00 16.74 ? 107 TRP A CG  1 
ATOM   844  C CD1 . TRP A 1 107 ? 6.940   4.698   -0.622  1.00 16.51 ? 107 TRP A CD1 1 
ATOM   845  C CD2 . TRP A 1 107 ? 6.109   6.064   0.940   1.00 19.11 ? 107 TRP A CD2 1 
ATOM   846  N NE1 . TRP A 1 107 ? 7.902   4.854   0.351   1.00 20.73 ? 107 TRP A NE1 1 
ATOM   847  C CE2 . TRP A 1 107 ? 7.420   5.700   1.317   1.00 19.93 ? 107 TRP A CE2 1 
ATOM   848  C CE3 . TRP A 1 107 ? 5.383   6.927   1.765   1.00 14.32 ? 107 TRP A CE3 1 
ATOM   849  C CZ2 . TRP A 1 107 ? 8.012   6.156   2.496   1.00 18.09 ? 107 TRP A CZ2 1 
ATOM   850  C CZ3 . TRP A 1 107 ? 5.972   7.375   2.936   1.00 16.98 ? 107 TRP A CZ3 1 
ATOM   851  C CH2 . TRP A 1 107 ? 7.274   6.995   3.288   1.00 17.04 ? 107 TRP A CH2 1 
ATOM   852  N N   . LEU A 1 108 ? 5.846   7.056   -3.593  1.00 14.23 ? 108 LEU A N   1 
ATOM   853  C CA  . LEU A 1 108 ? 7.041   7.496   -4.302  1.00 16.27 ? 108 LEU A CA  1 
ATOM   854  C C   . LEU A 1 108 ? 7.011   9.002   -4.525  1.00 20.83 ? 108 LEU A C   1 
ATOM   855  O O   . LEU A 1 108 ? 8.039   9.670   -4.400  1.00 20.27 ? 108 LEU A O   1 
ATOM   856  C CB  . LEU A 1 108 ? 7.176   6.745   -5.631  1.00 17.96 ? 108 LEU A CB  1 
ATOM   857  C CG  . LEU A 1 108 ? 7.496   5.248   -5.558  1.00 22.58 ? 108 LEU A CG  1 
ATOM   858  C CD1 . LEU A 1 108 ? 7.481   4.677   -6.957  1.00 20.31 ? 108 LEU A CD1 1 
ATOM   859  C CD2 . LEU A 1 108 ? 8.838   4.981   -4.884  1.00 19.62 ? 108 LEU A CD2 1 
ATOM   860  N N   . MET A 1 109 ? 5.837   9.551   -4.851  1.00 19.44 ? 109 MET A N   1 
ATOM   861  C CA  . MET A 1 109 ? 5.701   11.002  -4.957  1.00 19.66 ? 109 MET A CA  1 
ATOM   862  C C   . MET A 1 109 ? 5.964   11.677  -3.620  1.00 19.09 ? 109 MET A C   1 
ATOM   863  O O   . MET A 1 109 ? 6.619   12.726  -3.559  1.00 18.82 ? 109 MET A O   1 
ATOM   864  C CB  . MET A 1 109 ? 4.297   11.364  -5.453  1.00 19.64 ? 109 MET A CB  1 
ATOM   865  C CG  . MET A 1 109 ? 3.941   10.839  -6.830  1.00 17.06 ? 109 MET A CG  1 
ATOM   866  S SD  . MET A 1 109 ? 2.193   11.126  -7.197  1.00 25.46 ? 109 MET A SD  1 
ATOM   867  C CE  . MET A 1 109 ? 1.466   9.577   -6.929  1.00 31.08 ? 109 MET A CE  1 
ATOM   868  N N   . TYR A 1 110 ? 5.440   11.094  -2.536  1.00 18.55 ? 110 TYR A N   1 
ATOM   869  C CA  . TYR A 1 110 ? 5.508   11.740  -1.225  1.00 18.37 ? 110 TYR A CA  1 
ATOM   870  C C   . TYR A 1 110 ? 6.926   11.717  -0.677  1.00 17.48 ? 110 TYR A C   1 
ATOM   871  O O   . TYR A 1 110 ? 7.456   12.754  -0.256  1.00 22.57 ? 110 TYR A O   1 
ATOM   872  C CB  . TYR A 1 110 ? 4.544   11.043  -0.260  1.00 14.83 ? 110 TYR A CB  1 
ATOM   873  C CG  . TYR A 1 110 ? 4.511   11.628  1.136   1.00 17.97 ? 110 TYR A CG  1 
ATOM   874  C CD1 . TYR A 1 110 ? 5.279   11.082  2.151   1.00 18.85 ? 110 TYR A CD1 1 
ATOM   875  C CD2 . TYR A 1 110 ? 3.713   12.714  1.422   1.00 17.70 ? 110 TYR A CD2 1 
ATOM   876  C CE1 . TYR A 1 110 ? 5.254   11.599  3.422   1.00 17.75 ? 110 TYR A CE1 1 
ATOM   877  C CE2 . TYR A 1 110 ? 3.677   13.256  2.702   1.00 20.40 ? 110 TYR A CE2 1 
ATOM   878  C CZ  . TYR A 1 110 ? 4.455   12.689  3.698   1.00 22.30 ? 110 TYR A CZ  1 
ATOM   879  O OH  . TYR A 1 110 ? 4.443   13.207  4.972   1.00 25.04 ? 110 TYR A OH  1 
ATOM   880  N N   . SER A 1 111 ? 7.562   10.544  -0.694  1.00 17.45 ? 111 SER A N   1 
ATOM   881  C CA  . SER A 1 111 ? 8.841   10.352  -0.019  1.00 19.52 ? 111 SER A CA  1 
ATOM   882  C C   . SER A 1 111 ? 10.023  10.827  -0.861  1.00 21.48 ? 111 SER A C   1 
ATOM   883  O O   . SER A 1 111 ? 10.991  11.380  -0.322  1.00 22.75 ? 111 SER A O   1 
ATOM   884  C CB  . SER A 1 111 ? 9.022   8.875   0.332   1.00 20.92 ? 111 SER A CB  1 
ATOM   885  O OG  . SER A 1 111 ? 9.056   8.112   -0.864  1.00 21.26 ? 111 SER A OG  1 
ATOM   886  N N   . ARG A 1 112 ? 9.983   10.611  -2.175  1.00 20.32 ? 112 ARG A N   1 
ATOM   887  C CA  . ARG A 1 112 ? 11.128  10.921  -3.024  1.00 21.67 ? 112 ARG A CA  1 
ATOM   888  C C   . ARG A 1 112 ? 10.921  12.155  -3.887  1.00 22.75 ? 112 ARG A C   1 
ATOM   889  O O   . ARG A 1 112 ? 11.845  12.543  -4.616  1.00 26.27 ? 112 ARG A O   1 
ATOM   890  C CB  . ARG A 1 112 ? 11.473  9.710   -3.909  1.00 19.71 ? 112 ARG A CB  1 
ATOM   891  C CG  . ARG A 1 112 ? 11.479  8.408   -3.130  1.00 27.63 ? 112 ARG A CG  1 
ATOM   892  C CD  . ARG A 1 112 ? 12.097  7.222   -3.880  1.00 30.46 ? 112 ARG A CD  1 
ATOM   893  N NE  . ARG A 1 112 ? 13.557  7.248   -3.847  1.00 36.42 ? 112 ARG A NE  1 
ATOM   894  C CZ  . ARG A 1 112 ? 14.300  6.649   -2.919  1.00 33.55 ? 112 ARG A CZ  1 
ATOM   895  N NH1 . ARG A 1 112 ? 13.728  5.975   -1.930  1.00 27.45 ? 112 ARG A NH1 1 
ATOM   896  N NH2 . ARG A 1 112 ? 15.622  6.727   -2.977  1.00 31.49 ? 112 ARG A NH2 1 
ATOM   897  N N   . GLY A 1 113 ? 9.749   12.785  -3.827  1.00 21.59 ? 113 GLY A N   1 
ATOM   898  C CA  . GLY A 1 113 ? 9.503   13.998  -4.588  1.00 25.10 ? 113 GLY A CA  1 
ATOM   899  C C   . GLY A 1 113 ? 9.240   13.769  -6.059  1.00 27.66 ? 113 GLY A C   1 
ATOM   900  O O   . GLY A 1 113 ? 9.343   14.710  -6.858  1.00 27.11 ? 113 GLY A O   1 
ATOM   901  N N   . LEU A 1 114 ? 8.895   12.544  -6.440  1.00 25.44 ? 114 LEU A N   1 
ATOM   902  C CA  . LEU A 1 114 ? 8.731   12.192  -7.842  1.00 25.84 ? 114 LEU A CA  1 
ATOM   903  C C   . LEU A 1 114 ? 7.481   12.844  -8.415  1.00 26.26 ? 114 LEU A C   1 
ATOM   904  O O   . LEU A 1 114 ? 6.467   13.010  -7.729  1.00 22.79 ? 114 LEU A O   1 
ATOM   905  C CB  . LEU A 1 114 ? 8.603   10.685  -8.015  1.00 27.17 ? 114 LEU A CB  1 
ATOM   906  C CG  . LEU A 1 114 ? 9.681   9.683   -7.625  1.00 32.26 ? 114 LEU A CG  1 
ATOM   907  C CD1 . LEU A 1 114 ? 9.592   8.420   -8.507  1.00 26.42 ? 114 LEU A CD1 1 
ATOM   908  C CD2 . LEU A 1 114 ? 11.062  10.295  -7.621  1.00 36.75 ? 114 LEU A CD2 1 
ATOM   909  N N   . SER A 1 115 ? 7.545   13.205  -9.694  1.00 21.65 ? 115 SER A N   1 
ATOM   910  C CA  . SER A 1 115 ? 6.310   13.581  -10.352 1.00 23.20 ? 115 SER A CA  1 
ATOM   911  C C   . SER A 1 115 ? 5.396   12.368  -10.472 1.00 23.51 ? 115 SER A C   1 
ATOM   912  O O   . SER A 1 115 ? 5.825   11.216  -10.355 1.00 24.17 ? 115 SER A O   1 
ATOM   913  C CB  . SER A 1 115 ? 6.582   14.158  -11.737 1.00 22.63 ? 115 SER A CB  1 
ATOM   914  O OG  . SER A 1 115 ? 6.896   13.127  -12.641 1.00 26.84 ? 115 SER A OG  1 
ATOM   915  N N   . LEU A 1 116 ? 4.111   12.639  -10.706 1.00 23.23 ? 116 LEU A N   1 
ATOM   916  C CA  . LEU A 1 116 ? 3.148   11.555  -10.885 1.00 19.46 ? 116 LEU A CA  1 
ATOM   917  C C   . LEU A 1 116 ? 3.535   10.662  -12.055 1.00 21.94 ? 116 LEU A C   1 
ATOM   918  O O   . LEU A 1 116 ? 3.539   9.430   -11.945 1.00 21.76 ? 116 LEU A O   1 
ATOM   919  C CB  . LEU A 1 116 ? 1.749   12.127  -11.104 1.00 20.73 ? 116 LEU A CB  1 
ATOM   920  C CG  . LEU A 1 116 ? 0.684   11.076  -11.441 1.00 22.77 ? 116 LEU A CG  1 
ATOM   921  C CD1 . LEU A 1 116 ? 0.687   9.932   -10.409 1.00 19.69 ? 116 LEU A CD1 1 
ATOM   922  C CD2 . LEU A 1 116 ? -0.704  11.700  -11.557 1.00 22.19 ? 116 LEU A CD2 1 
ATOM   923  N N   . ARG A 1 117 ? 3.866   11.270  -13.192 1.00 19.27 ? 117 ARG A N   1 
ATOM   924  C CA  . ARG A 1 117 ? 4.143   10.469  -14.379 1.00 19.56 ? 117 ARG A CA  1 
ATOM   925  C C   . ARG A 1 117 ? 5.365   9.573   -14.194 1.00 21.78 ? 117 ARG A C   1 
ATOM   926  O O   . ARG A 1 117 ? 5.383   8.454   -14.709 1.00 24.04 ? 117 ARG A O   1 
ATOM   927  C CB  . ARG A 1 117 ? 4.309   11.372  -15.611 1.00 17.55 ? 117 ARG A CB  1 
ATOM   928  C CG  . ARG A 1 117 ? 5.392   12.419  -15.488 1.00 23.78 ? 117 ARG A CG  1 
ATOM   929  C CD  . ARG A 1 117 ? 5.239   13.491  -16.550 1.00 26.03 ? 117 ARG A CD  1 
ATOM   930  N NE  . ARG A 1 117 ? 6.368   14.406  -16.526 1.00 29.87 ? 117 ARG A NE  1 
ATOM   931  C CZ  . ARG A 1 117 ? 6.444   15.466  -15.726 1.00 32.21 ? 117 ARG A CZ  1 
ATOM   932  N NH1 . ARG A 1 117 ? 5.447   15.748  -14.895 1.00 28.05 ? 117 ARG A NH1 1 
ATOM   933  N NH2 . ARG A 1 117 ? 7.513   16.245  -15.761 1.00 36.55 ? 117 ARG A NH2 1 
ATOM   934  N N   . GLU A 1 118 ? 6.384   10.008  -13.453 1.00 20.41 ? 118 GLU A N   1 
ATOM   935  C CA  . GLU A 1 118 ? 7.525   9.115   -13.239 1.00 21.91 ? 118 GLU A CA  1 
ATOM   936  C C   . GLU A 1 118 ? 7.234   8.088   -12.157 1.00 23.94 ? 118 GLU A C   1 
ATOM   937  O O   . GLU A 1 118 ? 7.614   6.914   -12.291 1.00 20.80 ? 118 GLU A O   1 
ATOM   938  C CB  . GLU A 1 118 ? 8.776   9.919   -12.891 1.00 29.00 ? 118 GLU A CB  1 
ATOM   939  C CG  . GLU A 1 118 ? 8.603   10.808  -11.676 1.00 32.62 ? 118 GLU A CG  1 
ATOM   940  C CD  . GLU A 1 118 ? 9.901   11.417  -11.125 1.00 37.57 ? 118 GLU A CD  1 
ATOM   941  O OE1 . GLU A 1 118 ? 10.725  10.635  -10.581 1.00 46.04 ? 118 GLU A OE1 1 
ATOM   942  O OE2 . GLU A 1 118 ? 10.122  12.665  -11.205 1.00 35.92 ? 118 GLU A OE2 1 
ATOM   943  N N   . ALA A 1 119 ? 6.531   8.502   -11.098 1.00 20.07 ? 119 ALA A N   1 
ATOM   944  C CA  . ALA A 1 119 ? 6.111   7.537   -10.093 1.00 24.21 ? 119 ALA A CA  1 
ATOM   945  C C   . ALA A 1 119 ? 5.229   6.441   -10.700 1.00 20.59 ? 119 ALA A C   1 
ATOM   946  O O   . ALA A 1 119 ? 5.356   5.266   -10.339 1.00 22.77 ? 119 ALA A O   1 
ATOM   947  C CB  . ALA A 1 119 ? 5.386   8.247   -8.955  1.00 19.57 ? 119 ALA A CB  1 
ATOM   948  N N   . LEU A 1 120 ? 4.321   6.810   -11.612 1.00 22.70 ? 120 LEU A N   1 
ATOM   949  C CA  . LEU A 1 120 ? 3.490   5.804   -12.274 1.00 22.81 ? 120 LEU A CA  1 
ATOM   950  C C   . LEU A 1 120 ? 4.335   4.830   -13.079 1.00 26.96 ? 120 LEU A C   1 
ATOM   951  O O   . LEU A 1 120 ? 4.107   3.616   -13.026 1.00 27.34 ? 120 LEU A O   1 
ATOM   952  C CB  . LEU A 1 120 ? 2.461   6.460   -13.191 1.00 21.96 ? 120 LEU A CB  1 
ATOM   953  C CG  . LEU A 1 120 ? 1.190   7.015   -12.564 1.00 24.53 ? 120 LEU A CG  1 
ATOM   954  C CD1 . LEU A 1 120 ? 0.484   7.920   -13.568 1.00 25.71 ? 120 LEU A CD1 1 
ATOM   955  C CD2 . LEU A 1 120 ? 0.269   5.892   -12.104 1.00 25.49 ? 120 LEU A CD2 1 
ATOM   956  N N   . MET A 1 121 ? 5.309   5.340   -13.836 1.00 25.17 ? 121 MET A N   1 
ATOM   957  C CA  . MET A 1 121 ? 6.165   4.471   -14.637 1.00 26.65 ? 121 MET A CA  1 
ATOM   958  C C   . MET A 1 121 ? 6.910   3.451   -13.774 1.00 26.51 ? 121 MET A C   1 
ATOM   959  O O   . MET A 1 121 ? 7.037   2.280   -14.156 1.00 28.36 ? 121 MET A O   1 
ATOM   960  C CB  . MET A 1 121 ? 7.150   5.324   -15.441 1.00 27.96 ? 121 MET A CB  1 
ATOM   961  C CG  . MET A 1 121 ? 8.148   4.557   -16.287 1.00 37.23 ? 121 MET A CG  1 
ATOM   962  S SD  . MET A 1 121 ? 9.290   5.696   -17.117 1.00 47.39 ? 121 MET A SD  1 
ATOM   963  C CE  . MET A 1 121 ? 10.520  5.956   -15.829 1.00 40.61 ? 121 MET A CE  1 
ATOM   964  N N   . GLU A 1 122 ? 7.414   3.874   -12.613 1.00 30.63 ? 122 GLU A N   1 
ATOM   965  C CA  . GLU A 1 122 ? 8.196   2.968   -11.770 1.00 28.42 ? 122 GLU A CA  1 
ATOM   966  C C   . GLU A 1 122 ? 7.339   1.837   -11.212 1.00 28.98 ? 122 GLU A C   1 
ATOM   967  O O   . GLU A 1 122 ? 7.742   0.671   -11.231 1.00 32.90 ? 122 GLU A O   1 
ATOM   968  C CB  . GLU A 1 122 ? 8.865   3.752   -10.639 1.00 26.87 ? 122 GLU A CB  1 
ATOM   969  C CG  . GLU A 1 122 ? 9.812   4.834   -11.137 1.00 31.02 ? 122 GLU A CG  1 
ATOM   970  C CD  . GLU A 1 122 ? 10.787  5.304   -10.070 1.00 32.68 ? 122 GLU A CD  1 
ATOM   971  O OE1 . GLU A 1 122 ? 11.465  6.334   -10.292 1.00 35.02 ? 122 GLU A OE1 1 
ATOM   972  O OE2 . GLU A 1 122 ? 10.878  4.638   -9.013  1.00 38.14 ? 122 GLU A OE2 1 
ATOM   973  N N   . VAL A 1 123 ? 6.152   2.162   -10.697 1.00 26.10 ? 123 VAL A N   1 
ATOM   974  C CA  . VAL A 1 123 ? 5.254   1.118   -10.212 1.00 25.43 ? 123 VAL A CA  1 
ATOM   975  C C   . VAL A 1 123 ? 4.785   0.233   -11.366 1.00 29.12 ? 123 VAL A C   1 
ATOM   976  O O   . VAL A 1 123 ? 4.696   -0.997  -11.235 1.00 25.58 ? 123 VAL A O   1 
ATOM   977  C CB  . VAL A 1 123 ? 4.081   1.762   -9.448  1.00 24.22 ? 123 VAL A CB  1 
ATOM   978  C CG1 . VAL A 1 123 ? 2.921   0.781   -9.262  1.00 21.03 ? 123 VAL A CG1 1 
ATOM   979  C CG2 . VAL A 1 123 ? 4.573   2.265   -8.089  1.00 20.96 ? 123 VAL A CG2 1 
ATOM   980  N N   . ARG A 1 124 ? 4.506   0.844   -12.521 1.00 27.01 ? 124 ARG A N   1 
ATOM   981  C CA  . ARG A 1 124 ? 4.016   0.107   -13.678 1.00 32.69 ? 124 ARG A CA  1 
ATOM   982  C C   . ARG A 1 124 ? 4.956   -1.025  -14.064 1.00 31.48 ? 124 ARG A C   1 
ATOM   983  O O   . ARG A 1 124 ? 4.508   -2.109  -14.457 1.00 31.97 ? 124 ARG A O   1 
ATOM   984  C CB  . ARG A 1 124 ? 3.850   1.079   -14.840 1.00 33.70 ? 124 ARG A CB  1 
ATOM   985  C CG  . ARG A 1 124 ? 3.339   0.505   -16.125 1.00 40.67 ? 124 ARG A CG  1 
ATOM   986  C CD  . ARG A 1 124 ? 3.573   1.536   -17.211 1.00 31.13 ? 124 ARG A CD  1 
ATOM   987  N NE  . ARG A 1 124 ? 4.851   1.336   -17.887 1.00 37.31 ? 124 ARG A NE  1 
ATOM   988  C CZ  . ARG A 1 124 ? 5.646   2.299   -18.356 1.00 37.01 ? 124 ARG A CZ  1 
ATOM   989  N NH1 . ARG A 1 124 ? 5.343   3.589   -18.205 1.00 36.37 ? 124 ARG A NH1 1 
ATOM   990  N NH2 . ARG A 1 124 ? 6.773   1.960   -18.970 1.00 39.85 ? 124 ARG A NH2 1 
ATOM   991  N N   . ARG A 1 125 ? 6.265   -0.792  -13.963 1.00 31.40 ? 125 ARG A N   1 
ATOM   992  C CA  . ARG A 1 125 ? 7.219   -1.805  -14.403 1.00 32.57 ? 125 ARG A CA  1 
ATOM   993  C C   . ARG A 1 125 ? 7.304   -2.967  -13.426 1.00 35.58 ? 125 ARG A C   1 
ATOM   994  O O   . ARG A 1 125 ? 7.564   -4.105  -13.841 1.00 38.53 ? 125 ARG A O   1 
ATOM   995  C CB  . ARG A 1 125 ? 8.593   -1.173  -14.603 1.00 34.91 ? 125 ARG A CB  1 
ATOM   996  C CG  . ARG A 1 125 ? 8.628   -0.156  -15.733 1.00 35.54 ? 125 ARG A CG  1 
ATOM   997  C CD  . ARG A 1 125 ? 9.938   -0.226  -16.497 1.00 43.96 ? 125 ARG A CD  1 
ATOM   998  N NE  . ARG A 1 125 ? 10.011  -1.411  -17.349 1.00 48.99 ? 125 ARG A NE  1 
ATOM   999  C CZ  . ARG A 1 125 ? 10.941  -1.589  -18.284 1.00 47.82 ? 125 ARG A CZ  1 
ATOM   1000 N NH1 . ARG A 1 125 ? 11.874  -0.659  -18.476 1.00 46.29 ? 125 ARG A NH1 1 
ATOM   1001 N NH2 . ARG A 1 125 ? 10.943  -2.688  -19.027 1.00 44.53 ? 125 ARG A NH2 1 
ATOM   1002 N N   . LYS A 1 126 ? 7.085   -2.712  -12.137 1.00 31.19 ? 126 LYS A N   1 
ATOM   1003 C CA  . LYS A 1 126 ? 7.143   -3.765  -11.135 1.00 28.31 ? 126 LYS A CA  1 
ATOM   1004 C C   . LYS A 1 126 ? 5.888   -4.622  -11.113 1.00 26.19 ? 126 LYS A C   1 
ATOM   1005 O O   . LYS A 1 126 ? 5.904   -5.688  -10.493 1.00 30.98 ? 126 LYS A O   1 
ATOM   1006 C CB  . LYS A 1 126 ? 7.378   -3.164  -9.743  1.00 25.88 ? 126 LYS A CB  1 
ATOM   1007 C CG  . LYS A 1 126 ? 8.540   -2.183  -9.708  1.00 32.50 ? 126 LYS A CG  1 
ATOM   1008 C CD  . LYS A 1 126 ? 9.127   -2.023  -8.319  1.00 35.98 ? 126 LYS A CD  1 
ATOM   1009 C CE  . LYS A 1 126 ? 10.314  -1.062  -8.351  1.00 42.54 ? 126 LYS A CE  1 
ATOM   1010 N NZ  . LYS A 1 126 ? 11.530  -1.603  -7.673  1.00 40.92 ? 126 LYS A NZ  1 
ATOM   1011 N N   . ARG A 1 127 ? 4.815   -4.191  -11.776 1.00 29.26 ? 127 ARG A N   1 
ATOM   1012 C CA  . ARG A 1 127 ? 3.558   -4.936  -11.837 1.00 27.49 ? 127 ARG A CA  1 
ATOM   1013 C C   . ARG A 1 127 ? 3.053   -4.983  -13.271 1.00 26.53 ? 127 ARG A C   1 
ATOM   1014 O O   . ARG A 1 127 ? 2.099   -4.277  -13.628 1.00 26.26 ? 127 ARG A O   1 
ATOM   1015 C CB  . ARG A 1 127 ? 2.512   -4.308  -10.918 1.00 24.97 ? 127 ARG A CB  1 
ATOM   1016 C CG  . ARG A 1 127 ? 2.777   -4.568  -9.460  1.00 22.71 ? 127 ARG A CG  1 
ATOM   1017 C CD  . ARG A 1 127 ? 1.822   -3.769  -8.618  1.00 23.71 ? 127 ARG A CD  1 
ATOM   1018 N NE  . ARG A 1 127 ? 1.707   -4.321  -7.279  1.00 22.13 ? 127 ARG A NE  1 
ATOM   1019 C CZ  . ARG A 1 127 ? 0.765   -3.956  -6.420  1.00 22.52 ? 127 ARG A CZ  1 
ATOM   1020 N NH1 . ARG A 1 127 ? -0.115  -3.025  -6.764  1.00 20.42 ? 127 ARG A NH1 1 
ATOM   1021 N NH2 . ARG A 1 127 ? 0.719   -4.507  -5.220  1.00 22.89 ? 127 ARG A NH2 1 
ATOM   1022 N N   . PRO A 1 128 ? 3.660   -5.809  -14.119 1.00 25.24 ? 128 PRO A N   1 
ATOM   1023 C CA  . PRO A 1 128 ? 3.192   -5.918  -15.507 1.00 28.36 ? 128 PRO A CA  1 
ATOM   1024 C C   . PRO A 1 128 ? 1.697   -6.196  -15.563 1.00 23.36 ? 128 PRO A C   1 
ATOM   1025 O O   . PRO A 1 128 ? 1.179   -7.031  -14.829 1.00 24.97 ? 128 PRO A O   1 
ATOM   1026 C CB  . PRO A 1 128 ? 4.006   -7.093  -16.061 1.00 26.60 ? 128 PRO A CB  1 
ATOM   1027 C CG  . PRO A 1 128 ? 5.251   -7.124  -15.212 1.00 28.66 ? 128 PRO A CG  1 
ATOM   1028 C CD  . PRO A 1 128 ? 4.802   -6.696  -13.837 1.00 25.60 ? 128 PRO A CD  1 
ATOM   1029 N N   . GLY A 1 129 ? 0.990   -5.461  -16.418 1.00 23.44 ? 129 GLY A N   1 
ATOM   1030 C CA  . GLY A 1 129 ? -0.418  -5.724  -16.637 1.00 23.37 ? 129 GLY A CA  1 
ATOM   1031 C C   . GLY A 1 129 ? -1.364  -5.106  -15.630 1.00 28.14 ? 129 GLY A C   1 
ATOM   1032 O O   . GLY A 1 129 ? -2.580  -5.137  -15.846 1.00 31.12 ? 129 GLY A O   1 
ATOM   1033 N N   . ALA A 1 130 ? -0.858  -4.545  -14.539 1.00 27.28 ? 130 ALA A N   1 
ATOM   1034 C CA  . ALA A 1 130 ? -1.710  -3.909  -13.550 1.00 29.62 ? 130 ALA A CA  1 
ATOM   1035 C C   . ALA A 1 130 ? -1.939  -2.450  -13.930 1.00 31.06 ? 130 ALA A C   1 
ATOM   1036 O O   . ALA A 1 130 ? -1.005  -1.741  -14.321 1.00 31.61 ? 130 ALA A O   1 
ATOM   1037 C CB  . ALA A 1 130 ? -1.088  -4.005  -12.158 1.00 30.48 ? 130 ALA A CB  1 
ATOM   1038 N N   . VAL A 1 131 ? -3.189  -2.009  -13.817 1.00 23.67 ? 131 VAL A N   1 
ATOM   1039 C CA  . VAL A 1 131 ? -3.555  -0.648  -14.164 1.00 27.23 ? 131 VAL A CA  1 
ATOM   1040 C C   . VAL A 1 131 ? -4.217  0.001   -12.960 1.00 28.86 ? 131 VAL A C   1 
ATOM   1041 O O   . VAL A 1 131 ? -4.754  -0.668  -12.073 1.00 23.50 ? 131 VAL A O   1 
ATOM   1042 C CB  . VAL A 1 131 ? -4.493  -0.592  -15.381 1.00 31.59 ? 131 VAL A CB  1 
ATOM   1043 C CG1 . VAL A 1 131 ? -3.831  -1.228  -16.599 1.00 26.54 ? 131 VAL A CG1 1 
ATOM   1044 C CG2 . VAL A 1 131 ? -5.800  -1.282  -15.051 1.00 30.07 ? 131 VAL A CG2 1 
ATOM   1045 N N   . GLU A 1 132 ? -4.170  1.327   -12.942 1.00 29.47 ? 132 GLU A N   1 
ATOM   1046 C CA  . GLU A 1 132 ? -5.018  2.116   -12.064 1.00 26.26 ? 132 GLU A CA  1 
ATOM   1047 C C   . GLU A 1 132 ? -6.245  2.556   -12.849 1.00 26.68 ? 132 GLU A C   1 
ATOM   1048 O O   . GLU A 1 132 ? -6.157  2.860   -14.040 1.00 25.49 ? 132 GLU A O   1 
ATOM   1049 C CB  . GLU A 1 132 ? -4.274  3.336   -11.498 1.00 30.25 ? 132 GLU A CB  1 
ATOM   1050 C CG  . GLU A 1 132 ? -3.367  3.015   -10.308 1.00 25.85 ? 132 GLU A CG  1 
ATOM   1051 C CD  . GLU A 1 132 ? -2.079  2.327   -10.729 1.00 32.58 ? 132 GLU A CD  1 
ATOM   1052 O OE1 . GLU A 1 132 ? -1.369  2.873   -11.608 1.00 32.98 ? 132 GLU A OE1 1 
ATOM   1053 O OE2 . GLU A 1 132 ? -1.784  1.236   -10.199 1.00 32.22 ? 132 GLU A OE2 1 
ATOM   1054 N N   . THR A 1 133 ? -7.397  2.528   -12.194 1.00 23.52 ? 133 THR A N   1 
ATOM   1055 C CA  . THR A 1 133 ? -8.616  3.035   -12.797 1.00 24.65 ? 133 THR A CA  1 
ATOM   1056 C C   . THR A 1 133 ? -8.525  4.549   -13.006 1.00 27.60 ? 133 THR A C   1 
ATOM   1057 O O   . THR A 1 133 ? -7.680  5.242   -12.427 1.00 25.19 ? 133 THR A O   1 
ATOM   1058 C CB  . THR A 1 133 ? -9.807  2.736   -11.901 1.00 26.85 ? 133 THR A CB  1 
ATOM   1059 O OG1 . THR A 1 133 ? -9.759  3.633   -10.779 1.00 25.91 ? 133 THR A OG1 1 
ATOM   1060 C CG2 . THR A 1 133 ? -9.743  1.301   -11.408 1.00 23.35 ? 133 THR A CG2 1 
ATOM   1061 N N   . GLN A 1 134 ? -9.447  5.070   -13.817 1.00 28.88 ? 134 GLN A N   1 
ATOM   1062 C CA  . GLN A 1 134 ? -9.492  6.511   -14.037 1.00 29.47 ? 134 GLN A CA  1 
ATOM   1063 C C   . GLN A 1 134 ? -9.727  7.259   -12.731 1.00 30.80 ? 134 GLN A C   1 
ATOM   1064 O O   . GLN A 1 134 ? -9.131  8.319   -12.505 1.00 26.23 ? 134 GLN A O   1 
ATOM   1065 C CB  . GLN A 1 134 ? -10.574 6.861   -15.063 1.00 29.84 ? 134 GLN A CB  1 
ATOM   1066 C CG  . GLN A 1 134 ? -10.412 6.176   -16.414 1.00 38.17 ? 134 GLN A CG  1 
ATOM   1067 C CD  . GLN A 1 134 ? -9.316  6.794   -17.281 1.00 42.92 ? 134 GLN A CD  1 
ATOM   1068 O OE1 . GLN A 1 134 ? -8.231  7.128   -16.800 1.00 45.96 ? 134 GLN A OE1 1 
ATOM   1069 N NE2 . GLN A 1 134 ? -9.606  6.955   -18.570 1.00 40.69 ? 134 GLN A NE2 1 
ATOM   1070 N N   . GLU A 1 135 ? -10.591 6.723   -11.859 1.00 26.35 ? 135 GLU A N   1 
ATOM   1071 C CA  . GLU A 1 135 ? -10.815 7.355   -10.562 1.00 29.19 ? 135 GLU A CA  1 
ATOM   1072 C C   . GLU A 1 135 ? -9.531  7.408   -9.750  1.00 26.69 ? 135 GLU A C   1 
ATOM   1073 O O   . GLU A 1 135 ? -9.267  8.393   -9.055  1.00 25.38 ? 135 GLU A O   1 
ATOM   1074 C CB  . GLU A 1 135 ? -11.877 6.601   -9.765  1.00 32.98 ? 135 GLU A CB  1 
ATOM   1075 C CG  . GLU A 1 135 ? -13.278 6.599   -10.333 1.00 38.92 ? 135 GLU A CG  1 
ATOM   1076 C CD  . GLU A 1 135 ? -14.242 5.864   -9.404  1.00 40.64 ? 135 GLU A CD  1 
ATOM   1077 O OE1 . GLU A 1 135 ? -13.772 5.300   -8.391  1.00 37.64 ? 135 GLU A OE1 1 
ATOM   1078 O OE2 . GLU A 1 135 ? -15.459 5.845   -9.681  1.00 48.43 ? 135 GLU A OE2 1 
ATOM   1079 N N   . GLN A 1 136 ? -8.735  6.339   -9.794  1.00 22.73 ? 136 GLN A N   1 
ATOM   1080 C CA  . GLN A 1 136 ? -7.486  6.343   -9.040  1.00 22.80 ? 136 GLN A CA  1 
ATOM   1081 C C   . GLN A 1 136 ? -6.481  7.313   -9.647  1.00 23.96 ? 136 GLN A C   1 
ATOM   1082 O O   . GLN A 1 136 ? -5.718  7.971   -8.924  1.00 23.37 ? 136 GLN A O   1 
ATOM   1083 C CB  . GLN A 1 136 ? -6.939  4.927   -8.973  1.00 22.22 ? 136 GLN A CB  1 
ATOM   1084 C CG  . GLN A 1 136 ? -7.811  4.051   -8.077  1.00 21.80 ? 136 GLN A CG  1 
ATOM   1085 C CD  . GLN A 1 136 ? -7.592  2.571   -8.274  1.00 19.43 ? 136 GLN A CD  1 
ATOM   1086 O OE1 . GLN A 1 136 ? -6.929  2.140   -9.219  1.00 21.34 ? 136 GLN A OE1 1 
ATOM   1087 N NE2 . GLN A 1 136 ? -8.148  1.770   -7.360  1.00 21.10 ? 136 GLN A NE2 1 
ATOM   1088 N N   . MET A 1 137 ? -6.489  7.441   -10.973 1.00 23.66 ? 137 MET A N   1 
ATOM   1089 C CA  . MET A 1 137 ? -5.634  8.423   -11.629 1.00 22.54 ? 137 MET A CA  1 
ATOM   1090 C C   . MET A 1 137 ? -5.983  9.837   -11.195 1.00 23.20 ? 137 MET A C   1 
ATOM   1091 O O   . MET A 1 137 ? -5.095  10.678  -11.038 1.00 23.03 ? 137 MET A O   1 
ATOM   1092 C CB  . MET A 1 137 ? -5.764  8.293   -13.143 1.00 24.65 ? 137 MET A CB  1 
ATOM   1093 C CG  . MET A 1 137 ? -5.160  7.025   -13.690 1.00 26.70 ? 137 MET A CG  1 
ATOM   1094 S SD  . MET A 1 137 ? -3.382  7.021   -13.435 1.00 34.91 ? 137 MET A SD  1 
ATOM   1095 C CE  . MET A 1 137 ? -2.960  8.597   -14.181 1.00 35.19 ? 137 MET A CE  1 
ATOM   1096 N N   . GLU A 1 138 ? -7.273  10.112  -10.991 1.00 24.23 ? 138 GLU A N   1 
ATOM   1097 C CA  . GLU A 1 138 ? -7.691  11.467  -10.646 1.00 20.24 ? 138 GLU A CA  1 
ATOM   1098 C C   . GLU A 1 138 ? -7.217  11.881  -9.254  1.00 26.52 ? 138 GLU A C   1 
ATOM   1099 O O   . GLU A 1 138 ? -6.760  13.017  -9.062  1.00 20.76 ? 138 GLU A O   1 
ATOM   1100 C CB  . GLU A 1 138 ? -9.208  11.593  -10.762 1.00 26.74 ? 138 GLU A CB  1 
ATOM   1101 C CG  . GLU A 1 138 ? -9.747  12.934  -10.307 1.00 30.21 ? 138 GLU A CG  1 
ATOM   1102 C CD  . GLU A 1 138 ? -9.159  14.095  -11.085 1.00 34.25 ? 138 GLU A CD  1 
ATOM   1103 O OE1 . GLU A 1 138 ? -8.935  13.935  -12.308 1.00 36.18 ? 138 GLU A OE1 1 
ATOM   1104 O OE2 . GLU A 1 138 ? -8.903  15.163  -10.473 1.00 38.64 ? 138 GLU A OE2 1 
ATOM   1105 N N   . VAL A 1 139 ? -7.326  10.993  -8.263  1.00 25.13 ? 139 VAL A N   1 
ATOM   1106 C CA  . VAL A 1 139 ? -6.888  11.382  -6.929  1.00 21.00 ? 139 VAL A CA  1 
ATOM   1107 C C   . VAL A 1 139 ? -5.377  11.527  -6.890  1.00 18.62 ? 139 VAL A C   1 
ATOM   1108 O O   . VAL A 1 139 ? -4.849  12.351  -6.135  1.00 19.36 ? 139 VAL A O   1 
ATOM   1109 C CB  . VAL A 1 139 ? -7.389  10.385  -5.868  1.00 20.80 ? 139 VAL A CB  1 
ATOM   1110 C CG1 . VAL A 1 139 ? -6.670  9.056   -6.000  1.00 21.56 ? 139 VAL A CG1 1 
ATOM   1111 C CG2 . VAL A 1 139 ? -7.181  10.941  -4.487  1.00 23.47 ? 139 VAL A CG2 1 
ATOM   1112 N N   . LEU A 1 140 ? -4.654  10.733  -7.686  1.00 19.61 ? 140 LEU A N   1 
ATOM   1113 C CA  . LEU A 1 140 ? -3.205  10.888  -7.760  1.00 19.77 ? 140 LEU A CA  1 
ATOM   1114 C C   . LEU A 1 140 ? -2.829  12.230  -8.367  1.00 18.69 ? 140 LEU A C   1 
ATOM   1115 O O   . LEU A 1 140 ? -1.850  12.852  -7.947  1.00 19.92 ? 140 LEU A O   1 
ATOM   1116 C CB  . LEU A 1 140 ? -2.590  9.754   -8.580  1.00 16.29 ? 140 LEU A CB  1 
ATOM   1117 C CG  . LEU A 1 140 ? -2.571  8.393   -7.896  1.00 19.16 ? 140 LEU A CG  1 
ATOM   1118 C CD1 . LEU A 1 140 ? -2.111  7.290   -8.838  1.00 17.80 ? 140 LEU A CD1 1 
ATOM   1119 C CD2 . LEU A 1 140 ? -1.703  8.458   -6.648  1.00 17.13 ? 140 LEU A CD2 1 
ATOM   1120 N N   . LYS A 1 141 ? -3.577  12.675  -9.378  1.00 19.79 ? 141 LYS A N   1 
ATOM   1121 C CA  . LYS A 1 141 ? -3.359  14.020  -9.901  1.00 19.81 ? 141 LYS A CA  1 
ATOM   1122 C C   . LYS A 1 141 ? -3.627  15.062  -8.826  1.00 21.82 ? 141 LYS A C   1 
ATOM   1123 O O   . LYS A 1 141 ? -2.834  15.988  -8.649  1.00 21.67 ? 141 LYS A O   1 
ATOM   1124 C CB  . LYS A 1 141 ? -4.249  14.276  -11.111 1.00 22.18 ? 141 LYS A CB  1 
ATOM   1125 C CG  . LYS A 1 141 ? -3.932  13.407  -12.325 1.00 24.34 ? 141 LYS A CG  1 
ATOM   1126 C CD  . LYS A 1 141 ? -4.979  13.621  -13.417 1.00 27.05 ? 141 LYS A CD  1 
ATOM   1127 C CE  . LYS A 1 141 ? -4.632  12.861  -14.698 1.00 32.03 ? 141 LYS A CE  1 
ATOM   1128 N NZ  . LYS A 1 141 ? -5.699  13.007  -15.731 1.00 38.16 ? 141 LYS A NZ  1 
ATOM   1129 N N   . GLU A 1 142 ? -4.735  14.914  -8.091  1.00 19.77 ? 142 GLU A N   1 
ATOM   1130 C CA  . GLU A 1 142 ? -5.006  15.801  -6.967  1.00 21.20 ? 142 GLU A CA  1 
ATOM   1131 C C   . GLU A 1 142 ? -3.843  15.806  -5.995  1.00 21.90 ? 142 GLU A C   1 
ATOM   1132 O O   . GLU A 1 142 ? -3.447  16.864  -5.491  1.00 21.52 ? 142 GLU A O   1 
ATOM   1133 C CB  . GLU A 1 142 ? -6.277  15.364  -6.242  1.00 27.08 ? 142 GLU A CB  1 
ATOM   1134 C CG  . GLU A 1 142 ? -7.532  15.412  -7.075  1.00 25.83 ? 142 GLU A CG  1 
ATOM   1135 C CD  . GLU A 1 142 ? -8.745  14.909  -6.316  1.00 31.46 ? 142 GLU A CD  1 
ATOM   1136 O OE1 . GLU A 1 142 ? -8.670  14.771  -5.076  1.00 28.83 ? 142 GLU A OE1 1 
ATOM   1137 O OE2 . GLU A 1 142 ? -9.788  14.685  -6.958  1.00 38.26 ? 142 GLU A OE2 1 
ATOM   1138 N N   . LEU A 1 143 ? -3.297  14.620  -5.700  1.00 18.03 ? 143 LEU A N   1 
ATOM   1139 C CA  . LEU A 1 143 ? -2.168  14.545  -4.784  1.00 20.78 ? 143 LEU A CA  1 
ATOM   1140 C C   . LEU A 1 143 ? -0.978  15.319  -5.335  1.00 23.10 ? 143 LEU A C   1 
ATOM   1141 O O   . LEU A 1 143 ? -0.317  16.058  -4.603  1.00 22.36 ? 143 LEU A O   1 
ATOM   1142 C CB  . LEU A 1 143 ? -1.798  13.082  -4.518  1.00 19.28 ? 143 LEU A CB  1 
ATOM   1143 C CG  . LEU A 1 143 ? -0.616  12.921  -3.567  1.00 19.19 ? 143 LEU A CG  1 
ATOM   1144 C CD1 . LEU A 1 143 ? -0.968  13.488  -2.182  1.00 23.47 ? 143 LEU A CD1 1 
ATOM   1145 C CD2 . LEU A 1 143 ? -0.134  11.496  -3.468  1.00 21.80 ? 143 LEU A CD2 1 
ATOM   1146 N N   . GLU A 1 144 ? -0.711  15.179  -6.634  1.00 23.44 ? 144 GLU A N   1 
ATOM   1147 C CA  . GLU A 1 144 ? 0.397   15.903  -7.248  1.00 21.94 ? 144 GLU A CA  1 
ATOM   1148 C C   . GLU A 1 144 ? 0.243   17.406  -7.089  1.00 21.63 ? 144 GLU A C   1 
ATOM   1149 O O   . GLU A 1 144 ? 1.226   18.121  -6.872  1.00 24.88 ? 144 GLU A O   1 
ATOM   1150 C CB  . GLU A 1 144 ? 0.491   15.550  -8.724  1.00 18.80 ? 144 GLU A CB  1 
ATOM   1151 C CG  . GLU A 1 144 ? 1.810   15.919  -9.323  1.00 23.26 ? 144 GLU A CG  1 
ATOM   1152 C CD  . GLU A 1 144 ? 1.835   15.718  -10.813 1.00 24.75 ? 144 GLU A CD  1 
ATOM   1153 O OE1 . GLU A 1 144 ? 0.747   15.722  -11.422 1.00 27.74 ? 144 GLU A OE1 1 
ATOM   1154 O OE2 . GLU A 1 144 ? 2.936   15.544  -11.360 1.00 23.69 ? 144 GLU A OE2 1 
ATOM   1155 N N   . GLU A 1 145 ? -0.987  17.900  -7.195  1.00 22.41 ? 145 GLU A N   1 
ATOM   1156 C CA  . GLU A 1 145 ? -1.242  19.333  -7.142  1.00 25.78 ? 145 GLU A CA  1 
ATOM   1157 C C   . GLU A 1 145 ? -1.132  19.904  -5.733  1.00 29.78 ? 145 GLU A C   1 
ATOM   1158 O O   . GLU A 1 145 ? -1.161  21.129  -5.576  1.00 28.59 ? 145 GLU A O   1 
ATOM   1159 C CB  . GLU A 1 145 ? -2.622  19.605  -7.752  1.00 22.30 ? 145 GLU A CB  1 
ATOM   1160 C CG  . GLU A 1 145 ? -2.598  19.453  -9.248  1.00 25.22 ? 145 GLU A CG  1 
ATOM   1161 C CD  . GLU A 1 145 ? -3.826  18.798  -9.836  1.00 28.69 ? 145 GLU A CD  1 
ATOM   1162 O OE1 . GLU A 1 145 ? -4.851  18.621  -9.147  1.00 31.37 ? 145 GLU A OE1 1 
ATOM   1163 O OE2 . GLU A 1 145 ? -3.762  18.475  -11.028 1.00 37.96 ? 145 GLU A OE2 1 
ATOM   1164 N N   . ARG A 1 146 ? -1.003  19.047  -4.711  1.00 25.38 ? 146 ARG A N   1 
ATOM   1165 C CA  . ARG A 1 146 ? -0.879  19.464  -3.318  1.00 25.62 ? 146 ARG A CA  1 
ATOM   1166 C C   . ARG A 1 146 ? 0.491   19.204  -2.729  1.00 27.09 ? 146 ARG A C   1 
ATOM   1167 O O   . ARG A 1 146 ? 0.800   19.743  -1.665  1.00 31.85 ? 146 ARG A O   1 
ATOM   1168 C CB  . ARG A 1 146 ? -1.873  18.707  -2.432  1.00 27.21 ? 146 ARG A CB  1 
ATOM   1169 C CG  . ARG A 1 146 ? -3.310  18.850  -2.753  1.00 30.00 ? 146 ARG A CG  1 
ATOM   1170 C CD  . ARG A 1 146 ? -4.065  17.926  -1.812  1.00 26.58 ? 146 ARG A CD  1 
ATOM   1171 N NE  . ARG A 1 146 ? -3.776  18.202  -0.403  1.00 26.55 ? 146 ARG A NE  1 
ATOM   1172 C CZ  . ARG A 1 146 ? -4.720  18.344  0.521   1.00 27.94 ? 146 ARG A CZ  1 
ATOM   1173 N NH1 . ARG A 1 146 ? -5.994  18.243  0.177   1.00 25.83 ? 146 ARG A NH1 1 
ATOM   1174 N NH2 . ARG A 1 146 ? -4.394  18.580  1.787   1.00 28.11 ? 146 ARG A NH2 1 
ATOM   1175 N N   . ILE A 1 147 ? 1.298   18.384  -3.379  1.00 30.02 ? 147 ILE A N   1 
ATOM   1176 C CA  . ILE A 1 147 ? 2.439   17.755  -2.754  1.00 30.36 ? 147 ILE A CA  1 
ATOM   1177 C C   . ILE A 1 147 ? 3.691   18.585  -2.971  1.00 40.94 ? 147 ILE A C   1 
ATOM   1178 O O   . ILE A 1 147 ? 4.772   18.224  -2.497  1.00 46.51 ? 147 ILE A O   1 
ATOM   1179 C CB  . ILE A 1 147 ? 2.594   16.334  -3.310  1.00 34.18 ? 147 ILE A CB  1 
ATOM   1180 C CG1 . ILE A 1 147 ? 3.262   15.407  -2.313  1.00 33.22 ? 147 ILE A CG1 1 
ATOM   1181 C CG2 . ILE A 1 147 ? 3.328   16.346  -4.650  1.00 34.04 ? 147 ILE A CG2 1 
ATOM   1182 C CD1 . ILE A 1 147 ? 3.381   14.019  -2.869  1.00 30.52 ? 147 ILE A CD1 1 
ATOM   1183 O OXT . ILE A 1 147 ? 3.647   19.629  -3.631  1.00 39.98 ? 147 ILE A OXT 1 
HETATM 1184 O O   . HOH B 2 .   ? 7.554   -8.686  12.269  1.00 23.85 ? 201 HOH A O   1 
HETATM 1185 O O   . HOH B 2 .   ? 13.249  -2.177  -6.364  1.00 38.28 ? 202 HOH A O   1 
HETATM 1186 O O   . HOH B 2 .   ? -3.366  16.581  4.597   1.00 26.03 ? 203 HOH A O   1 
HETATM 1187 O O   . HOH B 2 .   ? -1.905  -2.277  15.102  1.00 33.58 ? 204 HOH A O   1 
HETATM 1188 O O   . HOH B 2 .   ? 12.825  2.092   7.885   1.00 22.71 ? 205 HOH A O   1 
HETATM 1189 O O   . HOH B 2 .   ? -17.454 -0.947  0.190   1.00 26.73 ? 206 HOH A O   1 
HETATM 1190 O O   . HOH B 2 .   ? -13.343 6.646   -6.440  1.00 28.95 ? 207 HOH A O   1 
HETATM 1191 O O   . HOH B 2 .   ? 11.204  6.293   -0.650  1.00 28.46 ? 208 HOH A O   1 
HETATM 1192 O O   . HOH B 2 .   ? -15.718 -1.959  -5.518  1.00 26.55 ? 209 HOH A O   1 
HETATM 1193 O O   . HOH B 2 .   ? -13.204 3.754   3.085   1.00 24.89 ? 210 HOH A O   1 
HETATM 1194 O O   . HOH B 2 .   ? 11.100  7.579   -12.401 1.00 41.39 ? 211 HOH A O   1 
HETATM 1195 O O   . HOH B 2 .   ? 8.072   -18.174 0.741   1.00 36.21 ? 212 HOH A O   1 
HETATM 1196 O O   . HOH B 2 .   ? -11.072 -17.740 7.141   1.00 34.56 ? 213 HOH A O   1 
HETATM 1197 O O   . HOH B 2 .   ? 5.788   8.218   -17.197 1.00 29.71 ? 214 HOH A O   1 
HETATM 1198 O O   . HOH B 2 .   ? 5.441   -12.744 16.020  1.00 39.73 ? 215 HOH A O   1 
HETATM 1199 O O   . HOH B 2 .   ? 3.346   -18.417 7.310   1.00 30.16 ? 216 HOH A O   1 
HETATM 1200 O O   . HOH B 2 .   ? 1.345   -8.025  -12.449 1.00 29.32 ? 217 HOH A O   1 
HETATM 1201 O O   . HOH B 2 .   ? 10.597  11.138  5.852   1.00 32.58 ? 218 HOH A O   1 
HETATM 1202 O O   . HOH B 2 .   ? 12.450  3.798   -5.002  1.00 30.01 ? 219 HOH A O   1 
HETATM 1203 O O   . HOH B 2 .   ? -9.036  -5.185  -8.269  1.00 28.12 ? 220 HOH A O   1 
HETATM 1204 O O   . HOH B 2 .   ? 8.584   14.582  4.878   1.00 35.09 ? 221 HOH A O   1 
HETATM 1205 O O   . HOH B 2 .   ? -11.926 -9.884  9.764   1.00 28.71 ? 222 HOH A O   1 
HETATM 1206 O O   . HOH B 2 .   ? 7.281   -6.976  13.567  1.00 24.07 ? 223 HOH A O   1 
HETATM 1207 O O   . HOH B 2 .   ? -5.400  18.613  -5.099  1.00 26.57 ? 224 HOH A O   1 
HETATM 1208 O O   . HOH B 2 .   ? -10.452 -2.450  11.182  1.00 24.52 ? 225 HOH A O   1 
HETATM 1209 O O   . HOH B 2 .   ? -4.868  -4.288  -12.420 1.00 27.53 ? 226 HOH A O   1 
HETATM 1210 O O   . HOH B 2 .   ? -3.970  -17.598 13.067  1.00 34.46 ? 227 HOH A O   1 
HETATM 1211 O O   . HOH B 2 .   ? 5.835   -3.411  14.679  1.00 29.73 ? 228 HOH A O   1 
HETATM 1212 O O   . HOH B 2 .   ? 0.105   -18.282 9.650   1.00 32.97 ? 229 HOH A O   1 
HETATM 1213 O O   . HOH B 2 .   ? -8.999  17.036  -3.683  1.00 35.42 ? 230 HOH A O   1 
HETATM 1214 O O   . HOH B 2 .   ? -1.488  9.563   9.899   1.00 25.48 ? 231 HOH A O   1 
HETATM 1215 O O   . HOH B 2 .   ? -6.844  15.418  -16.160 1.00 36.40 ? 232 HOH A O   1 
HETATM 1216 O O   . HOH B 2 .   ? 7.052   -10.079 13.840  1.00 28.29 ? 233 HOH A O   1 
HETATM 1217 O O   . HOH B 2 .   ? 3.175   14.318  -13.763 1.00 24.82 ? 234 HOH A O   1 
HETATM 1218 O O   . HOH B 2 .   ? 3.793   -15.829 -2.313  1.00 30.47 ? 235 HOH A O   1 
HETATM 1219 O O   . HOH B 2 .   ? -4.396  -8.281  6.135   1.00 18.60 ? 236 HOH A O   1 
HETATM 1220 O O   . HOH B 2 .   ? -4.405  -10.330 -6.260  1.00 32.41 ? 237 HOH A O   1 
HETATM 1221 O O   . HOH B 2 .   ? 4.780   11.305  9.047   1.00 27.58 ? 238 HOH A O   1 
HETATM 1222 O O   . HOH B 2 .   ? 3.349   -12.500 19.306  1.00 29.74 ? 239 HOH A O   1 
HETATM 1223 O O   . HOH B 2 .   ? -15.177 2.304   2.630   1.00 21.36 ? 240 HOH A O   1 
HETATM 1224 O O   . HOH B 2 .   ? -14.268 -3.781  -2.473  1.00 23.45 ? 241 HOH A O   1 
HETATM 1225 O O   . HOH B 2 .   ? -1.870  16.818  -12.166 1.00 30.40 ? 242 HOH A O   1 
HETATM 1226 O O   . HOH B 2 .   ? 10.875  -4.323  -6.860  1.00 38.63 ? 243 HOH A O   1 
HETATM 1227 O O   . HOH B 2 .   ? 1.515   -9.474  -4.834  1.00 26.16 ? 244 HOH A O   1 
HETATM 1228 O O   . HOH B 2 .   ? -14.387 -2.264  5.726   1.00 24.10 ? 245 HOH A O   1 
HETATM 1229 O O   . HOH B 2 .   ? -8.337  -17.862 7.072   1.00 30.09 ? 246 HOH A O   1 
HETATM 1230 O O   . HOH B 2 .   ? -0.309  3.486   14.556  1.00 34.09 ? 247 HOH A O   1 
HETATM 1231 O O   . HOH B 2 .   ? -13.528 5.002   -2.280  1.00 27.37 ? 248 HOH A O   1 
HETATM 1232 O O   . HOH B 2 .   ? -11.214 -4.767  10.491  1.00 27.91 ? 249 HOH A O   1 
HETATM 1233 O O   . HOH B 2 .   ? -11.871 -8.552  14.377  1.00 36.30 ? 250 HOH A O   1 
HETATM 1234 O O   . HOH B 2 .   ? 9.331   13.899  -13.891 1.00 33.15 ? 251 HOH A O   1 
HETATM 1235 O O   . HOH B 2 .   ? -9.643  1.384   10.540  1.00 22.49 ? 252 HOH A O   1 
HETATM 1236 O O   . HOH B 2 .   ? -8.233  18.996  1.783   1.00 34.38 ? 253 HOH A O   1 
HETATM 1237 O O   . HOH B 2 .   ? 13.049  -3.485  10.899  1.00 34.70 ? 254 HOH A O   1 
HETATM 1238 O O   . HOH B 2 .   ? -7.146  -3.355  -5.458  1.00 20.62 ? 255 HOH A O   1 
HETATM 1239 O O   . HOH B 2 .   ? -10.148 13.483  -2.928  1.00 25.91 ? 256 HOH A O   1 
HETATM 1240 O O   . HOH B 2 .   ? 1.292   2.229   -12.475 1.00 28.97 ? 257 HOH A O   1 
HETATM 1241 O O   . HOH B 2 .   ? 1.959   12.391  11.143  1.00 29.34 ? 258 HOH A O   1 
HETATM 1242 O O   . HOH B 2 .   ? -9.441  -14.411 12.540  1.00 24.46 ? 259 HOH A O   1 
HETATM 1243 O O   . HOH B 2 .   ? -10.447 -7.214  11.764  1.00 26.32 ? 260 HOH A O   1 
HETATM 1244 O O   . HOH B 2 .   ? 10.598  2.152   -7.586  1.00 34.41 ? 261 HOH A O   1 
HETATM 1245 O O   . HOH B 2 .   ? 14.253  3.347   1.192   1.00 31.70 ? 262 HOH A O   1 
HETATM 1246 O O   . HOH B 2 .   ? -6.799  -17.472 4.692   1.00 31.79 ? 263 HOH A O   1 
HETATM 1247 O O   . HOH B 2 .   ? -7.539  -3.028  -9.192  1.00 29.16 ? 264 HOH A O   1 
HETATM 1248 O O   . HOH B 2 .   ? 5.322   2.559   16.779  1.00 33.53 ? 265 HOH A O   1 
HETATM 1249 O O   . HOH B 2 .   ? -6.393  0.693   11.879  1.00 18.97 ? 266 HOH A O   1 
HETATM 1250 O O   . HOH B 2 .   ? -8.578  -1.325  -7.556  1.00 21.26 ? 267 HOH A O   1 
HETATM 1251 O O   . HOH B 2 .   ? 11.300  -6.499  -4.572  1.00 31.33 ? 268 HOH A O   1 
HETATM 1252 O O   . HOH B 2 .   ? -11.468 14.801  -1.346  1.00 33.32 ? 269 HOH A O   1 
HETATM 1253 O O   . HOH B 2 .   ? 2.700   -6.697  -5.755  1.00 24.03 ? 270 HOH A O   1 
HETATM 1254 O O   . HOH B 2 .   ? -11.235 10.725  -4.347  1.00 34.30 ? 271 HOH A O   1 
HETATM 1255 O O   . HOH B 2 .   ? -7.106  18.586  -2.606  1.00 26.17 ? 272 HOH A O   1 
HETATM 1256 O O   . HOH B 2 .   ? -5.123  14.327  5.428   1.00 27.15 ? 273 HOH A O   1 
HETATM 1257 O O   . HOH B 2 .   ? -5.086  -14.522 0.160   1.00 28.48 ? 274 HOH A O   1 
HETATM 1258 O O   . HOH B 2 .   ? -6.073  -11.468 -4.938  1.00 36.13 ? 275 HOH A O   1 
HETATM 1259 O O   . HOH B 2 .   ? 14.813  -4.213  0.979   1.00 36.45 ? 276 HOH A O   1 
HETATM 1260 O O   . HOH B 2 .   ? -12.311 -7.968  -4.414  1.00 26.70 ? 277 HOH A O   1 
HETATM 1261 O O   . HOH B 2 .   ? 11.939  -0.401  14.804  1.00 33.43 ? 278 HOH A O   1 
HETATM 1262 O O   . HOH B 2 .   ? -2.809  -2.200  -10.169 1.00 28.42 ? 279 HOH A O   1 
HETATM 1263 O O   . HOH B 2 .   ? -2.915  2.399   -15.595 1.00 29.73 ? 280 HOH A O   1 
HETATM 1264 O O   . HOH B 2 .   ? -11.383 10.381  -7.882  1.00 37.74 ? 281 HOH A O   1 
HETATM 1265 O O   . HOH B 2 .   ? -0.628  -1.612  -9.553  1.00 26.19 ? 282 HOH A O   1 
HETATM 1266 O O   . HOH B 2 .   ? 15.439  -2.097  7.127   1.00 38.73 ? 283 HOH A O   1 
HETATM 1267 O O   . HOH B 2 .   ? -5.146  -11.072 -2.957  1.00 30.16 ? 284 HOH A O   1 
HETATM 1268 O O   . HOH B 2 .   ? 14.342  9.320   -6.167  1.00 35.20 ? 285 HOH A O   1 
HETATM 1269 O O   . HOH B 2 .   ? 0.592   -0.296  -11.738 1.00 32.45 ? 286 HOH A O   1 
HETATM 1270 O O   . HOH B 2 .   ? 14.838  -2.148  -2.906  1.00 37.00 ? 287 HOH A O   1 
HETATM 1271 O O   . HOH B 2 .   ? 15.408  2.905   -2.399  1.00 39.63 ? 288 HOH A O   1 
HETATM 1272 O O   . HOH B 2 .   ? 13.710  15.107  -3.719  1.00 32.15 ? 289 HOH A O   1 
HETATM 1273 O O   . HOH B 2 .   ? -13.566 -1.451  8.114   1.00 27.33 ? 290 HOH A O   1 
HETATM 1274 O O   . HOH B 2 .   ? -0.847  1.680   -15.109 1.00 31.73 ? 291 HOH A O   1 
HETATM 1275 O O   . HOH B 2 .   ? 3.911   13.567  9.156   1.00 30.35 ? 292 HOH A O   1 
HETATM 1276 O O   . HOH B 2 .   ? 16.943  1.734   2.486   1.00 36.77 ? 293 HOH A O   1 
HETATM 1277 O O   . HOH B 2 .   ? -0.682  12.290  10.441  1.00 24.10 ? 294 HOH A O   1 
HETATM 1278 O O   . HOH B 2 .   ? -5.636  15.920  4.171   1.00 35.59 ? 295 HOH A O   1 
HETATM 1279 O O   . HOH B 2 .   ? 10.205  10.347  3.406   1.00 35.84 ? 296 HOH A O   1 
HETATM 1280 O O   . HOH B 2 .   ? -2.816  8.101   11.983  1.00 35.48 ? 297 HOH A O   1 
HETATM 1281 O O   . HOH B 2 .   ? 0.020   19.545  -11.894 1.00 30.79 ? 298 HOH A O   1 
HETATM 1282 O O   . HOH B 2 .   ? 14.200  -1.156  -4.709  1.00 35.02 ? 299 HOH A O   1 
HETATM 1283 O O   . HOH B 2 .   ? -12.597 -7.734  11.175  1.00 36.02 ? 300 HOH A O   1 
HETATM 1284 O O   . HOH B 2 .   ? -2.511  6.685   13.504  1.00 39.70 ? 301 HOH A O   1 
HETATM 1285 O O   . HOH B 2 .   ? -7.157  -4.715  15.451  1.00 41.05 ? 302 HOH A O   1 
HETATM 1286 O O   . HOH B 2 .   ? -16.933 3.303   0.794   1.00 22.48 ? 303 HOH A O   1 
HETATM 1287 O O   . HOH B 2 .   ? -16.012 -4.755  -6.839  1.00 27.43 ? 304 HOH A O   1 
HETATM 1288 O O   . HOH B 2 .   ? 14.921  -4.594  -1.573  1.00 41.81 ? 305 HOH A O   1 
HETATM 1289 O O   . HOH B 2 .   ? -6.219  -3.476  13.684  1.00 35.61 ? 306 HOH A O   1 
# 
loop_
_pdbx_poly_seq_scheme.asym_id 
_pdbx_poly_seq_scheme.entity_id 
_pdbx_poly_seq_scheme.seq_id 
_pdbx_poly_seq_scheme.mon_id 
_pdbx_poly_seq_scheme.ndb_seq_num 
_pdbx_poly_seq_scheme.pdb_seq_num 
_pdbx_poly_seq_scheme.auth_seq_num 
_pdbx_poly_seq_scheme.pdb_mon_id 
_pdbx_poly_seq_scheme.auth_mon_id 
_pdbx_poly_seq_scheme.pdb_strand_id 
_pdbx_poly_seq_scheme.pdb_ins_code 
_pdbx_poly_seq_scheme.hetero 
A 1 1   MET 1   1   ?   ?   ?   A . n 
A 1 2   TRP 2   2   2   TRP TRP A . n 
A 1 3   PRO 3   3   3   PRO PRO A . n 
A 1 4   SER 4   4   4   SER SER A . n 
A 1 5   ALA 5   5   5   ALA ALA A . n 
A 1 6   LYS 6   6   6   LYS LYS A . n 
A 1 7   PHE 7   7   7   PHE PHE A . n 
A 1 8   ILE 8   8   8   ILE ILE A . n 
A 1 9   ASP 9   9   9   ASP ASP A . n 
A 1 10  GLY 10  10  10  GLY GLY A . n 
A 1 11  ARG 11  11  11  ARG ARG A . n 
A 1 12  VAL 12  12  12  VAL VAL A . n 
A 1 13  ALA 13  13  13  ALA ALA A . n 
A 1 14  PHE 14  14  14  PHE PHE A . n 
A 1 15  SER 15  15  15  SER SER A . n 
A 1 16  ARG 16  16  16  ARG ARG A . n 
A 1 17  MET 17  17  17  MET MET A . n 
A 1 18  PRO 18  18  18  PRO PRO A . n 
A 1 19  ALA 19  19  19  ALA ALA A . n 
A 1 20  GLU 20  20  20  GLU GLU A . n 
A 1 21  ARG 21  21  21  ARG ARG A . n 
A 1 22  GLU 22  22  22  GLU GLU A . n 
A 1 23  LEU 23  23  23  LEU LEU A . n 
A 1 24  ASP 24  24  24  ASP ASP A . n 
A 1 25  GLU 25  25  25  GLU GLU A . n 
A 1 26  VAL 26  26  26  VAL VAL A . n 
A 1 27  ALA 27  27  27  ALA ALA A . n 
A 1 28  ARG 28  28  28  ARG ARG A . n 
A 1 29  ASP 29  29  29  ASP ASP A . n 
A 1 30  PHE 30  30  30  PHE PHE A . n 
A 1 31  ASP 31  31  31  ASP ASP A . n 
A 1 32  ALA 32  32  32  ALA ALA A . n 
A 1 33  VAL 33  33  33  VAL VAL A . n 
A 1 34  VAL 34  34  34  VAL VAL A . n 
A 1 35  VAL 35  35  35  VAL VAL A . n 
A 1 36  LEU 36  36  36  LEU LEU A . n 
A 1 37  VAL 37  37  37  VAL VAL A . n 
A 1 38  GLU 38  38  38  GLU GLU A . n 
A 1 39  ASP 39  39  39  ASP ASP A . n 
A 1 40  TYR 40  40  40  TYR TYR A . n 
A 1 41  GLU 41  41  41  GLU GLU A . n 
A 1 42  LEU 42  42  42  LEU LEU A . n 
A 1 43  PRO 43  43  43  PRO PRO A . n 
A 1 44  TYR 44  44  44  TYR TYR A . n 
A 1 45  SER 45  45  45  SER SER A . n 
A 1 46  LEU 46  46  46  LEU LEU A . n 
A 1 47  ASP 47  47  47  ASP ASP A . n 
A 1 48  GLU 48  48  48  GLU GLU A . n 
A 1 49  TRP 49  49  49  TRP TRP A . n 
A 1 50  GLU 50  50  50  GLU GLU A . n 
A 1 51  LYS 51  51  51  LYS LYS A . n 
A 1 52  ARG 52  52  52  ARG ARG A . n 
A 1 53  GLY 53  53  53  GLY GLY A . n 
A 1 54  VAL 54  54  54  VAL VAL A . n 
A 1 55  GLU 55  55  55  GLU GLU A . n 
A 1 56  VAL 56  56  56  VAL VAL A . n 
A 1 57  LEU 57  57  57  LEU LEU A . n 
A 1 58  HIS 58  58  58  HIS HIS A . n 
A 1 59  GLY 59  59  59  GLY GLY A . n 
A 1 60  PRO 60  60  60  PRO PRO A . n 
A 1 61  ILE 61  61  61  ILE ILE A . n 
A 1 62  PRO 62  62  62  PRO PRO A . n 
A 1 63  ASP 63  63  63  ASP ASP A . n 
A 1 64  PHE 64  64  64  PHE PHE A . n 
A 1 65  THR 65  65  65  THR THR A . n 
A 1 66  ALA 66  66  66  ALA ALA A . n 
A 1 67  PRO 67  67  67  PRO PRO A . n 
A 1 68  SER 68  68  68  SER SER A . n 
A 1 69  VAL 69  69  69  VAL VAL A . n 
A 1 70  GLU 70  70  70  GLU GLU A . n 
A 1 71  GLN 71  71  71  GLN GLN A . n 
A 1 72  LEU 72  72  72  LEU LEU A . n 
A 1 73  LEU 73  73  73  LEU LEU A . n 
A 1 74  GLU 74  74  74  GLU GLU A . n 
A 1 75  ILE 75  75  75  ILE ILE A . n 
A 1 76  LEU 76  76  76  LEU LEU A . n 
A 1 77  ARG 77  77  77  ARG ARG A . n 
A 1 78  TRP 78  78  78  TRP TRP A . n 
A 1 79  ILE 79  79  79  ILE ILE A . n 
A 1 80  GLU 80  80  80  GLU GLU A . n 
A 1 81  GLU 81  81  81  GLU GLU A . n 
A 1 82  ARG 82  82  82  ARG ARG A . n 
A 1 83  VAL 83  83  83  VAL VAL A . n 
A 1 84  ARG 84  84  84  ARG ARG A . n 
A 1 85  GLU 85  85  85  GLU GLU A . n 
A 1 86  GLY 86  86  86  GLY GLY A . n 
A 1 87  LYS 87  87  87  LYS LYS A . n 
A 1 88  LYS 88  88  88  LYS LYS A . n 
A 1 89  VAL 89  89  89  VAL VAL A . n 
A 1 90  LEU 90  90  90  LEU LEU A . n 
A 1 91  ILE 91  91  91  ILE ILE A . n 
A 1 92  HIS 92  92  92  HIS HIS A . n 
A 1 93  CYS 93  93  93  CYS CYS A . n 
A 1 94  MET 94  94  94  MET MET A . n 
A 1 95  GLY 95  95  95  GLY GLY A . n 
A 1 96  GLY 96  96  96  GLY GLY A . n 
A 1 97  LEU 97  97  97  LEU LEU A . n 
A 1 98  GLY 98  98  98  GLY GLY A . n 
A 1 99  ARG 99  99  99  ARG ARG A . n 
A 1 100 SER 100 100 100 SER SER A . n 
A 1 101 GLY 101 101 101 GLY GLY A . n 
A 1 102 THR 102 102 102 THR THR A . n 
A 1 103 VAL 103 103 103 VAL VAL A . n 
A 1 104 GLY 104 104 104 GLY GLY A . n 
A 1 105 VAL 105 105 105 VAL VAL A . n 
A 1 106 ALA 106 106 106 ALA ALA A . n 
A 1 107 TRP 107 107 107 TRP TRP A . n 
A 1 108 LEU 108 108 108 LEU LEU A . n 
A 1 109 MET 109 109 109 MET MET A . n 
A 1 110 TYR 110 110 110 TYR TYR A . n 
A 1 111 SER 111 111 111 SER SER A . n 
A 1 112 ARG 112 112 112 ARG ARG A . n 
A 1 113 GLY 113 113 113 GLY GLY A . n 
A 1 114 LEU 114 114 114 LEU LEU A . n 
A 1 115 SER 115 115 115 SER SER A . n 
A 1 116 LEU 116 116 116 LEU LEU A . n 
A 1 117 ARG 117 117 117 ARG ARG A . n 
A 1 118 GLU 118 118 118 GLU GLU A . n 
A 1 119 ALA 119 119 119 ALA ALA A . n 
A 1 120 LEU 120 120 120 LEU LEU A . n 
A 1 121 MET 121 121 121 MET MET A . n 
A 1 122 GLU 122 122 122 GLU GLU A . n 
A 1 123 VAL 123 123 123 VAL VAL A . n 
A 1 124 ARG 124 124 124 ARG ARG A . n 
A 1 125 ARG 125 125 125 ARG ARG A . n 
A 1 126 LYS 126 126 126 LYS LYS A . n 
A 1 127 ARG 127 127 127 ARG ARG A . n 
A 1 128 PRO 128 128 128 PRO PRO A . n 
A 1 129 GLY 129 129 129 GLY GLY A . n 
A 1 130 ALA 130 130 130 ALA ALA A . n 
A 1 131 VAL 131 131 131 VAL VAL A . n 
A 1 132 GLU 132 132 132 GLU GLU A . n 
A 1 133 THR 133 133 133 THR THR A . n 
A 1 134 GLN 134 134 134 GLN GLN A . n 
A 1 135 GLU 135 135 135 GLU GLU A . n 
A 1 136 GLN 136 136 136 GLN GLN A . n 
A 1 137 MET 137 137 137 MET MET A . n 
A 1 138 GLU 138 138 138 GLU GLU A . n 
A 1 139 VAL 139 139 139 VAL VAL A . n 
A 1 140 LEU 140 140 140 LEU LEU A . n 
A 1 141 LYS 141 141 141 LYS LYS A . n 
A 1 142 GLU 142 142 142 GLU GLU A . n 
A 1 143 LEU 143 143 143 LEU LEU A . n 
A 1 144 GLU 144 144 144 GLU GLU A . n 
A 1 145 GLU 145 145 145 GLU GLU A . n 
A 1 146 ARG 146 146 146 ARG ARG A . n 
A 1 147 ILE 147 147 147 ILE ILE A . n 
# 
loop_
_pdbx_nonpoly_scheme.asym_id 
_pdbx_nonpoly_scheme.entity_id 
_pdbx_nonpoly_scheme.mon_id 
_pdbx_nonpoly_scheme.ndb_seq_num 
_pdbx_nonpoly_scheme.pdb_seq_num 
_pdbx_nonpoly_scheme.auth_seq_num 
_pdbx_nonpoly_scheme.pdb_mon_id 
_pdbx_nonpoly_scheme.auth_mon_id 
_pdbx_nonpoly_scheme.pdb_strand_id 
_pdbx_nonpoly_scheme.pdb_ins_code 
B 2 HOH 1   201 68  HOH HOH A . 
B 2 HOH 2   202 91  HOH HOH A . 
B 2 HOH 3   203 70  HOH HOH A . 
B 2 HOH 4   204 100 HOH HOH A . 
B 2 HOH 5   205 50  HOH HOH A . 
B 2 HOH 6   206 45  HOH HOH A . 
B 2 HOH 7   207 58  HOH HOH A . 
B 2 HOH 8   208 23  HOH HOH A . 
B 2 HOH 9   209 73  HOH HOH A . 
B 2 HOH 10  210 3   HOH HOH A . 
B 2 HOH 11  211 105 HOH HOH A . 
B 2 HOH 12  212 74  HOH HOH A . 
B 2 HOH 13  213 83  HOH HOH A . 
B 2 HOH 14  214 90  HOH HOH A . 
B 2 HOH 15  215 97  HOH HOH A . 
B 2 HOH 16  216 56  HOH HOH A . 
B 2 HOH 17  217 79  HOH HOH A . 
B 2 HOH 18  218 52  HOH HOH A . 
B 2 HOH 19  219 29  HOH HOH A . 
B 2 HOH 20  220 85  HOH HOH A . 
B 2 HOH 21  221 63  HOH HOH A . 
B 2 HOH 22  222 82  HOH HOH A . 
B 2 HOH 23  223 53  HOH HOH A . 
B 2 HOH 24  224 51  HOH HOH A . 
B 2 HOH 25  225 30  HOH HOH A . 
B 2 HOH 26  226 14  HOH HOH A . 
B 2 HOH 27  227 34  HOH HOH A . 
B 2 HOH 28  228 24  HOH HOH A . 
B 2 HOH 29  229 26  HOH HOH A . 
B 2 HOH 30  230 43  HOH HOH A . 
B 2 HOH 31  231 6   HOH HOH A . 
B 2 HOH 32  232 31  HOH HOH A . 
B 2 HOH 33  233 54  HOH HOH A . 
B 2 HOH 34  234 16  HOH HOH A . 
B 2 HOH 35  235 86  HOH HOH A . 
B 2 HOH 36  236 1   HOH HOH A . 
B 2 HOH 37  237 55  HOH HOH A . 
B 2 HOH 38  238 4   HOH HOH A . 
B 2 HOH 39  239 62  HOH HOH A . 
B 2 HOH 40  240 5   HOH HOH A . 
B 2 HOH 41  241 27  HOH HOH A . 
B 2 HOH 42  242 18  HOH HOH A . 
B 2 HOH 43  243 48  HOH HOH A . 
B 2 HOH 44  244 47  HOH HOH A . 
B 2 HOH 45  245 10  HOH HOH A . 
B 2 HOH 46  246 65  HOH HOH A . 
B 2 HOH 47  247 101 HOH HOH A . 
B 2 HOH 48  248 39  HOH HOH A . 
B 2 HOH 49  249 38  HOH HOH A . 
B 2 HOH 50  250 76  HOH HOH A . 
B 2 HOH 51  251 89  HOH HOH A . 
B 2 HOH 52  252 11  HOH HOH A . 
B 2 HOH 53  253 35  HOH HOH A . 
B 2 HOH 54  254 87  HOH HOH A . 
B 2 HOH 55  255 7   HOH HOH A . 
B 2 HOH 56  256 25  HOH HOH A . 
B 2 HOH 57  257 57  HOH HOH A . 
B 2 HOH 58  258 71  HOH HOH A . 
B 2 HOH 59  259 19  HOH HOH A . 
B 2 HOH 60  260 40  HOH HOH A . 
B 2 HOH 61  261 37  HOH HOH A . 
B 2 HOH 62  262 60  HOH HOH A . 
B 2 HOH 63  263 75  HOH HOH A . 
B 2 HOH 64  264 21  HOH HOH A . 
B 2 HOH 65  265 32  HOH HOH A . 
B 2 HOH 66  266 9   HOH HOH A . 
B 2 HOH 67  267 2   HOH HOH A . 
B 2 HOH 68  268 28  HOH HOH A . 
B 2 HOH 69  269 66  HOH HOH A . 
B 2 HOH 70  270 20  HOH HOH A . 
B 2 HOH 71  271 22  HOH HOH A . 
B 2 HOH 72  272 8   HOH HOH A . 
B 2 HOH 73  273 69  HOH HOH A . 
B 2 HOH 74  274 33  HOH HOH A . 
B 2 HOH 75  275 93  HOH HOH A . 
B 2 HOH 76  276 102 HOH HOH A . 
B 2 HOH 77  277 72  HOH HOH A . 
B 2 HOH 78  278 80  HOH HOH A . 
B 2 HOH 79  279 41  HOH HOH A . 
B 2 HOH 80  280 64  HOH HOH A . 
B 2 HOH 81  281 44  HOH HOH A . 
B 2 HOH 82  282 13  HOH HOH A . 
B 2 HOH 83  283 46  HOH HOH A . 
B 2 HOH 84  284 42  HOH HOH A . 
B 2 HOH 85  285 84  HOH HOH A . 
B 2 HOH 86  286 88  HOH HOH A . 
B 2 HOH 87  287 103 HOH HOH A . 
B 2 HOH 88  288 67  HOH HOH A . 
B 2 HOH 89  289 36  HOH HOH A . 
B 2 HOH 90  290 49  HOH HOH A . 
B 2 HOH 91  291 98  HOH HOH A . 
B 2 HOH 92  292 96  HOH HOH A . 
B 2 HOH 93  293 61  HOH HOH A . 
B 2 HOH 94  294 15  HOH HOH A . 
B 2 HOH 95  295 104 HOH HOH A . 
B 2 HOH 96  296 17  HOH HOH A . 
B 2 HOH 97  297 59  HOH HOH A . 
B 2 HOH 98  298 78  HOH HOH A . 
B 2 HOH 99  299 92  HOH HOH A . 
B 2 HOH 100 300 81  HOH HOH A . 
B 2 HOH 101 301 99  HOH HOH A . 
B 2 HOH 102 302 77  HOH HOH A . 
B 2 HOH 103 303 12  HOH HOH A . 
B 2 HOH 104 304 95  HOH HOH A . 
B 2 HOH 105 305 106 HOH HOH A . 
B 2 HOH 106 306 94  HOH HOH A . 
# 
_pdbx_struct_assembly.id                   1 
_pdbx_struct_assembly.details              author_defined_assembly 
_pdbx_struct_assembly.method_details       ? 
_pdbx_struct_assembly.oligomeric_details   monomeric 
_pdbx_struct_assembly.oligomeric_count     1 
# 
_pdbx_struct_assembly_gen.assembly_id       1 
_pdbx_struct_assembly_gen.oper_expression   1 
_pdbx_struct_assembly_gen.asym_id_list      A,B 
# 
loop_
_pdbx_struct_assembly_prop.biol_id 
_pdbx_struct_assembly_prop.type 
_pdbx_struct_assembly_prop.value 
_pdbx_struct_assembly_prop.details 
1 'ABSA (A^2)' 0    ? 
1 MORE         0    ? 
1 'SSA (A^2)'  7310 ? 
# 
_pdbx_struct_oper_list.id                   1 
_pdbx_struct_oper_list.type                 'identity operation' 
_pdbx_struct_oper_list.name                 1_555 
_pdbx_struct_oper_list.symmetry_operation   x,y,z 
_pdbx_struct_oper_list.matrix[1][1]         1.0000000000 
_pdbx_struct_oper_list.matrix[1][2]         0.0000000000 
_pdbx_struct_oper_list.matrix[1][3]         0.0000000000 
_pdbx_struct_oper_list.vector[1]            0.0000000000 
_pdbx_struct_oper_list.matrix[2][1]         0.0000000000 
_pdbx_struct_oper_list.matrix[2][2]         1.0000000000 
_pdbx_struct_oper_list.matrix[2][3]         0.0000000000 
_pdbx_struct_oper_list.vector[2]            0.0000000000 
_pdbx_struct_oper_list.matrix[3][1]         0.0000000000 
_pdbx_struct_oper_list.matrix[3][2]         0.0000000000 
_pdbx_struct_oper_list.matrix[3][3]         1.0000000000 
_pdbx_struct_oper_list.vector[3]            0.0000000000 
# 
loop_
_pdbx_audit_revision_history.ordinal 
_pdbx_audit_revision_history.data_content_type 
_pdbx_audit_revision_history.major_revision 
_pdbx_audit_revision_history.minor_revision 
_pdbx_audit_revision_history.revision_date 
1 'Structure model' 1 0 2018-06-27 
2 'Structure model' 1 1 2023-11-22 
# 
_pdbx_audit_revision_details.ordinal             1 
_pdbx_audit_revision_details.revision_ordinal    1 
_pdbx_audit_revision_details.data_content_type   'Structure model' 
_pdbx_audit_revision_details.provider            repository 
_pdbx_audit_revision_details.type                'Initial release' 
_pdbx_audit_revision_details.description         ? 
_pdbx_audit_revision_details.details             ? 
# 
loop_
_pdbx_audit_revision_group.ordinal 
_pdbx_audit_revision_group.revision_ordinal 
_pdbx_audit_revision_group.data_content_type 
_pdbx_audit_revision_group.group 
1 2 'Structure model' 'Data collection'        
2 2 'Structure model' 'Database references'    
3 2 'Structure model' 'Refinement description' 
# 
loop_
_pdbx_audit_revision_category.ordinal 
_pdbx_audit_revision_category.revision_ordinal 
_pdbx_audit_revision_category.data_content_type 
_pdbx_audit_revision_category.category 
1 2 'Structure model' chem_comp_atom                
2 2 'Structure model' chem_comp_bond                
3 2 'Structure model' database_2                    
4 2 'Structure model' pdbx_initial_refinement_model 
# 
loop_
_pdbx_audit_revision_item.ordinal 
_pdbx_audit_revision_item.revision_ordinal 
_pdbx_audit_revision_item.data_content_type 
_pdbx_audit_revision_item.item 
1 2 'Structure model' '_database_2.pdbx_DOI'                
2 2 'Structure model' '_database_2.pdbx_database_accession' 
# 
loop_
_software.citation_id 
_software.classification 
_software.compiler_name 
_software.compiler_version 
_software.contact_author 
_software.contact_author_email 
_software.date 
_software.description 
_software.dependencies 
_software.hardware 
_software.language 
_software.location 
_software.mods 
_software.name 
_software.os 
_software.os_version 
_software.type 
_software.version 
_software.pdbx_ordinal 
? refinement       ? ? ? ? ? ? ? ? ? ? ? PHENIX   ? ? ? '(1.10.1_2155: ???)' 1 
? 'data reduction' ? ? ? ? ? ? ? ? ? ? ? HKL-2000 ? ? ? .                    2 
? 'data scaling'   ? ? ? ? ? ? ? ? ? ? ? HKL-2000 ? ? ? .                    3 
? phasing          ? ? ? ? ? ? ? ? ? ? ? PHENIX   ? ? ? .                    4 
# 
loop_
_pdbx_validate_close_contact.id 
_pdbx_validate_close_contact.PDB_model_num 
_pdbx_validate_close_contact.auth_atom_id_1 
_pdbx_validate_close_contact.auth_asym_id_1 
_pdbx_validate_close_contact.auth_comp_id_1 
_pdbx_validate_close_contact.auth_seq_id_1 
_pdbx_validate_close_contact.PDB_ins_code_1 
_pdbx_validate_close_contact.label_alt_id_1 
_pdbx_validate_close_contact.auth_atom_id_2 
_pdbx_validate_close_contact.auth_asym_id_2 
_pdbx_validate_close_contact.auth_comp_id_2 
_pdbx_validate_close_contact.auth_seq_id_2 
_pdbx_validate_close_contact.PDB_ins_code_2 
_pdbx_validate_close_contact.label_alt_id_2 
_pdbx_validate_close_contact.dist 
1 1 O A ALA 27  ? ? O A HOH 201 ? ? 2.04 
2 1 O A HOH 273 ? ? O A HOH 295 ? ? 2.09 
3 1 O A HOH 297 ? ? O A HOH 301 ? ? 2.10 
4 1 O A HOH 287 ? ? O A HOH 299 ? ? 2.15 
5 1 O A HOH 201 ? ? O A HOH 233 ? ? 2.16 
6 1 O A HOH 202 ? ? O A HOH 299 ? ? 2.16 
7 1 O A HOH 201 ? ? O A HOH 223 ? ? 2.16 
# 
loop_
_pdbx_validate_torsion.id 
_pdbx_validate_torsion.PDB_model_num 
_pdbx_validate_torsion.auth_comp_id 
_pdbx_validate_torsion.auth_asym_id 
_pdbx_validate_torsion.auth_seq_id 
_pdbx_validate_torsion.PDB_ins_code 
_pdbx_validate_torsion.label_alt_id 
_pdbx_validate_torsion.phi 
_pdbx_validate_torsion.psi 
1 1 ASP A 9  ? ? -147.31 -156.81 
2 1 LYS A 51 ? ? -58.96  -9.43   
3 1 CYS A 93 ? ? -131.00 -131.79 
# 
_pdbx_unobs_or_zero_occ_residues.id               1 
_pdbx_unobs_or_zero_occ_residues.PDB_model_num    1 
_pdbx_unobs_or_zero_occ_residues.polymer_flag     Y 
_pdbx_unobs_or_zero_occ_residues.occupancy_flag   1 
_pdbx_unobs_or_zero_occ_residues.auth_asym_id     A 
_pdbx_unobs_or_zero_occ_residues.auth_comp_id     MET 
_pdbx_unobs_or_zero_occ_residues.auth_seq_id      1 
_pdbx_unobs_or_zero_occ_residues.PDB_ins_code     ? 
_pdbx_unobs_or_zero_occ_residues.label_asym_id    A 
_pdbx_unobs_or_zero_occ_residues.label_comp_id    MET 
_pdbx_unobs_or_zero_occ_residues.label_seq_id     1 
# 
loop_
_chem_comp_atom.comp_id 
_chem_comp_atom.atom_id 
_chem_comp_atom.type_symbol 
_chem_comp_atom.pdbx_aromatic_flag 
_chem_comp_atom.pdbx_stereo_config 
_chem_comp_atom.pdbx_ordinal 
ALA N    N N N 1   
ALA CA   C N S 2   
ALA C    C N N 3   
ALA O    O N N 4   
ALA CB   C N N 5   
ALA OXT  O N N 6   
ALA H    H N N 7   
ALA H2   H N N 8   
ALA HA   H N N 9   
ALA HB1  H N N 10  
ALA HB2  H N N 11  
ALA HB3  H N N 12  
ALA HXT  H N N 13  
ARG N    N N N 14  
ARG CA   C N S 15  
ARG C    C N N 16  
ARG O    O N N 17  
ARG CB   C N N 18  
ARG CG   C N N 19  
ARG CD   C N N 20  
ARG NE   N N N 21  
ARG CZ   C N N 22  
ARG NH1  N N N 23  
ARG NH2  N N N 24  
ARG OXT  O N N 25  
ARG H    H N N 26  
ARG H2   H N N 27  
ARG HA   H N N 28  
ARG HB2  H N N 29  
ARG HB3  H N N 30  
ARG HG2  H N N 31  
ARG HG3  H N N 32  
ARG HD2  H N N 33  
ARG HD3  H N N 34  
ARG HE   H N N 35  
ARG HH11 H N N 36  
ARG HH12 H N N 37  
ARG HH21 H N N 38  
ARG HH22 H N N 39  
ARG HXT  H N N 40  
ASP N    N N N 41  
ASP CA   C N S 42  
ASP C    C N N 43  
ASP O    O N N 44  
ASP CB   C N N 45  
ASP CG   C N N 46  
ASP OD1  O N N 47  
ASP OD2  O N N 48  
ASP OXT  O N N 49  
ASP H    H N N 50  
ASP H2   H N N 51  
ASP HA   H N N 52  
ASP HB2  H N N 53  
ASP HB3  H N N 54  
ASP HD2  H N N 55  
ASP HXT  H N N 56  
CYS N    N N N 57  
CYS CA   C N R 58  
CYS C    C N N 59  
CYS O    O N N 60  
CYS CB   C N N 61  
CYS SG   S N N 62  
CYS OXT  O N N 63  
CYS H    H N N 64  
CYS H2   H N N 65  
CYS HA   H N N 66  
CYS HB2  H N N 67  
CYS HB3  H N N 68  
CYS HG   H N N 69  
CYS HXT  H N N 70  
GLN N    N N N 71  
GLN CA   C N S 72  
GLN C    C N N 73  
GLN O    O N N 74  
GLN CB   C N N 75  
GLN CG   C N N 76  
GLN CD   C N N 77  
GLN OE1  O N N 78  
GLN NE2  N N N 79  
GLN OXT  O N N 80  
GLN H    H N N 81  
GLN H2   H N N 82  
GLN HA   H N N 83  
GLN HB2  H N N 84  
GLN HB3  H N N 85  
GLN HG2  H N N 86  
GLN HG3  H N N 87  
GLN HE21 H N N 88  
GLN HE22 H N N 89  
GLN HXT  H N N 90  
GLU N    N N N 91  
GLU CA   C N S 92  
GLU C    C N N 93  
GLU O    O N N 94  
GLU CB   C N N 95  
GLU CG   C N N 96  
GLU CD   C N N 97  
GLU OE1  O N N 98  
GLU OE2  O N N 99  
GLU OXT  O N N 100 
GLU H    H N N 101 
GLU H2   H N N 102 
GLU HA   H N N 103 
GLU HB2  H N N 104 
GLU HB3  H N N 105 
GLU HG2  H N N 106 
GLU HG3  H N N 107 
GLU HE2  H N N 108 
GLU HXT  H N N 109 
GLY N    N N N 110 
GLY CA   C N N 111 
GLY C    C N N 112 
GLY O    O N N 113 
GLY OXT  O N N 114 
GLY H    H N N 115 
GLY H2   H N N 116 
GLY HA2  H N N 117 
GLY HA3  H N N 118 
GLY HXT  H N N 119 
HIS N    N N N 120 
HIS CA   C N S 121 
HIS C    C N N 122 
HIS O    O N N 123 
HIS CB   C N N 124 
HIS CG   C Y N 125 
HIS ND1  N Y N 126 
HIS CD2  C Y N 127 
HIS CE1  C Y N 128 
HIS NE2  N Y N 129 
HIS OXT  O N N 130 
HIS H    H N N 131 
HIS H2   H N N 132 
HIS HA   H N N 133 
HIS HB2  H N N 134 
HIS HB3  H N N 135 
HIS HD1  H N N 136 
HIS HD2  H N N 137 
HIS HE1  H N N 138 
HIS HE2  H N N 139 
HIS HXT  H N N 140 
HOH O    O N N 141 
HOH H1   H N N 142 
HOH H2   H N N 143 
ILE N    N N N 144 
ILE CA   C N S 145 
ILE C    C N N 146 
ILE O    O N N 147 
ILE CB   C N S 148 
ILE CG1  C N N 149 
ILE CG2  C N N 150 
ILE CD1  C N N 151 
ILE OXT  O N N 152 
ILE H    H N N 153 
ILE H2   H N N 154 
ILE HA   H N N 155 
ILE HB   H N N 156 
ILE HG12 H N N 157 
ILE HG13 H N N 158 
ILE HG21 H N N 159 
ILE HG22 H N N 160 
ILE HG23 H N N 161 
ILE HD11 H N N 162 
ILE HD12 H N N 163 
ILE HD13 H N N 164 
ILE HXT  H N N 165 
LEU N    N N N 166 
LEU CA   C N S 167 
LEU C    C N N 168 
LEU O    O N N 169 
LEU CB   C N N 170 
LEU CG   C N N 171 
LEU CD1  C N N 172 
LEU CD2  C N N 173 
LEU OXT  O N N 174 
LEU H    H N N 175 
LEU H2   H N N 176 
LEU HA   H N N 177 
LEU HB2  H N N 178 
LEU HB3  H N N 179 
LEU HG   H N N 180 
LEU HD11 H N N 181 
LEU HD12 H N N 182 
LEU HD13 H N N 183 
LEU HD21 H N N 184 
LEU HD22 H N N 185 
LEU HD23 H N N 186 
LEU HXT  H N N 187 
LYS N    N N N 188 
LYS CA   C N S 189 
LYS C    C N N 190 
LYS O    O N N 191 
LYS CB   C N N 192 
LYS CG   C N N 193 
LYS CD   C N N 194 
LYS CE   C N N 195 
LYS NZ   N N N 196 
LYS OXT  O N N 197 
LYS H    H N N 198 
LYS H2   H N N 199 
LYS HA   H N N 200 
LYS HB2  H N N 201 
LYS HB3  H N N 202 
LYS HG2  H N N 203 
LYS HG3  H N N 204 
LYS HD2  H N N 205 
LYS HD3  H N N 206 
LYS HE2  H N N 207 
LYS HE3  H N N 208 
LYS HZ1  H N N 209 
LYS HZ2  H N N 210 
LYS HZ3  H N N 211 
LYS HXT  H N N 212 
MET N    N N N 213 
MET CA   C N S 214 
MET C    C N N 215 
MET O    O N N 216 
MET CB   C N N 217 
MET CG   C N N 218 
MET SD   S N N 219 
MET CE   C N N 220 
MET OXT  O N N 221 
MET H    H N N 222 
MET H2   H N N 223 
MET HA   H N N 224 
MET HB2  H N N 225 
MET HB3  H N N 226 
MET HG2  H N N 227 
MET HG3  H N N 228 
MET HE1  H N N 229 
MET HE2  H N N 230 
MET HE3  H N N 231 
MET HXT  H N N 232 
PHE N    N N N 233 
PHE CA   C N S 234 
PHE C    C N N 235 
PHE O    O N N 236 
PHE CB   C N N 237 
PHE CG   C Y N 238 
PHE CD1  C Y N 239 
PHE CD2  C Y N 240 
PHE CE1  C Y N 241 
PHE CE2  C Y N 242 
PHE CZ   C Y N 243 
PHE OXT  O N N 244 
PHE H    H N N 245 
PHE H2   H N N 246 
PHE HA   H N N 247 
PHE HB2  H N N 248 
PHE HB3  H N N 249 
PHE HD1  H N N 250 
PHE HD2  H N N 251 
PHE HE1  H N N 252 
PHE HE2  H N N 253 
PHE HZ   H N N 254 
PHE HXT  H N N 255 
PRO N    N N N 256 
PRO CA   C N S 257 
PRO C    C N N 258 
PRO O    O N N 259 
PRO CB   C N N 260 
PRO CG   C N N 261 
PRO CD   C N N 262 
PRO OXT  O N N 263 
PRO H    H N N 264 
PRO HA   H N N 265 
PRO HB2  H N N 266 
PRO HB3  H N N 267 
PRO HG2  H N N 268 
PRO HG3  H N N 269 
PRO HD2  H N N 270 
PRO HD3  H N N 271 
PRO HXT  H N N 272 
SER N    N N N 273 
SER CA   C N S 274 
SER C    C N N 275 
SER O    O N N 276 
SER CB   C N N 277 
SER OG   O N N 278 
SER OXT  O N N 279 
SER H    H N N 280 
SER H2   H N N 281 
SER HA   H N N 282 
SER HB2  H N N 283 
SER HB3  H N N 284 
SER HG   H N N 285 
SER HXT  H N N 286 
THR N    N N N 287 
THR CA   C N S 288 
THR C    C N N 289 
THR O    O N N 290 
THR CB   C N R 291 
THR OG1  O N N 292 
THR CG2  C N N 293 
THR OXT  O N N 294 
THR H    H N N 295 
THR H2   H N N 296 
THR HA   H N N 297 
THR HB   H N N 298 
THR HG1  H N N 299 
THR HG21 H N N 300 
THR HG22 H N N 301 
THR HG23 H N N 302 
THR HXT  H N N 303 
TRP N    N N N 304 
TRP CA   C N S 305 
TRP C    C N N 306 
TRP O    O N N 307 
TRP CB   C N N 308 
TRP CG   C Y N 309 
TRP CD1  C Y N 310 
TRP CD2  C Y N 311 
TRP NE1  N Y N 312 
TRP CE2  C Y N 313 
TRP CE3  C Y N 314 
TRP CZ2  C Y N 315 
TRP CZ3  C Y N 316 
TRP CH2  C Y N 317 
TRP OXT  O N N 318 
TRP H    H N N 319 
TRP H2   H N N 320 
TRP HA   H N N 321 
TRP HB2  H N N 322 
TRP HB3  H N N 323 
TRP HD1  H N N 324 
TRP HE1  H N N 325 
TRP HE3  H N N 326 
TRP HZ2  H N N 327 
TRP HZ3  H N N 328 
TRP HH2  H N N 329 
TRP HXT  H N N 330 
TYR N    N N N 331 
TYR CA   C N S 332 
TYR C    C N N 333 
TYR O    O N N 334 
TYR CB   C N N 335 
TYR CG   C Y N 336 
TYR CD1  C Y N 337 
TYR CD2  C Y N 338 
TYR CE1  C Y N 339 
TYR CE2  C Y N 340 
TYR CZ   C Y N 341 
TYR OH   O N N 342 
TYR OXT  O N N 343 
TYR H    H N N 344 
TYR H2   H N N 345 
TYR HA   H N N 346 
TYR HB2  H N N 347 
TYR HB3  H N N 348 
TYR HD1  H N N 349 
TYR HD2  H N N 350 
TYR HE1  H N N 351 
TYR HE2  H N N 352 
TYR HH   H N N 353 
TYR HXT  H N N 354 
VAL N    N N N 355 
VAL CA   C N S 356 
VAL C    C N N 357 
VAL O    O N N 358 
VAL CB   C N N 359 
VAL CG1  C N N 360 
VAL CG2  C N N 361 
VAL OXT  O N N 362 
VAL H    H N N 363 
VAL H2   H N N 364 
VAL HA   H N N 365 
VAL HB   H N N 366 
VAL HG11 H N N 367 
VAL HG12 H N N 368 
VAL HG13 H N N 369 
VAL HG21 H N N 370 
VAL HG22 H N N 371 
VAL HG23 H N N 372 
VAL HXT  H N N 373 
# 
loop_
_chem_comp_bond.comp_id 
_chem_comp_bond.atom_id_1 
_chem_comp_bond.atom_id_2 
_chem_comp_bond.value_order 
_chem_comp_bond.pdbx_aromatic_flag 
_chem_comp_bond.pdbx_stereo_config 
_chem_comp_bond.pdbx_ordinal 
ALA N   CA   sing N N 1   
ALA N   H    sing N N 2   
ALA N   H2   sing N N 3   
ALA CA  C    sing N N 4   
ALA CA  CB   sing N N 5   
ALA CA  HA   sing N N 6   
ALA C   O    doub N N 7   
ALA C   OXT  sing N N 8   
ALA CB  HB1  sing N N 9   
ALA CB  HB2  sing N N 10  
ALA CB  HB3  sing N N 11  
ALA OXT HXT  sing N N 12  
ARG N   CA   sing N N 13  
ARG N   H    sing N N 14  
ARG N   H2   sing N N 15  
ARG CA  C    sing N N 16  
ARG CA  CB   sing N N 17  
ARG CA  HA   sing N N 18  
ARG C   O    doub N N 19  
ARG C   OXT  sing N N 20  
ARG CB  CG   sing N N 21  
ARG CB  HB2  sing N N 22  
ARG CB  HB3  sing N N 23  
ARG CG  CD   sing N N 24  
ARG CG  HG2  sing N N 25  
ARG CG  HG3  sing N N 26  
ARG CD  NE   sing N N 27  
ARG CD  HD2  sing N N 28  
ARG CD  HD3  sing N N 29  
ARG NE  CZ   sing N N 30  
ARG NE  HE   sing N N 31  
ARG CZ  NH1  sing N N 32  
ARG CZ  NH2  doub N N 33  
ARG NH1 HH11 sing N N 34  
ARG NH1 HH12 sing N N 35  
ARG NH2 HH21 sing N N 36  
ARG NH2 HH22 sing N N 37  
ARG OXT HXT  sing N N 38  
ASP N   CA   sing N N 39  
ASP N   H    sing N N 40  
ASP N   H2   sing N N 41  
ASP CA  C    sing N N 42  
ASP CA  CB   sing N N 43  
ASP CA  HA   sing N N 44  
ASP C   O    doub N N 45  
ASP C   OXT  sing N N 46  
ASP CB  CG   sing N N 47  
ASP CB  HB2  sing N N 48  
ASP CB  HB3  sing N N 49  
ASP CG  OD1  doub N N 50  
ASP CG  OD2  sing N N 51  
ASP OD2 HD2  sing N N 52  
ASP OXT HXT  sing N N 53  
CYS N   CA   sing N N 54  
CYS N   H    sing N N 55  
CYS N   H2   sing N N 56  
CYS CA  C    sing N N 57  
CYS CA  CB   sing N N 58  
CYS CA  HA   sing N N 59  
CYS C   O    doub N N 60  
CYS C   OXT  sing N N 61  
CYS CB  SG   sing N N 62  
CYS CB  HB2  sing N N 63  
CYS CB  HB3  sing N N 64  
CYS SG  HG   sing N N 65  
CYS OXT HXT  sing N N 66  
GLN N   CA   sing N N 67  
GLN N   H    sing N N 68  
GLN N   H2   sing N N 69  
GLN CA  C    sing N N 70  
GLN CA  CB   sing N N 71  
GLN CA  HA   sing N N 72  
GLN C   O    doub N N 73  
GLN C   OXT  sing N N 74  
GLN CB  CG   sing N N 75  
GLN CB  HB2  sing N N 76  
GLN CB  HB3  sing N N 77  
GLN CG  CD   sing N N 78  
GLN CG  HG2  sing N N 79  
GLN CG  HG3  sing N N 80  
GLN CD  OE1  doub N N 81  
GLN CD  NE2  sing N N 82  
GLN NE2 HE21 sing N N 83  
GLN NE2 HE22 sing N N 84  
GLN OXT HXT  sing N N 85  
GLU N   CA   sing N N 86  
GLU N   H    sing N N 87  
GLU N   H2   sing N N 88  
GLU CA  C    sing N N 89  
GLU CA  CB   sing N N 90  
GLU CA  HA   sing N N 91  
GLU C   O    doub N N 92  
GLU C   OXT  sing N N 93  
GLU CB  CG   sing N N 94  
GLU CB  HB2  sing N N 95  
GLU CB  HB3  sing N N 96  
GLU CG  CD   sing N N 97  
GLU CG  HG2  sing N N 98  
GLU CG  HG3  sing N N 99  
GLU CD  OE1  doub N N 100 
GLU CD  OE2  sing N N 101 
GLU OE2 HE2  sing N N 102 
GLU OXT HXT  sing N N 103 
GLY N   CA   sing N N 104 
GLY N   H    sing N N 105 
GLY N   H2   sing N N 106 
GLY CA  C    sing N N 107 
GLY CA  HA2  sing N N 108 
GLY CA  HA3  sing N N 109 
GLY C   O    doub N N 110 
GLY C   OXT  sing N N 111 
GLY OXT HXT  sing N N 112 
HIS N   CA   sing N N 113 
HIS N   H    sing N N 114 
HIS N   H2   sing N N 115 
HIS CA  C    sing N N 116 
HIS CA  CB   sing N N 117 
HIS CA  HA   sing N N 118 
HIS C   O    doub N N 119 
HIS C   OXT  sing N N 120 
HIS CB  CG   sing N N 121 
HIS CB  HB2  sing N N 122 
HIS CB  HB3  sing N N 123 
HIS CG  ND1  sing Y N 124 
HIS CG  CD2  doub Y N 125 
HIS ND1 CE1  doub Y N 126 
HIS ND1 HD1  sing N N 127 
HIS CD2 NE2  sing Y N 128 
HIS CD2 HD2  sing N N 129 
HIS CE1 NE2  sing Y N 130 
HIS CE1 HE1  sing N N 131 
HIS NE2 HE2  sing N N 132 
HIS OXT HXT  sing N N 133 
HOH O   H1   sing N N 134 
HOH O   H2   sing N N 135 
ILE N   CA   sing N N 136 
ILE N   H    sing N N 137 
ILE N   H2   sing N N 138 
ILE CA  C    sing N N 139 
ILE CA  CB   sing N N 140 
ILE CA  HA   sing N N 141 
ILE C   O    doub N N 142 
ILE C   OXT  sing N N 143 
ILE CB  CG1  sing N N 144 
ILE CB  CG2  sing N N 145 
ILE CB  HB   sing N N 146 
ILE CG1 CD1  sing N N 147 
ILE CG1 HG12 sing N N 148 
ILE CG1 HG13 sing N N 149 
ILE CG2 HG21 sing N N 150 
ILE CG2 HG22 sing N N 151 
ILE CG2 HG23 sing N N 152 
ILE CD1 HD11 sing N N 153 
ILE CD1 HD12 sing N N 154 
ILE CD1 HD13 sing N N 155 
ILE OXT HXT  sing N N 156 
LEU N   CA   sing N N 157 
LEU N   H    sing N N 158 
LEU N   H2   sing N N 159 
LEU CA  C    sing N N 160 
LEU CA  CB   sing N N 161 
LEU CA  HA   sing N N 162 
LEU C   O    doub N N 163 
LEU C   OXT  sing N N 164 
LEU CB  CG   sing N N 165 
LEU CB  HB2  sing N N 166 
LEU CB  HB3  sing N N 167 
LEU CG  CD1  sing N N 168 
LEU CG  CD2  sing N N 169 
LEU CG  HG   sing N N 170 
LEU CD1 HD11 sing N N 171 
LEU CD1 HD12 sing N N 172 
LEU CD1 HD13 sing N N 173 
LEU CD2 HD21 sing N N 174 
LEU CD2 HD22 sing N N 175 
LEU CD2 HD23 sing N N 176 
LEU OXT HXT  sing N N 177 
LYS N   CA   sing N N 178 
LYS N   H    sing N N 179 
LYS N   H2   sing N N 180 
LYS CA  C    sing N N 181 
LYS CA  CB   sing N N 182 
LYS CA  HA   sing N N 183 
LYS C   O    doub N N 184 
LYS C   OXT  sing N N 185 
LYS CB  CG   sing N N 186 
LYS CB  HB2  sing N N 187 
LYS CB  HB3  sing N N 188 
LYS CG  CD   sing N N 189 
LYS CG  HG2  sing N N 190 
LYS CG  HG3  sing N N 191 
LYS CD  CE   sing N N 192 
LYS CD  HD2  sing N N 193 
LYS CD  HD3  sing N N 194 
LYS CE  NZ   sing N N 195 
LYS CE  HE2  sing N N 196 
LYS CE  HE3  sing N N 197 
LYS NZ  HZ1  sing N N 198 
LYS NZ  HZ2  sing N N 199 
LYS NZ  HZ3  sing N N 200 
LYS OXT HXT  sing N N 201 
MET N   CA   sing N N 202 
MET N   H    sing N N 203 
MET N   H2   sing N N 204 
MET CA  C    sing N N 205 
MET CA  CB   sing N N 206 
MET CA  HA   sing N N 207 
MET C   O    doub N N 208 
MET C   OXT  sing N N 209 
MET CB  CG   sing N N 210 
MET CB  HB2  sing N N 211 
MET CB  HB3  sing N N 212 
MET CG  SD   sing N N 213 
MET CG  HG2  sing N N 214 
MET CG  HG3  sing N N 215 
MET SD  CE   sing N N 216 
MET CE  HE1  sing N N 217 
MET CE  HE2  sing N N 218 
MET CE  HE3  sing N N 219 
MET OXT HXT  sing N N 220 
PHE N   CA   sing N N 221 
PHE N   H    sing N N 222 
PHE N   H2   sing N N 223 
PHE CA  C    sing N N 224 
PHE CA  CB   sing N N 225 
PHE CA  HA   sing N N 226 
PHE C   O    doub N N 227 
PHE C   OXT  sing N N 228 
PHE CB  CG   sing N N 229 
PHE CB  HB2  sing N N 230 
PHE CB  HB3  sing N N 231 
PHE CG  CD1  doub Y N 232 
PHE CG  CD2  sing Y N 233 
PHE CD1 CE1  sing Y N 234 
PHE CD1 HD1  sing N N 235 
PHE CD2 CE2  doub Y N 236 
PHE CD2 HD2  sing N N 237 
PHE CE1 CZ   doub Y N 238 
PHE CE1 HE1  sing N N 239 
PHE CE2 CZ   sing Y N 240 
PHE CE2 HE2  sing N N 241 
PHE CZ  HZ   sing N N 242 
PHE OXT HXT  sing N N 243 
PRO N   CA   sing N N 244 
PRO N   CD   sing N N 245 
PRO N   H    sing N N 246 
PRO CA  C    sing N N 247 
PRO CA  CB   sing N N 248 
PRO CA  HA   sing N N 249 
PRO C   O    doub N N 250 
PRO C   OXT  sing N N 251 
PRO CB  CG   sing N N 252 
PRO CB  HB2  sing N N 253 
PRO CB  HB3  sing N N 254 
PRO CG  CD   sing N N 255 
PRO CG  HG2  sing N N 256 
PRO CG  HG3  sing N N 257 
PRO CD  HD2  sing N N 258 
PRO CD  HD3  sing N N 259 
PRO OXT HXT  sing N N 260 
SER N   CA   sing N N 261 
SER N   H    sing N N 262 
SER N   H2   sing N N 263 
SER CA  C    sing N N 264 
SER CA  CB   sing N N 265 
SER CA  HA   sing N N 266 
SER C   O    doub N N 267 
SER C   OXT  sing N N 268 
SER CB  OG   sing N N 269 
SER CB  HB2  sing N N 270 
SER CB  HB3  sing N N 271 
SER OG  HG   sing N N 272 
SER OXT HXT  sing N N 273 
THR N   CA   sing N N 274 
THR N   H    sing N N 275 
THR N   H2   sing N N 276 
THR CA  C    sing N N 277 
THR CA  CB   sing N N 278 
THR CA  HA   sing N N 279 
THR C   O    doub N N 280 
THR C   OXT  sing N N 281 
THR CB  OG1  sing N N 282 
THR CB  CG2  sing N N 283 
THR CB  HB   sing N N 284 
THR OG1 HG1  sing N N 285 
THR CG2 HG21 sing N N 286 
THR CG2 HG22 sing N N 287 
THR CG2 HG23 sing N N 288 
THR OXT HXT  sing N N 289 
TRP N   CA   sing N N 290 
TRP N   H    sing N N 291 
TRP N   H2   sing N N 292 
TRP CA  C    sing N N 293 
TRP CA  CB   sing N N 294 
TRP CA  HA   sing N N 295 
TRP C   O    doub N N 296 
TRP C   OXT  sing N N 297 
TRP CB  CG   sing N N 298 
TRP CB  HB2  sing N N 299 
TRP CB  HB3  sing N N 300 
TRP CG  CD1  doub Y N 301 
TRP CG  CD2  sing Y N 302 
TRP CD1 NE1  sing Y N 303 
TRP CD1 HD1  sing N N 304 
TRP CD2 CE2  doub Y N 305 
TRP CD2 CE3  sing Y N 306 
TRP NE1 CE2  sing Y N 307 
TRP NE1 HE1  sing N N 308 
TRP CE2 CZ2  sing Y N 309 
TRP CE3 CZ3  doub Y N 310 
TRP CE3 HE3  sing N N 311 
TRP CZ2 CH2  doub Y N 312 
TRP CZ2 HZ2  sing N N 313 
TRP CZ3 CH2  sing Y N 314 
TRP CZ3 HZ3  sing N N 315 
TRP CH2 HH2  sing N N 316 
TRP OXT HXT  sing N N 317 
TYR N   CA   sing N N 318 
TYR N   H    sing N N 319 
TYR N   H2   sing N N 320 
TYR CA  C    sing N N 321 
TYR CA  CB   sing N N 322 
TYR CA  HA   sing N N 323 
TYR C   O    doub N N 324 
TYR C   OXT  sing N N 325 
TYR CB  CG   sing N N 326 
TYR CB  HB2  sing N N 327 
TYR CB  HB3  sing N N 328 
TYR CG  CD1  doub Y N 329 
TYR CG  CD2  sing Y N 330 
TYR CD1 CE1  sing Y N 331 
TYR CD1 HD1  sing N N 332 
TYR CD2 CE2  doub Y N 333 
TYR CD2 HD2  sing N N 334 
TYR CE1 CZ   doub Y N 335 
TYR CE1 HE1  sing N N 336 
TYR CE2 CZ   sing Y N 337 
TYR CE2 HE2  sing N N 338 
TYR CZ  OH   sing N N 339 
TYR OH  HH   sing N N 340 
TYR OXT HXT  sing N N 341 
VAL N   CA   sing N N 342 
VAL N   H    sing N N 343 
VAL N   H2   sing N N 344 
VAL CA  C    sing N N 345 
VAL CA  CB   sing N N 346 
VAL CA  HA   sing N N 347 
VAL C   O    doub N N 348 
VAL C   OXT  sing N N 349 
VAL CB  CG1  sing N N 350 
VAL CB  CG2  sing N N 351 
VAL CB  HB   sing N N 352 
VAL CG1 HG11 sing N N 353 
VAL CG1 HG12 sing N N 354 
VAL CG1 HG13 sing N N 355 
VAL CG2 HG21 sing N N 356 
VAL CG2 HG22 sing N N 357 
VAL CG2 HG23 sing N N 358 
VAL OXT HXT  sing N N 359 
# 
_pdbx_entity_nonpoly.entity_id   2 
_pdbx_entity_nonpoly.name        water 
_pdbx_entity_nonpoly.comp_id     HOH 
# 
_pdbx_initial_refinement_model.id               1 
_pdbx_initial_refinement_model.entity_id_list   ? 
_pdbx_initial_refinement_model.type             'experimental model' 
_pdbx_initial_refinement_model.source_name      PDB 
_pdbx_initial_refinement_model.accession_code   2I6I 
_pdbx_initial_refinement_model.details          ? 
# 
_pdbx_struct_assembly_auth_evidence.id                     1 
_pdbx_struct_assembly_auth_evidence.assembly_id            1 
_pdbx_struct_assembly_auth_evidence.experimental_support   none 
_pdbx_struct_assembly_auth_evidence.details                ? 
# 
